data_5N4E
#
_entry.id   5N4E
#
_cell.length_a   99.180
_cell.length_b   115.000
_cell.length_c   141.450
_cell.angle_alpha   90.00
_cell.angle_beta   90.00
_cell.angle_gamma   90.00
#
_symmetry.space_group_name_H-M   'P 21 21 21'
#
loop_
_entity.id
_entity.type
_entity.pdbx_description
1 polymer 'Prolyl oligopeptidase'
2 polymer 'Alpha-amanitin proprotein'
3 non-polymer GLYCEROL
4 water water
#
loop_
_entity_poly.entity_id
_entity_poly.type
_entity_poly.pdbx_seq_one_letter_code
_entity_poly.pdbx_strand_id
1 'polypeptide(L)'
;MSSVTWAPGNYPSTRRSDHVDTYQSASKGEVPVPDPYQWLEESTDEVDKWTTAQADLAQSYLDQNADIQKLAEKFRASRN
YAKFSAPTLLDDGHWYWFYNRGLQSQSVLYRSKEPALPDFSKGDDNVGDVFFDPNVLAADGSAGMVLCKFSPDGKFFAYA
VSHLGGDYSTIYVRSTSSPLSQASVAQGVDGRLSDEVKWFKFSTIIWTKDSKGFLYQRYPARERHEGTRSDRNAMMCYHK
VGTTQEEDIIVYQDNEHPEWIYGADTSEDGKYLYLYQFKDTSKKNLLWVAELDEDGVKSGIHWRKVVNEYAADYNIITNH
GSLVYIKTNLNAPQYKVITIDLSKDEPEIRDFIPEEKDAKLAQVNCANEEYFVAIYKRNVKDEIYLYSKAGVQLTRLAPD
FVGAASIANRQKQTHFFLTLSGFNTPGTIARYDFTAPETQRFSILRTTKVNELDPDDFESTQVWYESKDGTKIPMFIVRH
KSTKFDGTAAAIQYGYGGFATSADPFFSPIILTFLQTYGAIFAVPSIRGGGEFGEEWHKGGRRETKVNTFDDFIAAAQFL
VKNKYAAPGKVAINGASNGGLLVMGSIVRAPEGTFGAAVPEGGVADLLKFHKFTGGQAWISEYGNPSIPEEFDYIYPLSP
VHNVRTDKVMPATLITVNIGDGRVVPMHSFKFIATLQHNVPQNPHPLLIKIDKSWLGAGMGKPTDKNVKDAADKWGFIAR
ALGLELKTVEMFDTNATRLPIWGIGCNPWTAEHVDQTLASGNDIC
;
A,B
2 'polypeptide(L)' MFDTNATRLPIWGIGCNPWTAEHVDQTLASGNDIC C,D
#
loop_
_chem_comp.id
_chem_comp.type
_chem_comp.name
_chem_comp.formula
GOL non-polymer GLYCEROL 'C3 H8 O3'
#
# COMPACT_ATOMS: atom_id res chain seq x y z
N TRP A 6 -28.39 12.42 25.98
CA TRP A 6 -28.75 12.89 24.61
C TRP A 6 -30.06 13.65 24.62
N ALA A 7 -30.12 14.70 23.81
CA ALA A 7 -31.36 15.38 23.46
C ALA A 7 -31.32 15.76 21.98
N PRO A 8 -32.48 16.15 21.41
CA PRO A 8 -32.48 16.67 20.04
C PRO A 8 -31.60 17.93 19.85
N GLY A 9 -31.06 18.08 18.65
CA GLY A 9 -30.28 19.26 18.29
C GLY A 9 -28.90 19.40 18.91
N ASN A 10 -28.25 18.27 19.22
CA ASN A 10 -26.89 18.28 19.77
C ASN A 10 -25.96 17.37 19.00
N TYR A 11 -26.00 17.48 17.68
CA TYR A 11 -25.15 16.65 16.81
C TYR A 11 -23.81 17.35 16.58
N PRO A 12 -22.75 16.59 16.23
CA PRO A 12 -21.44 17.20 15.98
C PRO A 12 -21.46 18.30 14.92
N SER A 13 -20.59 19.29 15.10
CA SER A 13 -20.40 20.35 14.11
C SER A 13 -19.84 19.72 12.82
N THR A 14 -20.58 19.86 11.73
CA THR A 14 -20.25 19.24 10.46
C THR A 14 -20.23 20.33 9.37
N ARG A 15 -19.03 20.63 8.88
CA ARG A 15 -18.83 21.67 7.85
C ARG A 15 -19.60 21.35 6.58
N ARG A 16 -20.26 22.38 6.03
CA ARG A 16 -20.98 22.28 4.76
C ARG A 16 -20.20 23.05 3.70
N SER A 17 -19.50 22.33 2.82
CA SER A 17 -18.77 22.95 1.72
C SER A 17 -19.73 23.48 0.66
N ASP A 18 -19.19 24.24 -0.29
CA ASP A 18 -19.96 24.71 -1.46
C ASP A 18 -19.55 23.97 -2.75
N HIS A 19 -19.19 22.69 -2.61
CA HIS A 19 -18.96 21.81 -3.75
C HIS A 19 -20.30 21.58 -4.44
N VAL A 20 -20.31 21.72 -5.77
CA VAL A 20 -21.49 21.48 -6.60
C VAL A 20 -21.08 20.65 -7.80
N ASP A 21 -21.76 19.52 -7.99
CA ASP A 21 -21.60 18.68 -9.17
C ASP A 21 -22.79 18.92 -10.09
N THR A 22 -22.51 19.09 -11.37
CA THR A 22 -23.54 19.35 -12.38
C THR A 22 -23.77 18.08 -13.20
N TYR A 23 -25.04 17.64 -13.25
CA TYR A 23 -25.44 16.43 -13.98
C TYR A 23 -26.35 16.79 -15.14
N GLN A 24 -26.36 15.93 -16.16
CA GLN A 24 -27.29 16.07 -17.28
C GLN A 24 -28.53 15.22 -17.03
N SER A 25 -29.70 15.85 -17.21
CA SER A 25 -31.00 15.22 -17.08
C SER A 25 -31.68 15.28 -18.44
N ALA A 26 -32.31 14.17 -18.84
CA ALA A 26 -33.00 14.10 -20.13
C ALA A 26 -34.26 15.00 -20.16
N SER A 27 -34.94 15.11 -19.02
CA SER A 27 -36.14 15.95 -18.89
C SER A 27 -35.83 17.39 -18.46
N LYS A 28 -34.91 17.56 -17.52
CA LYS A 28 -34.61 18.87 -16.92
C LYS A 28 -33.38 19.59 -17.52
N GLY A 29 -32.65 18.93 -18.41
CA GLY A 29 -31.49 19.55 -19.07
C GLY A 29 -30.25 19.44 -18.21
N GLU A 30 -29.79 20.56 -17.67
CA GLU A 30 -28.60 20.59 -16.82
C GLU A 30 -29.04 20.89 -15.38
N VAL A 31 -28.61 20.04 -14.44
CA VAL A 31 -29.06 20.13 -13.04
C VAL A 31 -27.87 20.22 -12.08
N PRO A 32 -27.74 21.37 -11.35
CA PRO A 32 -26.67 21.49 -10.36
C PRO A 32 -27.09 20.81 -9.06
N VAL A 33 -26.28 19.86 -8.61
CA VAL A 33 -26.53 19.09 -7.39
C VAL A 33 -25.50 19.49 -6.33
N PRO A 34 -25.90 20.29 -5.33
CA PRO A 34 -25.03 20.58 -4.18
C PRO A 34 -24.58 19.31 -3.46
N ASP A 35 -23.29 19.24 -3.13
CA ASP A 35 -22.73 18.12 -2.37
C ASP A 35 -21.89 18.69 -1.22
N PRO A 36 -22.55 19.29 -0.20
CA PRO A 36 -21.83 19.95 0.90
C PRO A 36 -20.98 19.03 1.76
N TYR A 37 -21.30 17.73 1.77
CA TYR A 37 -20.50 16.73 2.48
C TYR A 37 -19.68 15.85 1.53
N GLN A 38 -19.30 16.41 0.38
CA GLN A 38 -18.33 15.79 -0.55
C GLN A 38 -17.01 15.50 0.16
N TRP A 39 -16.60 16.40 1.05
CA TRP A 39 -15.38 16.21 1.85
C TRP A 39 -15.36 14.93 2.70
N LEU A 40 -16.53 14.39 3.07
CA LEU A 40 -16.59 13.10 3.80
C LEU A 40 -16.27 11.85 2.93
N GLU A 41 -16.06 12.05 1.63
CA GLU A 41 -15.41 11.05 0.76
C GLU A 41 -13.93 10.78 1.10
N GLU A 42 -13.28 11.75 1.74
N GLU A 42 -13.28 11.75 1.74
CA GLU A 42 -11.83 11.76 1.93
CA GLU A 42 -11.83 11.75 1.92
C GLU A 42 -11.39 11.14 3.25
C GLU A 42 -11.39 11.14 3.25
N SER A 43 -10.09 10.91 3.37
CA SER A 43 -9.46 10.39 4.60
C SER A 43 -8.51 11.47 5.14
N THR A 44 -9.00 12.27 6.07
CA THR A 44 -8.28 13.44 6.59
C THR A 44 -8.47 13.60 8.10
N ASP A 45 -7.71 14.53 8.69
CA ASP A 45 -7.80 14.86 10.11
C ASP A 45 -9.19 15.38 10.49
N GLU A 46 -9.77 16.22 9.64
CA GLU A 46 -11.13 16.72 9.84
C GLU A 46 -12.15 15.59 9.92
N VAL A 47 -12.02 14.63 8.99
CA VAL A 47 -12.90 13.45 8.95
C VAL A 47 -12.65 12.56 10.18
N ASP A 48 -11.40 12.45 10.62
CA ASP A 48 -11.07 11.72 11.86
C ASP A 48 -11.71 12.34 13.11
N LYS A 49 -11.72 13.67 13.18
CA LYS A 49 -12.41 14.38 14.29
C LYS A 49 -13.91 14.14 14.24
N TRP A 50 -14.47 14.21 13.03
CA TRP A 50 -15.91 14.02 12.82
C TRP A 50 -16.38 12.60 13.15
N THR A 51 -15.67 11.60 12.63
CA THR A 51 -15.98 10.19 12.91
C THR A 51 -15.84 9.85 14.40
N THR A 52 -14.81 10.41 15.04
CA THR A 52 -14.62 10.28 16.48
C THR A 52 -15.79 10.88 17.26
N ALA A 53 -16.18 12.10 16.91
CA ALA A 53 -17.29 12.80 17.57
C ALA A 53 -18.60 12.02 17.43
N GLN A 54 -18.91 11.59 16.21
CA GLN A 54 -20.12 10.81 15.94
C GLN A 54 -20.14 9.47 16.69
N ALA A 55 -19.03 8.77 16.69
CA ALA A 55 -18.90 7.47 17.36
C ALA A 55 -19.01 7.59 18.89
N ASP A 56 -18.41 8.63 19.45
CA ASP A 56 -18.54 8.93 20.87
C ASP A 56 -19.99 9.26 21.26
N LEU A 57 -20.67 10.04 20.41
CA LEU A 57 -22.08 10.36 20.64
C LEU A 57 -22.95 9.11 20.58
N ALA A 58 -22.70 8.26 19.60
CA ALA A 58 -23.42 6.98 19.47
C ALA A 58 -23.22 6.09 20.70
N GLN A 59 -21.96 5.91 21.08
CA GLN A 59 -21.62 5.09 22.25
C GLN A 59 -22.18 5.67 23.55
N SER A 60 -22.15 7.00 23.68
CA SER A 60 -22.76 7.70 24.83
C SER A 60 -24.24 7.39 24.97
N TYR A 61 -24.97 7.39 23.86
CA TYR A 61 -26.40 7.06 23.88
C TYR A 61 -26.64 5.59 24.25
N LEU A 62 -25.84 4.69 23.67
CA LEU A 62 -25.93 3.26 23.99
C LEU A 62 -25.54 2.96 25.44
N ASP A 63 -24.66 3.77 26.03
CA ASP A 63 -24.32 3.64 27.46
C ASP A 63 -25.51 3.89 28.41
N GLN A 64 -26.49 4.69 27.97
CA GLN A 64 -27.71 4.94 28.76
C GLN A 64 -28.64 3.72 28.86
N ASN A 65 -28.50 2.77 27.94
CA ASN A 65 -29.34 1.58 27.85
C ASN A 65 -28.68 0.45 28.64
N ALA A 66 -29.22 0.15 29.83
CA ALA A 66 -28.72 -0.95 30.67
C ALA A 66 -28.98 -2.34 30.08
N ASP A 67 -30.01 -2.46 29.24
CA ASP A 67 -30.42 -3.75 28.67
C ASP A 67 -29.42 -4.33 27.64
N ILE A 68 -28.59 -3.47 27.06
CA ILE A 68 -27.58 -3.91 26.07
C ILE A 68 -26.61 -4.94 26.66
N GLN A 69 -26.14 -4.68 27.88
CA GLN A 69 -25.25 -5.61 28.57
C GLN A 69 -25.94 -6.95 28.86
N LYS A 70 -27.23 -6.90 29.20
CA LYS A 70 -28.04 -8.11 29.42
C LYS A 70 -28.26 -8.92 28.13
N LEU A 71 -28.49 -8.22 27.02
CA LEU A 71 -28.61 -8.88 25.70
C LEU A 71 -27.30 -9.55 25.26
N ALA A 72 -26.16 -8.91 25.54
CA ALA A 72 -24.85 -9.48 25.21
C ALA A 72 -24.63 -10.83 25.89
N GLU A 73 -25.06 -10.93 27.15
CA GLU A 73 -25.03 -12.19 27.91
C GLU A 73 -25.90 -13.25 27.24
N LYS A 74 -27.13 -12.86 26.87
CA LYS A 74 -28.08 -13.74 26.18
C LYS A 74 -27.56 -14.21 24.82
N PHE A 75 -27.05 -13.26 24.02
CA PHE A 75 -26.56 -13.55 22.67
C PHE A 75 -25.30 -14.40 22.65
N ARG A 76 -24.40 -14.17 23.61
CA ARG A 76 -23.18 -15.00 23.73
C ARG A 76 -23.53 -16.45 24.05
N ALA A 77 -24.42 -16.64 25.02
CA ALA A 77 -24.92 -17.98 25.38
C ALA A 77 -25.66 -18.66 24.22
N SER A 78 -26.43 -17.89 23.45
CA SER A 78 -27.14 -18.43 22.29
C SER A 78 -26.20 -18.87 21.16
N ARG A 79 -25.05 -18.21 21.04
CA ARG A 79 -24.02 -18.57 20.04
C ARG A 79 -23.07 -19.68 20.52
N ASN A 80 -23.05 -19.96 21.82
CA ASN A 80 -22.07 -20.88 22.41
C ASN A 80 -22.49 -22.34 22.26
N TYR A 81 -22.39 -22.84 21.03
CA TYR A 81 -22.65 -24.25 20.75
C TYR A 81 -21.77 -24.76 19.61
N ALA A 82 -21.46 -26.06 19.63
CA ALA A 82 -20.58 -26.67 18.62
C ALA A 82 -21.19 -26.60 17.22
N LYS A 83 -20.38 -26.21 16.25
CA LYS A 83 -20.81 -26.07 14.86
C LYS A 83 -19.82 -26.78 13.96
N PHE A 84 -20.32 -27.27 12.83
CA PHE A 84 -19.54 -28.14 11.94
C PHE A 84 -20.06 -28.15 10.50
N SER A 85 -19.15 -28.38 9.57
CA SER A 85 -19.47 -28.49 8.15
C SER A 85 -19.80 -29.94 7.81
N ALA A 86 -20.22 -30.15 6.56
CA ALA A 86 -20.29 -31.48 5.98
C ALA A 86 -18.85 -31.94 5.71
N PRO A 87 -18.57 -33.25 5.84
CA PRO A 87 -17.22 -33.71 5.60
C PRO A 87 -16.94 -34.02 4.12
N THR A 88 -15.68 -33.91 3.71
CA THR A 88 -15.25 -34.18 2.33
C THR A 88 -14.21 -35.30 2.31
N LEU A 89 -14.47 -36.34 1.51
CA LEU A 89 -13.52 -37.45 1.35
C LEU A 89 -12.48 -37.10 0.29
N LEU A 90 -11.23 -36.95 0.72
CA LEU A 90 -10.10 -36.77 -0.20
C LEU A 90 -9.58 -38.12 -0.71
N ASP A 91 -8.73 -38.06 -1.73
CA ASP A 91 -8.18 -39.27 -2.36
C ASP A 91 -7.12 -40.02 -1.52
N ASP A 92 -6.72 -39.45 -0.39
CA ASP A 92 -5.94 -40.19 0.63
C ASP A 92 -6.79 -41.14 1.50
N GLY A 93 -8.12 -41.14 1.29
CA GLY A 93 -9.01 -42.03 2.02
C GLY A 93 -9.55 -41.47 3.34
N HIS A 94 -9.14 -40.25 3.68
CA HIS A 94 -9.52 -39.60 4.94
C HIS A 94 -10.56 -38.51 4.71
N TRP A 95 -11.34 -38.23 5.74
CA TRP A 95 -12.42 -37.24 5.69
C TRP A 95 -12.03 -35.95 6.41
N TYR A 96 -12.36 -34.82 5.79
CA TYR A 96 -11.98 -33.49 6.30
C TYR A 96 -13.23 -32.63 6.46
N TRP A 97 -13.33 -31.93 7.60
CA TRP A 97 -14.48 -31.08 7.90
C TRP A 97 -14.09 -29.93 8.82
N PHE A 98 -14.82 -28.83 8.75
CA PHE A 98 -14.62 -27.68 9.63
C PHE A 98 -15.35 -27.88 10.95
N TYR A 99 -14.73 -27.45 12.05
CA TYR A 99 -15.29 -27.57 13.39
C TYR A 99 -15.00 -26.32 14.22
N ASN A 100 -16.06 -25.77 14.81
CA ASN A 100 -15.96 -24.65 15.74
C ASN A 100 -16.41 -25.13 17.12
N ARG A 101 -15.59 -24.89 18.14
CA ARG A 101 -15.91 -25.25 19.52
C ARG A 101 -17.14 -24.50 20.03
N GLY A 102 -17.33 -23.27 19.56
CA GLY A 102 -18.54 -22.51 19.86
C GLY A 102 -18.42 -21.04 19.52
N LEU A 103 -17.39 -20.41 20.09
CA LEU A 103 -17.16 -18.98 19.96
C LEU A 103 -15.80 -18.64 19.32
N GLN A 104 -15.23 -19.58 18.57
CA GLN A 104 -13.98 -19.32 17.85
C GLN A 104 -14.25 -18.39 16.68
N SER A 105 -13.36 -17.42 16.48
CA SER A 105 -13.50 -16.45 15.39
C SER A 105 -13.37 -17.08 14.01
N GLN A 106 -12.62 -18.17 13.92
CA GLN A 106 -12.54 -18.98 12.70
C GLN A 106 -12.63 -20.46 13.03
N SER A 107 -13.44 -21.18 12.28
CA SER A 107 -13.54 -22.64 12.43
C SER A 107 -12.25 -23.30 11.97
N VAL A 108 -11.99 -24.49 12.53
CA VAL A 108 -10.74 -25.21 12.32
C VAL A 108 -11.01 -26.42 11.44
N LEU A 109 -10.17 -26.62 10.41
CA LEU A 109 -10.29 -27.77 9.52
C LEU A 109 -9.71 -29.01 10.21
N TYR A 110 -10.57 -30.00 10.42
CA TYR A 110 -10.17 -31.29 11.01
C TYR A 110 -9.93 -32.35 9.96
N ARG A 111 -9.18 -33.39 10.34
CA ARG A 111 -8.91 -34.56 9.50
C ARG A 111 -9.22 -35.81 10.32
N SER A 112 -9.93 -36.77 9.72
CA SER A 112 -10.28 -38.01 10.40
C SER A 112 -9.03 -38.80 10.80
N LYS A 113 -9.06 -39.38 12.00
CA LYS A 113 -7.98 -40.24 12.48
C LYS A 113 -7.83 -41.50 11.63
N GLU A 114 -8.97 -42.08 11.22
CA GLU A 114 -9.00 -43.30 10.42
C GLU A 114 -9.47 -42.95 8.99
N PRO A 115 -9.05 -43.76 7.99
CA PRO A 115 -9.56 -43.58 6.63
C PRO A 115 -10.95 -44.20 6.46
N ALA A 116 -11.92 -43.61 7.15
CA ALA A 116 -13.28 -44.11 7.22
C ALA A 116 -14.20 -42.97 7.66
N LEU A 117 -15.47 -43.07 7.33
CA LEU A 117 -16.45 -42.03 7.69
C LEU A 117 -16.65 -42.05 9.20
N PRO A 118 -16.30 -40.95 9.90
CA PRO A 118 -16.46 -40.96 11.36
C PRO A 118 -17.90 -41.15 11.86
N ASP A 119 -18.04 -41.82 13.00
CA ASP A 119 -19.26 -41.77 13.80
C ASP A 119 -19.17 -40.46 14.60
N PHE A 120 -19.81 -39.42 14.09
CA PHE A 120 -19.67 -38.07 14.66
C PHE A 120 -20.34 -37.86 16.02
N SER A 121 -21.17 -38.81 16.46
CA SER A 121 -21.70 -38.81 17.83
C SER A 121 -20.63 -38.98 18.91
N LYS A 122 -19.49 -39.58 18.56
CA LYS A 122 -18.34 -39.72 19.46
C LYS A 122 -17.68 -38.36 19.83
N GLY A 123 -17.79 -37.37 18.94
CA GLY A 123 -17.18 -36.04 19.15
C GLY A 123 -16.04 -35.79 18.18
N ASP A 124 -15.89 -34.53 17.75
CA ASP A 124 -14.95 -34.18 16.67
C ASP A 124 -13.49 -34.45 17.04
N ASP A 125 -13.10 -34.10 18.27
CA ASP A 125 -11.76 -34.39 18.79
C ASP A 125 -11.52 -35.88 19.02
N ASN A 126 -12.57 -36.62 19.37
CA ASN A 126 -12.50 -38.07 19.53
C ASN A 126 -12.39 -38.86 18.22
N VAL A 127 -12.82 -38.26 17.10
CA VAL A 127 -12.73 -38.92 15.77
C VAL A 127 -11.79 -38.25 14.77
N GLY A 128 -11.16 -37.13 15.14
CA GLY A 128 -10.26 -36.43 14.23
C GLY A 128 -9.23 -35.57 14.92
N ASP A 129 -8.21 -35.19 14.16
CA ASP A 129 -7.15 -34.29 14.61
C ASP A 129 -7.19 -33.01 13.79
N VAL A 130 -6.60 -31.94 14.33
CA VAL A 130 -6.48 -30.68 13.61
C VAL A 130 -5.58 -30.86 12.39
N PHE A 131 -6.05 -30.43 11.22
CA PHE A 131 -5.20 -30.31 10.04
C PHE A 131 -4.83 -28.84 9.81
N PHE A 132 -5.84 -27.98 9.71
CA PHE A 132 -5.60 -26.57 9.39
C PHE A 132 -6.41 -25.62 10.29
N ASP A 133 -5.68 -24.86 11.12
CA ASP A 133 -6.26 -23.89 12.04
C ASP A 133 -5.96 -22.48 11.50
N PRO A 134 -6.97 -21.83 10.87
CA PRO A 134 -6.84 -20.43 10.42
C PRO A 134 -6.45 -19.42 11.51
N ASN A 135 -6.84 -19.68 12.76
CA ASN A 135 -6.64 -18.74 13.86
C ASN A 135 -5.16 -18.46 14.15
N VAL A 136 -4.27 -19.42 13.88
CA VAL A 136 -2.83 -19.25 14.10
C VAL A 136 -2.04 -18.72 12.88
N LEU A 137 -2.71 -18.37 11.78
CA LEU A 137 -2.04 -17.77 10.60
C LEU A 137 -1.26 -16.51 10.97
N ALA A 138 -1.81 -15.73 11.90
CA ALA A 138 -1.08 -14.68 12.59
C ALA A 138 -1.18 -14.93 14.10
N ALA A 139 -0.15 -14.54 14.85
CA ALA A 139 -0.13 -14.68 16.31
C ALA A 139 -1.26 -13.90 16.98
N ASP A 140 -1.53 -12.70 16.47
CA ASP A 140 -2.60 -11.83 16.99
C ASP A 140 -4.02 -12.15 16.46
N GLY A 141 -4.15 -13.16 15.60
CA GLY A 141 -5.43 -13.54 15.01
C GLY A 141 -5.94 -12.60 13.92
N SER A 142 -5.06 -11.75 13.39
CA SER A 142 -5.43 -10.77 12.38
C SER A 142 -5.59 -11.37 10.97
N ALA A 143 -4.94 -12.50 10.70
CA ALA A 143 -4.97 -13.13 9.39
C ALA A 143 -6.17 -14.07 9.27
N GLY A 144 -6.94 -13.90 8.19
CA GLY A 144 -8.15 -14.71 7.97
C GLY A 144 -8.04 -15.55 6.71
N MET A 145 -8.39 -16.84 6.81
CA MET A 145 -8.56 -17.69 5.64
C MET A 145 -9.93 -17.41 5.00
N VAL A 146 -9.93 -16.83 3.81
CA VAL A 146 -11.16 -16.44 3.11
C VAL A 146 -11.75 -17.60 2.30
N LEU A 147 -10.89 -18.43 1.72
CA LEU A 147 -11.29 -19.68 1.08
C LEU A 147 -10.13 -20.65 1.00
N CYS A 148 -10.42 -21.89 0.62
CA CYS A 148 -9.39 -22.90 0.44
C CYS A 148 -9.83 -23.99 -0.54
N LYS A 149 -8.87 -24.77 -1.00
CA LYS A 149 -9.13 -25.82 -1.98
C LYS A 149 -8.05 -26.89 -1.95
N PHE A 150 -8.41 -28.11 -1.56
CA PHE A 150 -7.53 -29.28 -1.72
C PHE A 150 -7.38 -29.61 -3.19
N SER A 151 -6.22 -30.14 -3.56
CA SER A 151 -6.01 -30.64 -4.93
C SER A 151 -6.86 -31.91 -5.13
N PRO A 152 -7.16 -32.26 -6.40
CA PRO A 152 -7.90 -33.49 -6.71
C PRO A 152 -7.27 -34.76 -6.11
N ASP A 153 -5.95 -34.90 -6.23
CA ASP A 153 -5.24 -36.07 -5.67
C ASP A 153 -5.11 -36.04 -4.14
N GLY A 154 -5.44 -34.91 -3.51
CA GLY A 154 -5.47 -34.79 -2.05
C GLY A 154 -4.12 -34.51 -1.42
N LYS A 155 -3.10 -34.22 -2.24
CA LYS A 155 -1.73 -34.05 -1.74
C LYS A 155 -1.42 -32.63 -1.29
N PHE A 156 -2.05 -31.62 -1.91
CA PHE A 156 -1.84 -30.23 -1.52
C PHE A 156 -3.11 -29.50 -1.12
N PHE A 157 -2.92 -28.45 -0.33
CA PHE A 157 -4.00 -27.63 0.22
C PHE A 157 -3.64 -26.17 -0.05
N ALA A 158 -4.32 -25.58 -1.04
CA ALA A 158 -4.19 -24.16 -1.35
C ALA A 158 -5.17 -23.37 -0.49
N TYR A 159 -4.73 -22.23 0.06
CA TYR A 159 -5.57 -21.42 0.95
C TYR A 159 -5.27 -19.92 0.82
N ALA A 160 -6.32 -19.14 0.63
CA ALA A 160 -6.22 -17.70 0.45
C ALA A 160 -6.30 -17.01 1.81
N VAL A 161 -5.32 -16.17 2.12
CA VAL A 161 -5.22 -15.46 3.39
C VAL A 161 -5.41 -13.97 3.17
N SER A 162 -6.30 -13.36 3.95
CA SER A 162 -6.49 -11.91 3.99
C SER A 162 -5.85 -11.34 5.26
N HIS A 163 -5.15 -10.22 5.12
CA HIS A 163 -4.54 -9.50 6.24
C HIS A 163 -5.37 -8.25 6.56
N LEU A 164 -5.21 -7.73 7.78
CA LEU A 164 -5.82 -6.45 8.17
C LEU A 164 -5.05 -5.31 7.50
N GLY A 165 -5.76 -4.42 6.81
CA GLY A 165 -5.17 -3.30 6.08
C GLY A 165 -5.26 -3.43 4.57
N GLY A 166 -4.98 -4.63 4.05
CA GLY A 166 -4.95 -4.88 2.61
C GLY A 166 -6.31 -5.18 1.99
N ASP A 167 -6.44 -4.88 0.69
CA ASP A 167 -7.66 -5.17 -0.09
C ASP A 167 -7.45 -6.34 -1.08
N TYR A 168 -6.51 -7.23 -0.76
CA TYR A 168 -6.21 -8.42 -1.59
C TYR A 168 -5.87 -9.61 -0.71
N SER A 169 -6.25 -10.80 -1.15
CA SER A 169 -5.83 -12.05 -0.51
C SER A 169 -4.54 -12.55 -1.14
N THR A 170 -3.86 -13.45 -0.43
CA THR A 170 -2.64 -14.09 -0.90
C THR A 170 -2.80 -15.60 -0.73
N ILE A 171 -2.59 -16.35 -1.81
CA ILE A 171 -2.73 -17.80 -1.78
C ILE A 171 -1.39 -18.44 -1.43
N TYR A 172 -1.43 -19.33 -0.44
CA TYR A 172 -0.29 -20.16 -0.06
C TYR A 172 -0.65 -21.61 -0.29
N VAL A 173 0.36 -22.46 -0.39
CA VAL A 173 0.18 -23.90 -0.61
C VAL A 173 0.98 -24.66 0.44
N ARG A 174 0.38 -25.72 0.98
CA ARG A 174 1.06 -26.64 1.89
C ARG A 174 0.69 -28.07 1.55
N SER A 175 1.59 -29.00 1.87
CA SER A 175 1.28 -30.43 1.81
C SER A 175 0.21 -30.73 2.86
N THR A 176 -0.69 -31.67 2.55
CA THR A 176 -1.75 -32.05 3.48
C THR A 176 -1.20 -32.87 4.67
N SER A 177 -0.01 -33.44 4.50
CA SER A 177 0.73 -34.09 5.58
C SER A 177 1.41 -33.12 6.54
N SER A 178 1.44 -31.83 6.19
CA SER A 178 1.98 -30.78 7.04
C SER A 178 0.82 -29.94 7.62
N PRO A 179 0.36 -30.29 8.84
CA PRO A 179 -0.75 -29.52 9.43
C PRO A 179 -0.33 -28.15 10.00
N LEU A 180 -1.27 -27.20 9.98
CA LEU A 180 -1.09 -25.91 10.66
C LEU A 180 -1.88 -25.94 11.97
N SER A 181 -1.16 -25.82 13.08
CA SER A 181 -1.75 -25.74 14.43
C SER A 181 -0.79 -25.03 15.35
N GLN A 182 -1.24 -24.71 16.58
CA GLN A 182 -0.36 -24.12 17.58
C GLN A 182 0.81 -25.07 17.90
N ALA A 183 0.50 -26.37 17.99
CA ALA A 183 1.51 -27.41 18.23
C ALA A 183 2.58 -27.47 17.14
N SER A 184 2.16 -27.50 15.87
CA SER A 184 3.09 -27.56 14.75
C SER A 184 3.94 -26.29 14.61
N VAL A 185 3.32 -25.14 14.83
CA VAL A 185 4.01 -23.84 14.80
C VAL A 185 5.07 -23.74 15.90
N ALA A 186 4.71 -24.17 17.11
CA ALA A 186 5.63 -24.17 18.25
C ALA A 186 6.79 -25.14 18.05
N GLN A 187 6.47 -26.35 17.61
CA GLN A 187 7.45 -27.43 17.47
C GLN A 187 8.44 -27.24 16.34
N GLY A 188 8.04 -26.57 15.26
CA GLY A 188 8.92 -26.38 14.10
C GLY A 188 8.66 -25.12 13.29
N VAL A 189 8.93 -25.21 12.00
CA VAL A 189 8.66 -24.11 11.04
C VAL A 189 7.25 -24.27 10.47
N ASP A 190 6.60 -23.14 10.19
CA ASP A 190 5.22 -23.08 9.65
C ASP A 190 4.75 -24.29 8.82
N GLY A 191 5.63 -24.71 7.91
CA GLY A 191 5.48 -25.98 7.19
C GLY A 191 4.93 -25.88 5.78
N ARG A 192 4.54 -24.68 5.36
CA ARG A 192 4.07 -24.45 4.00
C ARG A 192 5.19 -24.45 2.97
N LEU A 193 4.80 -24.55 1.69
CA LEU A 193 5.73 -24.37 0.58
C LEU A 193 6.12 -22.90 0.44
N SER A 194 7.12 -22.65 -0.41
CA SER A 194 7.61 -21.30 -0.68
C SER A 194 6.64 -20.42 -1.48
N ASP A 195 5.70 -21.05 -2.19
CA ASP A 195 4.76 -20.35 -3.08
C ASP A 195 4.01 -19.23 -2.37
N GLU A 196 3.97 -18.06 -3.01
CA GLU A 196 3.30 -16.87 -2.46
C GLU A 196 2.61 -16.11 -3.60
N VAL A 197 1.33 -16.42 -3.81
CA VAL A 197 0.56 -15.92 -4.94
C VAL A 197 -0.32 -14.74 -4.50
N LYS A 198 0.21 -13.53 -4.68
CA LYS A 198 -0.44 -12.28 -4.23
C LYS A 198 -1.47 -11.71 -5.22
N TRP A 199 -2.18 -10.68 -4.77
CA TRP A 199 -3.14 -9.91 -5.59
C TRP A 199 -4.38 -10.69 -6.04
N PHE A 200 -4.75 -11.69 -5.26
CA PHE A 200 -5.91 -12.56 -5.52
C PHE A 200 -7.17 -11.85 -5.04
N LYS A 201 -8.21 -11.81 -5.90
CA LYS A 201 -9.46 -11.12 -5.57
C LYS A 201 -10.63 -11.50 -6.49
N PHE A 202 -11.84 -11.53 -5.92
CA PHE A 202 -13.07 -11.88 -6.64
C PHE A 202 -12.93 -13.18 -7.45
N SER A 203 -12.55 -14.23 -6.75
CA SER A 203 -12.20 -15.49 -7.40
C SER A 203 -12.22 -16.66 -6.42
N THR A 204 -12.00 -17.85 -6.97
CA THR A 204 -11.79 -19.06 -6.20
C THR A 204 -10.51 -19.71 -6.72
N ILE A 205 -10.15 -20.86 -6.13
CA ILE A 205 -8.99 -21.63 -6.57
C ILE A 205 -9.52 -22.83 -7.36
N ILE A 206 -9.09 -22.94 -8.62
CA ILE A 206 -9.54 -24.01 -9.52
C ILE A 206 -8.33 -24.85 -9.94
N TRP A 207 -8.14 -25.97 -9.24
CA TRP A 207 -7.08 -26.91 -9.57
C TRP A 207 -7.33 -27.57 -10.92
N THR A 208 -6.26 -27.77 -11.68
CA THR A 208 -6.30 -28.69 -12.84
C THR A 208 -6.32 -30.12 -12.30
N LYS A 209 -6.95 -31.02 -13.05
CA LYS A 209 -7.18 -32.41 -12.59
C LYS A 209 -5.93 -33.30 -12.49
N ASP A 210 -4.81 -32.84 -13.02
CA ASP A 210 -3.48 -33.43 -12.74
C ASP A 210 -2.88 -33.07 -11.37
N SER A 211 -3.49 -32.12 -10.65
CA SER A 211 -3.03 -31.65 -9.33
C SER A 211 -1.66 -30.93 -9.35
N LYS A 212 -1.25 -30.45 -10.51
CA LYS A 212 0.05 -29.79 -10.69
C LYS A 212 -0.01 -28.29 -10.40
N GLY A 213 -1.18 -27.70 -10.56
CA GLY A 213 -1.35 -26.28 -10.30
C GLY A 213 -2.80 -25.86 -10.28
N PHE A 214 -3.03 -24.57 -10.11
CA PHE A 214 -4.39 -24.05 -10.02
C PHE A 214 -4.57 -22.72 -10.73
N LEU A 215 -5.79 -22.51 -11.21
CA LEU A 215 -6.20 -21.27 -11.85
C LEU A 215 -6.76 -20.31 -10.80
N TYR A 216 -6.47 -19.03 -10.97
CA TYR A 216 -6.92 -17.98 -10.04
C TYR A 216 -6.97 -16.64 -10.76
N GLN A 217 -7.86 -15.75 -10.32
CA GLN A 217 -7.88 -14.37 -10.83
C GLN A 217 -7.00 -13.50 -9.96
N ARG A 218 -6.22 -12.63 -10.61
CA ARG A 218 -5.46 -11.59 -9.92
C ARG A 218 -5.57 -10.25 -10.61
N TYR A 219 -5.11 -9.22 -9.90
CA TYR A 219 -5.06 -7.86 -10.40
C TYR A 219 -3.61 -7.39 -10.47
N PRO A 220 -3.35 -6.25 -11.15
CA PRO A 220 -1.98 -5.74 -11.20
C PRO A 220 -1.46 -5.27 -9.85
N ALA A 221 -0.14 -5.34 -9.67
CA ALA A 221 0.53 -4.95 -8.44
C ALA A 221 0.48 -3.44 -8.25
N SER A 230 -8.51 2.17 -8.16
CA SER A 230 -9.51 1.12 -8.31
C SER A 230 -8.92 -0.16 -8.94
N ASP A 231 -9.71 -1.23 -8.96
CA ASP A 231 -9.30 -2.53 -9.50
C ASP A 231 -9.73 -2.68 -10.96
N ARG A 232 -8.75 -2.66 -11.87
CA ARG A 232 -8.99 -2.88 -13.30
C ARG A 232 -7.93 -3.82 -13.87
N ASN A 233 -8.15 -4.23 -15.12
CA ASN A 233 -7.25 -5.13 -15.85
C ASN A 233 -7.00 -6.43 -15.09
N ALA A 234 -8.09 -7.12 -14.74
CA ALA A 234 -8.00 -8.43 -14.10
C ALA A 234 -7.38 -9.44 -15.05
N MET A 235 -6.66 -10.41 -14.49
CA MET A 235 -6.03 -11.46 -15.28
C MET A 235 -6.42 -12.81 -14.70
N MET A 236 -6.82 -13.72 -15.58
CA MET A 236 -6.94 -15.11 -15.21
C MET A 236 -5.56 -15.74 -15.37
N CYS A 237 -5.03 -16.29 -14.28
CA CYS A 237 -3.66 -16.83 -14.25
C CYS A 237 -3.62 -18.27 -13.78
N TYR A 238 -2.53 -18.96 -14.09
CA TYR A 238 -2.28 -20.32 -13.65
C TYR A 238 -0.99 -20.35 -12.82
N HIS A 239 -1.08 -20.92 -11.62
CA HIS A 239 0.08 -21.11 -10.77
C HIS A 239 0.45 -22.58 -10.70
N LYS A 240 1.72 -22.89 -10.97
CA LYS A 240 2.26 -24.25 -10.83
C LYS A 240 2.72 -24.46 -9.37
N VAL A 241 2.38 -25.61 -8.80
CA VAL A 241 2.79 -25.94 -7.42
C VAL A 241 4.31 -26.17 -7.37
N GLY A 242 4.95 -25.61 -6.36
CA GLY A 242 6.41 -25.67 -6.21
C GLY A 242 7.19 -24.70 -7.08
N THR A 243 6.64 -23.49 -7.27
CA THR A 243 7.27 -22.43 -8.06
C THR A 243 6.88 -21.06 -7.49
N THR A 244 7.47 -19.99 -8.02
CA THR A 244 7.15 -18.62 -7.63
C THR A 244 6.19 -17.95 -8.62
N GLN A 245 5.60 -16.84 -8.19
CA GLN A 245 4.54 -16.14 -8.97
C GLN A 245 5.04 -15.48 -10.27
N GLU A 246 6.35 -15.27 -10.40
CA GLU A 246 6.92 -14.76 -11.66
C GLU A 246 6.80 -15.77 -12.80
N GLU A 247 6.76 -17.05 -12.45
CA GLU A 247 6.59 -18.14 -13.43
C GLU A 247 5.13 -18.44 -13.80
N ASP A 248 4.18 -17.74 -13.18
CA ASP A 248 2.75 -17.97 -13.44
C ASP A 248 2.34 -17.50 -14.83
N ILE A 249 1.59 -18.36 -15.52
CA ILE A 249 1.12 -18.10 -16.88
C ILE A 249 -0.13 -17.24 -16.82
N ILE A 250 -0.20 -16.21 -17.67
CA ILE A 250 -1.45 -15.49 -17.91
C ILE A 250 -2.29 -16.34 -18.85
N VAL A 251 -3.42 -16.83 -18.35
CA VAL A 251 -4.34 -17.67 -19.12
C VAL A 251 -5.28 -16.81 -19.98
N TYR A 252 -5.78 -15.70 -19.41
CA TYR A 252 -6.54 -14.73 -20.19
C TYR A 252 -6.56 -13.32 -19.57
N GLN A 253 -6.49 -12.32 -20.45
CA GLN A 253 -6.70 -10.92 -20.09
C GLN A 253 -7.28 -10.20 -21.31
N ASP A 254 -7.96 -9.07 -21.07
CA ASP A 254 -8.47 -8.24 -22.16
C ASP A 254 -8.28 -6.76 -21.81
N ASN A 255 -7.15 -6.19 -22.27
CA ASN A 255 -6.85 -4.76 -22.06
C ASN A 255 -7.82 -3.82 -22.80
N GLU A 256 -8.46 -4.35 -23.85
CA GLU A 256 -9.52 -3.64 -24.59
C GLU A 256 -10.79 -3.43 -23.74
N HIS A 257 -11.07 -4.36 -22.83
CA HIS A 257 -12.18 -4.26 -21.88
C HIS A 257 -11.64 -4.41 -20.45
N PRO A 258 -11.02 -3.34 -19.91
CA PRO A 258 -10.37 -3.43 -18.59
C PRO A 258 -11.32 -3.68 -17.41
N GLU A 259 -12.58 -3.27 -17.55
CA GLU A 259 -13.59 -3.47 -16.51
C GLU A 259 -14.10 -4.91 -16.37
N TRP A 260 -13.88 -5.75 -17.40
CA TRP A 260 -14.33 -7.15 -17.37
C TRP A 260 -13.55 -7.98 -16.33
N ILE A 261 -14.22 -8.95 -15.70
CA ILE A 261 -13.58 -9.91 -14.78
C ILE A 261 -13.80 -11.34 -15.28
N TYR A 262 -13.14 -12.30 -14.63
CA TYR A 262 -13.02 -13.66 -15.15
C TYR A 262 -13.19 -14.74 -14.08
N GLY A 263 -13.71 -15.89 -14.52
CA GLY A 263 -13.79 -17.10 -13.70
C GLY A 263 -13.39 -18.30 -14.54
N ALA A 264 -13.24 -19.45 -13.89
CA ALA A 264 -12.81 -20.66 -14.57
C ALA A 264 -13.33 -21.94 -13.94
N ASP A 265 -13.20 -23.03 -14.70
CA ASP A 265 -13.61 -24.36 -14.27
C ASP A 265 -12.86 -25.38 -15.12
N THR A 266 -12.57 -26.54 -14.54
CA THR A 266 -11.96 -27.66 -15.27
C THR A 266 -12.84 -28.90 -15.14
N SER A 267 -13.00 -29.62 -16.24
CA SER A 267 -13.77 -30.86 -16.27
C SER A 267 -13.11 -31.94 -15.44
N GLU A 268 -13.93 -32.83 -14.87
CA GLU A 268 -13.44 -33.91 -14.01
C GLU A 268 -12.55 -34.91 -14.76
N ASP A 269 -12.89 -35.17 -16.02
CA ASP A 269 -12.08 -36.07 -16.86
C ASP A 269 -10.72 -35.52 -17.31
N GLY A 270 -10.49 -34.21 -17.14
CA GLY A 270 -9.22 -33.57 -17.51
C GLY A 270 -9.15 -33.06 -18.93
N LYS A 271 -10.28 -33.12 -19.66
CA LYS A 271 -10.33 -32.79 -21.09
C LYS A 271 -10.51 -31.30 -21.36
N TYR A 272 -11.28 -30.61 -20.52
CA TYR A 272 -11.71 -29.23 -20.81
C TYR A 272 -11.25 -28.20 -19.77
N LEU A 273 -10.98 -27.00 -20.27
CA LEU A 273 -10.77 -25.81 -19.44
C LEU A 273 -11.80 -24.78 -19.89
N TYR A 274 -12.64 -24.33 -18.96
CA TYR A 274 -13.72 -23.38 -19.23
C TYR A 274 -13.33 -22.00 -18.74
N LEU A 275 -13.65 -20.97 -19.53
CA LEU A 275 -13.42 -19.57 -19.16
C LEU A 275 -14.75 -18.84 -19.13
N TYR A 276 -15.04 -18.20 -17.99
CA TYR A 276 -16.20 -17.31 -17.86
C TYR A 276 -15.71 -15.87 -17.94
N GLN A 277 -16.52 -15.00 -18.55
CA GLN A 277 -16.22 -13.56 -18.59
C GLN A 277 -17.45 -12.76 -18.17
N PHE A 278 -17.27 -11.80 -17.26
CA PHE A 278 -18.35 -10.98 -16.74
C PHE A 278 -18.01 -9.51 -16.96
N LYS A 279 -18.99 -8.75 -17.44
CA LYS A 279 -18.83 -7.31 -17.72
C LYS A 279 -19.36 -6.41 -16.59
N ASP A 280 -20.30 -6.93 -15.81
CA ASP A 280 -20.88 -6.20 -14.67
C ASP A 280 -21.48 -7.23 -13.70
N THR A 281 -22.18 -6.76 -12.66
CA THR A 281 -22.81 -7.65 -11.67
C THR A 281 -24.14 -8.30 -12.12
N SER A 282 -24.58 -8.07 -13.36
CA SER A 282 -25.72 -8.81 -13.93
C SER A 282 -25.38 -10.29 -14.14
N LYS A 283 -26.43 -11.11 -14.24
CA LYS A 283 -26.27 -12.56 -14.43
C LYS A 283 -26.15 -12.90 -15.91
N LYS A 284 -25.06 -12.41 -16.52
CA LYS A 284 -24.77 -12.61 -17.93
C LYS A 284 -23.28 -12.82 -18.09
N ASN A 285 -22.89 -13.92 -18.70
CA ASN A 285 -21.48 -14.22 -18.92
C ASN A 285 -21.21 -14.89 -20.27
N LEU A 286 -19.99 -14.69 -20.76
CA LEU A 286 -19.48 -15.42 -21.90
C LEU A 286 -18.99 -16.79 -21.40
N LEU A 287 -18.83 -17.72 -22.33
CA LEU A 287 -18.36 -19.08 -21.99
C LEU A 287 -17.55 -19.61 -23.16
N TRP A 288 -16.23 -19.64 -22.99
CA TRP A 288 -15.32 -20.24 -23.96
C TRP A 288 -14.78 -21.55 -23.41
N VAL A 289 -14.48 -22.48 -24.32
CA VAL A 289 -14.04 -23.82 -23.96
C VAL A 289 -12.71 -24.11 -24.63
N ALA A 290 -11.73 -24.59 -23.85
CA ALA A 290 -10.42 -24.99 -24.35
C ALA A 290 -10.18 -26.47 -24.07
N GLU A 291 -9.60 -27.16 -25.05
CA GLU A 291 -9.25 -28.59 -24.88
C GLU A 291 -7.84 -28.71 -24.35
N LEU A 292 -7.69 -29.42 -23.23
CA LEU A 292 -6.40 -29.64 -22.60
C LEU A 292 -5.80 -30.94 -23.10
N ASP A 293 -4.52 -30.90 -23.48
CA ASP A 293 -3.71 -32.13 -23.65
C ASP A 293 -2.88 -32.37 -22.37
N GLU A 294 -2.48 -33.62 -22.17
CA GLU A 294 -2.20 -34.15 -20.81
C GLU A 294 -1.18 -33.40 -19.95
N ASP A 295 -0.22 -32.71 -20.57
CA ASP A 295 0.72 -31.85 -19.81
C ASP A 295 0.09 -30.59 -19.18
N GLY A 296 -1.18 -30.29 -19.50
CA GLY A 296 -1.95 -29.30 -18.74
C GLY A 296 -1.87 -27.90 -19.31
N VAL A 297 -2.13 -26.91 -18.46
CA VAL A 297 -2.29 -25.52 -18.89
C VAL A 297 -0.93 -24.95 -19.27
N LYS A 298 -0.85 -24.43 -20.50
CA LYS A 298 0.30 -23.68 -20.99
C LYS A 298 -0.16 -22.32 -21.53
N SER A 299 0.80 -21.51 -21.98
CA SER A 299 0.48 -20.29 -22.72
C SER A 299 0.02 -20.64 -24.15
N GLY A 300 -0.82 -19.80 -24.72
CA GLY A 300 -1.33 -19.97 -26.08
C GLY A 300 -2.53 -20.88 -26.25
N ILE A 301 -3.34 -21.02 -25.20
CA ILE A 301 -4.55 -21.84 -25.22
C ILE A 301 -5.51 -21.42 -26.34
N HIS A 302 -5.98 -22.41 -27.09
CA HIS A 302 -6.97 -22.20 -28.15
C HIS A 302 -8.37 -22.18 -27.54
N TRP A 303 -9.02 -21.02 -27.60
CA TRP A 303 -10.38 -20.85 -27.08
C TRP A 303 -11.42 -21.04 -28.18
N ARG A 304 -12.38 -21.93 -27.95
CA ARG A 304 -13.58 -22.05 -28.77
C ARG A 304 -14.65 -21.17 -28.13
N LYS A 305 -15.14 -20.19 -28.88
CA LYS A 305 -16.05 -19.17 -28.34
C LYS A 305 -17.51 -19.61 -28.44
N VAL A 306 -17.92 -20.51 -27.53
CA VAL A 306 -19.25 -21.14 -27.57
C VAL A 306 -20.35 -20.10 -27.32
N VAL A 307 -20.24 -19.39 -26.20
CA VAL A 307 -21.08 -18.24 -25.89
C VAL A 307 -20.20 -17.00 -25.98
N ASN A 308 -20.43 -16.15 -26.98
CA ASN A 308 -19.60 -14.96 -27.22
C ASN A 308 -20.41 -13.65 -27.26
N GLU A 309 -21.58 -13.65 -26.63
CA GLU A 309 -22.30 -12.40 -26.33
C GLU A 309 -22.97 -12.47 -24.96
N TYR A 310 -23.06 -11.31 -24.32
CA TYR A 310 -23.76 -11.19 -23.04
C TYR A 310 -25.27 -11.22 -23.28
N ALA A 311 -25.88 -12.32 -22.86
CA ALA A 311 -27.31 -12.58 -23.08
C ALA A 311 -27.94 -13.34 -21.91
N ALA A 312 -27.30 -14.44 -21.50
CA ALA A 312 -27.81 -15.27 -20.41
C ALA A 312 -26.72 -15.75 -19.44
N ASP A 313 -27.17 -16.35 -18.35
CA ASP A 313 -26.32 -16.99 -17.35
C ASP A 313 -25.93 -18.39 -17.85
N TYR A 314 -24.65 -18.73 -17.74
CA TYR A 314 -24.15 -20.06 -18.10
C TYR A 314 -23.15 -20.54 -17.04
N ASN A 315 -23.45 -21.68 -16.42
CA ASN A 315 -22.55 -22.33 -15.46
C ASN A 315 -22.45 -23.82 -15.77
N ILE A 316 -21.22 -24.32 -15.93
CA ILE A 316 -20.98 -25.72 -16.27
C ILE A 316 -21.31 -26.62 -15.07
N ILE A 317 -22.03 -27.71 -15.33
CA ILE A 317 -22.32 -28.73 -14.31
C ILE A 317 -21.29 -29.86 -14.44
N THR A 318 -21.24 -30.47 -15.62
CA THR A 318 -20.26 -31.52 -15.94
C THR A 318 -20.23 -31.76 -17.45
N ASN A 319 -19.48 -32.79 -17.88
CA ASN A 319 -19.52 -33.27 -19.25
C ASN A 319 -19.34 -34.78 -19.33
N HIS A 320 -19.93 -35.38 -20.36
CA HIS A 320 -19.67 -36.78 -20.73
C HIS A 320 -19.23 -36.75 -22.18
N GLY A 321 -17.93 -36.93 -22.41
CA GLY A 321 -17.34 -36.78 -23.74
C GLY A 321 -17.45 -35.34 -24.20
N SER A 322 -17.89 -35.14 -25.44
CA SER A 322 -18.10 -33.79 -25.99
C SER A 322 -19.44 -33.15 -25.59
N LEU A 323 -20.30 -33.89 -24.89
CA LEU A 323 -21.59 -33.38 -24.42
C LEU A 323 -21.42 -32.68 -23.08
N VAL A 324 -21.67 -31.37 -23.07
CA VAL A 324 -21.45 -30.51 -21.90
C VAL A 324 -22.79 -30.12 -21.30
N TYR A 325 -22.95 -30.34 -19.99
CA TYR A 325 -24.19 -30.01 -19.26
C TYR A 325 -24.03 -28.65 -18.57
N ILE A 326 -24.99 -27.75 -18.80
CA ILE A 326 -24.87 -26.35 -18.35
C ILE A 326 -26.17 -25.86 -17.72
N LYS A 327 -26.09 -25.35 -16.49
CA LYS A 327 -27.23 -24.65 -15.87
C LYS A 327 -27.33 -23.26 -16.49
N THR A 328 -28.48 -22.95 -17.08
CA THR A 328 -28.67 -21.66 -17.77
C THR A 328 -30.08 -21.10 -17.63
N ASN A 329 -30.18 -19.78 -17.77
CA ASN A 329 -31.48 -19.09 -17.87
C ASN A 329 -31.73 -18.51 -19.28
N LEU A 330 -31.05 -19.08 -20.28
CA LEU A 330 -31.26 -18.71 -21.69
C LEU A 330 -32.69 -19.05 -22.11
N ASN A 331 -33.47 -18.02 -22.43
CA ASN A 331 -34.90 -18.17 -22.74
C ASN A 331 -35.66 -18.94 -21.65
N ALA A 332 -35.24 -18.76 -20.40
CA ALA A 332 -35.73 -19.54 -19.28
C ALA A 332 -35.49 -18.81 -17.95
N PRO A 333 -36.29 -17.77 -17.66
CA PRO A 333 -36.13 -16.94 -16.44
C PRO A 333 -35.98 -17.72 -15.12
N GLN A 334 -36.61 -18.88 -15.02
CA GLN A 334 -36.52 -19.76 -13.85
C GLN A 334 -35.37 -20.78 -13.91
N TYR A 335 -34.47 -20.65 -14.89
CA TYR A 335 -33.33 -21.55 -15.10
C TYR A 335 -33.70 -22.97 -15.53
N LYS A 336 -32.70 -23.65 -16.10
CA LYS A 336 -32.86 -25.02 -16.62
C LYS A 336 -31.49 -25.63 -16.89
N VAL A 337 -31.47 -26.91 -17.25
CA VAL A 337 -30.24 -27.59 -17.68
C VAL A 337 -30.31 -27.85 -19.19
N ILE A 338 -29.30 -27.37 -19.92
CA ILE A 338 -29.11 -27.67 -21.34
C ILE A 338 -27.91 -28.58 -21.56
N THR A 339 -27.88 -29.24 -22.71
CA THR A 339 -26.67 -29.91 -23.21
C THR A 339 -26.21 -29.23 -24.50
N ILE A 340 -24.91 -28.98 -24.60
CA ILE A 340 -24.28 -28.45 -25.82
C ILE A 340 -23.28 -29.50 -26.29
N ASP A 341 -23.53 -30.09 -27.45
CA ASP A 341 -22.67 -31.13 -28.02
C ASP A 341 -21.56 -30.48 -28.85
N LEU A 342 -20.34 -30.54 -28.33
CA LEU A 342 -19.17 -29.90 -28.97
C LEU A 342 -18.49 -30.74 -30.06
N SER A 343 -18.95 -31.98 -30.28
CA SER A 343 -18.51 -32.77 -31.44
C SER A 343 -19.01 -32.17 -32.76
N LYS A 344 -20.16 -31.52 -32.71
CA LYS A 344 -20.75 -30.81 -33.84
C LYS A 344 -19.98 -29.52 -34.11
N ASP A 345 -19.77 -29.18 -35.38
CA ASP A 345 -19.11 -27.92 -35.77
C ASP A 345 -19.96 -26.72 -35.35
N GLU A 346 -21.24 -26.78 -35.70
CA GLU A 346 -22.25 -25.86 -35.18
C GLU A 346 -22.95 -26.65 -34.06
N PRO A 347 -22.66 -26.29 -32.78
CA PRO A 347 -23.13 -27.13 -31.68
C PRO A 347 -24.65 -27.09 -31.48
N GLU A 348 -25.26 -28.27 -31.34
CA GLU A 348 -26.71 -28.38 -31.11
C GLU A 348 -27.04 -28.26 -29.61
N ILE A 349 -28.00 -27.38 -29.31
CA ILE A 349 -28.41 -27.06 -27.94
C ILE A 349 -29.75 -27.71 -27.66
N ARG A 350 -29.83 -28.48 -26.57
CA ARG A 350 -31.05 -29.20 -26.20
C ARG A 350 -31.34 -29.08 -24.71
N ASP A 351 -32.61 -29.12 -24.35
CA ASP A 351 -33.02 -29.15 -22.94
C ASP A 351 -32.83 -30.56 -22.38
N PHE A 352 -32.12 -30.67 -21.26
CA PHE A 352 -31.93 -31.94 -20.56
C PHE A 352 -32.97 -32.05 -19.44
N ILE A 353 -33.01 -31.02 -18.59
CA ILE A 353 -34.05 -30.86 -17.58
C ILE A 353 -34.75 -29.54 -17.91
N PRO A 354 -36.01 -29.59 -18.40
CA PRO A 354 -36.68 -28.36 -18.85
C PRO A 354 -36.98 -27.35 -17.73
N GLU A 355 -37.20 -26.10 -18.11
CA GLU A 355 -37.54 -25.04 -17.16
C GLU A 355 -38.87 -25.37 -16.48
N GLU A 356 -38.91 -25.20 -15.16
CA GLU A 356 -40.15 -25.22 -14.41
C GLU A 356 -40.68 -23.78 -14.34
N LYS A 357 -41.94 -23.58 -14.74
CA LYS A 357 -42.54 -22.24 -14.79
C LYS A 357 -42.59 -21.56 -13.40
N ASP A 358 -42.87 -22.34 -12.36
CA ASP A 358 -43.10 -21.80 -11.02
C ASP A 358 -42.10 -22.31 -9.96
N ALA A 359 -40.86 -22.59 -10.38
CA ALA A 359 -39.79 -22.99 -9.45
C ALA A 359 -38.43 -22.72 -10.08
N LYS A 360 -37.60 -21.95 -9.38
CA LYS A 360 -36.26 -21.59 -9.88
C LYS A 360 -35.30 -22.76 -9.68
N LEU A 361 -34.61 -23.16 -10.74
CA LEU A 361 -33.55 -24.14 -10.64
C LEU A 361 -32.31 -23.45 -10.06
N ALA A 362 -32.03 -23.73 -8.78
CA ALA A 362 -31.01 -23.01 -8.01
C ALA A 362 -29.60 -23.60 -8.12
N GLN A 363 -29.51 -24.92 -8.12
CA GLN A 363 -28.22 -25.62 -8.18
C GLN A 363 -28.38 -27.02 -8.75
N VAL A 364 -27.38 -27.46 -9.52
CA VAL A 364 -27.30 -28.86 -9.99
C VAL A 364 -25.86 -29.37 -9.89
N ASN A 365 -25.67 -30.45 -9.15
CA ASN A 365 -24.38 -31.16 -9.07
C ASN A 365 -24.49 -32.53 -9.70
N CYS A 366 -23.45 -32.95 -10.40
CA CYS A 366 -23.33 -34.33 -10.87
C CYS A 366 -22.79 -35.19 -9.71
N ALA A 367 -23.42 -36.34 -9.48
CA ALA A 367 -23.06 -37.25 -8.38
C ALA A 367 -23.00 -38.70 -8.86
N ASN A 368 -22.08 -39.48 -8.29
CA ASN A 368 -21.83 -40.87 -8.68
C ASN A 368 -21.70 -41.01 -10.20
N GLU A 369 -20.86 -40.16 -10.79
CA GLU A 369 -20.55 -40.14 -12.22
C GLU A 369 -21.66 -39.74 -13.18
N GLU A 370 -22.85 -40.36 -13.06
CA GLU A 370 -23.93 -40.19 -14.05
C GLU A 370 -25.27 -39.62 -13.52
N TYR A 371 -25.44 -39.51 -12.20
CA TYR A 371 -26.68 -38.95 -11.62
C TYR A 371 -26.54 -37.44 -11.47
N PHE A 372 -27.69 -36.77 -11.27
CA PHE A 372 -27.72 -35.32 -11.01
C PHE A 372 -28.57 -35.02 -9.79
N VAL A 373 -28.02 -34.26 -8.83
CA VAL A 373 -28.77 -33.76 -7.67
C VAL A 373 -29.18 -32.33 -7.98
N ALA A 374 -30.48 -32.05 -7.95
CA ALA A 374 -31.01 -30.71 -8.26
C ALA A 374 -31.71 -30.07 -7.07
N ILE A 375 -31.48 -28.78 -6.85
CA ILE A 375 -32.20 -27.98 -5.84
C ILE A 375 -33.10 -26.96 -6.54
N TYR A 376 -34.41 -27.12 -6.36
CA TYR A 376 -35.41 -26.15 -6.85
C TYR A 376 -35.88 -25.26 -5.70
N LYS A 377 -36.10 -23.99 -5.99
CA LYS A 377 -36.60 -23.02 -5.01
C LYS A 377 -38.03 -22.64 -5.38
N ARG A 378 -39.00 -23.24 -4.68
CA ARG A 378 -40.43 -23.03 -4.93
C ARG A 378 -41.05 -22.28 -3.76
N ASN A 379 -41.64 -21.10 -4.04
CA ASN A 379 -42.10 -20.16 -3.01
C ASN A 379 -41.01 -19.87 -1.97
N VAL A 380 -39.80 -19.63 -2.46
CA VAL A 380 -38.64 -19.28 -1.64
C VAL A 380 -38.25 -20.41 -0.65
N LYS A 381 -38.58 -21.65 -0.99
CA LYS A 381 -38.31 -22.81 -0.14
C LYS A 381 -37.69 -23.91 -1.00
N ASP A 382 -36.55 -24.44 -0.56
CA ASP A 382 -35.76 -25.36 -1.38
C ASP A 382 -36.31 -26.79 -1.33
N GLU A 383 -36.29 -27.44 -2.50
CA GLU A 383 -36.72 -28.82 -2.66
C GLU A 383 -35.61 -29.56 -3.38
N ILE A 384 -35.23 -30.72 -2.85
CA ILE A 384 -34.09 -31.49 -3.36
C ILE A 384 -34.59 -32.72 -4.12
N TYR A 385 -34.09 -32.89 -5.34
CA TYR A 385 -34.42 -34.07 -6.16
C TYR A 385 -33.17 -34.76 -6.69
N LEU A 386 -33.29 -36.06 -6.95
CA LEU A 386 -32.23 -36.86 -7.57
C LEU A 386 -32.72 -37.26 -8.97
N TYR A 387 -31.91 -36.94 -9.98
CA TYR A 387 -32.21 -37.27 -11.38
C TYR A 387 -31.25 -38.34 -11.91
N SER A 388 -31.76 -39.20 -12.80
CA SER A 388 -30.94 -40.21 -13.47
C SER A 388 -30.16 -39.60 -14.62
N LYS A 389 -29.31 -40.42 -15.25
CA LYS A 389 -28.57 -40.03 -16.46
C LYS A 389 -29.47 -39.69 -17.65
N ALA A 390 -30.66 -40.30 -17.70
CA ALA A 390 -31.66 -40.03 -18.72
C ALA A 390 -32.57 -38.83 -18.43
N GLY A 391 -32.24 -38.04 -17.39
CA GLY A 391 -33.05 -36.88 -17.01
C GLY A 391 -34.37 -37.20 -16.34
N VAL A 392 -34.49 -38.42 -15.78
CA VAL A 392 -35.71 -38.84 -15.09
C VAL A 392 -35.60 -38.43 -13.62
N GLN A 393 -36.59 -37.70 -13.12
CA GLN A 393 -36.66 -37.34 -11.70
C GLN A 393 -37.00 -38.58 -10.87
N LEU A 394 -35.99 -39.17 -10.23
CA LEU A 394 -36.15 -40.46 -9.55
C LEU A 394 -36.88 -40.36 -8.21
N THR A 395 -36.48 -39.41 -7.38
CA THR A 395 -37.07 -39.24 -6.05
C THR A 395 -36.88 -37.83 -5.51
N ARG A 396 -37.74 -37.43 -4.58
CA ARG A 396 -37.51 -36.22 -3.78
C ARG A 396 -36.83 -36.64 -2.48
N LEU A 397 -35.72 -35.96 -2.16
CA LEU A 397 -34.98 -36.17 -0.93
C LEU A 397 -35.36 -35.10 0.09
N ALA A 398 -35.44 -35.50 1.36
CA ALA A 398 -35.83 -34.63 2.47
C ALA A 398 -37.14 -33.88 2.18
N PRO A 399 -38.24 -34.62 1.93
CA PRO A 399 -39.50 -34.00 1.50
C PRO A 399 -40.15 -33.10 2.55
N ASP A 400 -39.99 -33.45 3.83
CA ASP A 400 -40.56 -32.68 4.95
C ASP A 400 -39.69 -31.52 5.43
N PHE A 401 -38.48 -31.38 4.87
CA PHE A 401 -37.60 -30.26 5.22
C PHE A 401 -38.15 -28.92 4.69
N VAL A 402 -38.07 -27.89 5.54
CA VAL A 402 -38.54 -26.54 5.22
C VAL A 402 -37.43 -25.53 5.51
N GLY A 403 -36.79 -25.04 4.47
CA GLY A 403 -35.73 -24.04 4.58
C GLY A 403 -34.88 -23.92 3.33
N ALA A 404 -33.60 -23.60 3.51
CA ALA A 404 -32.62 -23.49 2.42
C ALA A 404 -31.67 -24.70 2.41
N ALA A 405 -31.28 -25.14 1.22
CA ALA A 405 -30.44 -26.33 1.06
C ALA A 405 -29.30 -26.12 0.08
N SER A 406 -28.20 -26.84 0.30
CA SER A 406 -27.06 -26.89 -0.62
C SER A 406 -26.56 -28.32 -0.75
N ILE A 407 -25.76 -28.57 -1.78
CA ILE A 407 -25.17 -29.90 -2.04
C ILE A 407 -23.68 -29.86 -1.77
N ALA A 408 -23.16 -30.94 -1.21
CA ALA A 408 -21.73 -31.15 -1.03
C ALA A 408 -21.34 -32.52 -1.58
N ASN A 409 -20.57 -32.55 -2.67
CA ASN A 409 -20.07 -33.81 -3.23
C ASN A 409 -18.87 -33.64 -4.16
N ARG A 410 -18.25 -34.77 -4.48
CA ARG A 410 -17.29 -34.88 -5.57
C ARG A 410 -17.89 -35.87 -6.58
N GLN A 411 -17.88 -35.50 -7.85
CA GLN A 411 -18.58 -36.24 -8.92
C GLN A 411 -18.31 -37.75 -8.95
N LYS A 412 -17.03 -38.11 -8.87
CA LYS A 412 -16.62 -39.51 -9.04
C LYS A 412 -17.01 -40.45 -7.89
N GLN A 413 -17.33 -39.88 -6.72
CA GLN A 413 -17.59 -40.67 -5.52
C GLN A 413 -19.03 -41.19 -5.47
N THR A 414 -19.23 -42.26 -4.71
CA THR A 414 -20.53 -42.93 -4.60
C THR A 414 -21.44 -42.36 -3.51
N HIS A 415 -21.23 -41.10 -3.12
CA HIS A 415 -22.11 -40.43 -2.15
C HIS A 415 -22.21 -38.94 -2.45
N PHE A 416 -23.17 -38.31 -1.78
CA PHE A 416 -23.22 -36.86 -1.66
C PHE A 416 -23.87 -36.47 -0.35
N PHE A 417 -23.66 -35.23 0.07
CA PHE A 417 -24.36 -34.68 1.24
C PHE A 417 -25.27 -33.52 0.86
N LEU A 418 -26.24 -33.27 1.74
CA LEU A 418 -27.03 -32.05 1.72
C LEU A 418 -26.83 -31.34 3.06
N THR A 419 -26.55 -30.05 3.01
CA THR A 419 -26.55 -29.20 4.20
C THR A 419 -27.87 -28.45 4.24
N LEU A 420 -28.62 -28.64 5.31
CA LEU A 420 -29.98 -28.13 5.44
C LEU A 420 -30.08 -27.17 6.62
N SER A 421 -30.73 -26.03 6.41
CA SER A 421 -30.99 -25.08 7.49
C SER A 421 -32.14 -24.13 7.17
N GLY A 422 -32.66 -23.48 8.21
CA GLY A 422 -33.75 -22.53 8.08
C GLY A 422 -33.96 -21.74 9.35
N PHE A 423 -35.13 -21.11 9.47
CA PHE A 423 -35.42 -20.25 10.62
C PHE A 423 -35.41 -21.00 11.96
N ASN A 424 -35.78 -22.28 11.95
CA ASN A 424 -35.68 -23.13 13.14
C ASN A 424 -35.08 -24.52 12.84
N THR A 425 -34.14 -24.56 11.88
CA THR A 425 -33.29 -25.73 11.64
C THR A 425 -31.84 -25.21 11.71
N PRO A 426 -31.15 -25.44 12.85
CA PRO A 426 -29.79 -24.89 12.99
C PRO A 426 -28.74 -25.39 11.99
N GLY A 427 -28.82 -26.67 11.63
CA GLY A 427 -27.85 -27.25 10.70
C GLY A 427 -27.88 -28.77 10.68
N THR A 428 -28.61 -29.32 9.72
CA THR A 428 -28.69 -30.76 9.50
C THR A 428 -27.83 -31.12 8.28
N ILE A 429 -26.99 -32.15 8.41
CA ILE A 429 -26.17 -32.67 7.32
C ILE A 429 -26.69 -34.06 6.98
N ALA A 430 -27.32 -34.18 5.81
CA ALA A 430 -27.88 -35.45 5.33
C ALA A 430 -26.91 -36.10 4.35
N ARG A 431 -26.84 -37.44 4.39
CA ARG A 431 -25.98 -38.21 3.49
C ARG A 431 -26.84 -39.08 2.59
N TYR A 432 -26.47 -39.15 1.32
CA TYR A 432 -27.03 -40.13 0.39
C TYR A 432 -25.90 -41.05 -0.05
N ASP A 433 -26.11 -42.35 0.08
CA ASP A 433 -25.09 -43.35 -0.22
C ASP A 433 -25.64 -44.29 -1.31
N PHE A 434 -25.07 -44.20 -2.50
CA PHE A 434 -25.48 -45.06 -3.63
C PHE A 434 -25.19 -46.55 -3.43
N THR A 435 -24.16 -46.87 -2.63
CA THR A 435 -23.79 -48.27 -2.38
C THR A 435 -24.74 -49.03 -1.43
N ALA A 436 -25.53 -48.30 -0.65
CA ALA A 436 -26.47 -48.93 0.29
C ALA A 436 -27.67 -49.55 -0.43
N PRO A 437 -28.42 -50.44 0.24
CA PRO A 437 -29.69 -50.93 -0.32
C PRO A 437 -30.69 -49.80 -0.55
N GLU A 438 -31.48 -49.91 -1.62
CA GLU A 438 -32.28 -48.78 -2.15
C GLU A 438 -33.16 -48.01 -1.15
N THR A 439 -33.70 -48.71 -0.15
CA THR A 439 -34.52 -48.09 0.89
C THR A 439 -33.71 -47.37 1.99
N GLN A 440 -32.42 -47.68 2.09
CA GLN A 440 -31.55 -47.21 3.19
C GLN A 440 -30.43 -46.25 2.75
N ARG A 441 -30.59 -45.59 1.61
CA ARG A 441 -29.54 -44.73 1.06
C ARG A 441 -29.47 -43.37 1.76
N PHE A 442 -30.63 -42.74 1.95
CA PHE A 442 -30.74 -41.45 2.61
C PHE A 442 -30.67 -41.61 4.14
N SER A 443 -29.84 -40.79 4.78
CA SER A 443 -29.71 -40.76 6.24
C SER A 443 -29.25 -39.40 6.74
N ILE A 444 -29.40 -39.18 8.05
CA ILE A 444 -28.88 -37.97 8.70
C ILE A 444 -27.53 -38.31 9.34
N LEU A 445 -26.48 -37.62 8.87
CA LEU A 445 -25.12 -37.77 9.42
C LEU A 445 -25.00 -37.03 10.74
N ARG A 446 -25.38 -35.74 10.74
CA ARG A 446 -25.27 -34.87 11.91
C ARG A 446 -26.42 -33.87 11.98
N THR A 447 -26.85 -33.58 13.21
CA THR A 447 -27.79 -32.51 13.49
C THR A 447 -27.13 -31.56 14.49
N THR A 448 -27.19 -30.26 14.20
CA THR A 448 -26.58 -29.24 15.03
C THR A 448 -27.41 -29.03 16.30
N LYS A 449 -26.78 -29.16 17.46
CA LYS A 449 -27.40 -28.94 18.76
C LYS A 449 -27.08 -27.55 19.28
N VAL A 450 -28.12 -26.75 19.53
CA VAL A 450 -27.96 -25.37 19.99
C VAL A 450 -27.88 -25.29 21.53
N ASN A 451 -27.72 -24.08 22.06
CA ASN A 451 -27.58 -23.85 23.50
C ASN A 451 -28.70 -22.93 24.01
N GLU A 452 -29.35 -23.34 25.11
CA GLU A 452 -30.48 -22.62 25.75
C GLU A 452 -31.78 -22.62 24.95
N LEU A 453 -31.73 -22.10 23.71
CA LEU A 453 -32.86 -22.18 22.77
C LEU A 453 -33.34 -23.61 22.50
N ASP A 454 -34.65 -23.74 22.28
CA ASP A 454 -35.25 -24.92 21.66
C ASP A 454 -35.85 -24.42 20.34
N PRO A 455 -35.34 -24.92 19.19
CA PRO A 455 -35.93 -24.53 17.89
C PRO A 455 -37.42 -24.84 17.73
N ASP A 456 -37.91 -25.87 18.43
CA ASP A 456 -39.33 -26.24 18.40
C ASP A 456 -40.26 -25.19 19.03
N ASP A 457 -39.71 -24.28 19.84
CA ASP A 457 -40.47 -23.14 20.38
C ASP A 457 -40.79 -22.05 19.36
N PHE A 458 -40.26 -22.16 18.15
CA PHE A 458 -40.42 -21.12 17.13
C PHE A 458 -41.13 -21.63 15.88
N GLU A 459 -42.13 -20.86 15.42
CA GLU A 459 -42.90 -21.18 14.22
C GLU A 459 -42.52 -20.20 13.11
N SER A 460 -42.36 -20.72 11.89
CA SER A 460 -42.21 -19.91 10.69
C SER A 460 -43.38 -20.20 9.74
N THR A 461 -44.03 -19.15 9.26
CA THR A 461 -45.09 -19.26 8.25
C THR A 461 -44.82 -18.31 7.10
N GLN A 462 -45.47 -18.55 5.97
CA GLN A 462 -45.37 -17.68 4.80
C GLN A 462 -46.75 -17.08 4.49
N VAL A 463 -46.82 -15.74 4.44
CA VAL A 463 -48.06 -15.02 4.17
C VAL A 463 -47.85 -14.10 2.97
N TRP A 464 -48.93 -13.85 2.23
CA TRP A 464 -48.88 -13.04 1.02
C TRP A 464 -49.55 -11.68 1.24
N TYR A 465 -48.92 -10.63 0.74
CA TYR A 465 -49.43 -9.25 0.79
C TYR A 465 -49.31 -8.63 -0.60
N GLU A 466 -49.98 -7.50 -0.79
CA GLU A 466 -50.05 -6.83 -2.09
C GLU A 466 -49.32 -5.49 -2.05
N SER A 467 -48.44 -5.27 -3.04
CA SER A 467 -47.70 -4.02 -3.18
C SER A 467 -48.60 -2.95 -3.80
N LYS A 468 -48.08 -1.73 -3.89
CA LYS A 468 -48.83 -0.60 -4.46
C LYS A 468 -49.36 -0.85 -5.88
N ASP A 469 -48.60 -1.58 -6.70
CA ASP A 469 -49.01 -1.87 -8.08
C ASP A 469 -49.90 -3.13 -8.25
N GLY A 470 -50.28 -3.77 -7.14
CA GLY A 470 -51.12 -4.97 -7.17
C GLY A 470 -50.39 -6.32 -7.16
N THR A 471 -49.06 -6.30 -7.23
CA THR A 471 -48.27 -7.53 -7.26
C THR A 471 -48.30 -8.24 -5.90
N LYS A 472 -48.52 -9.55 -5.92
CA LYS A 472 -48.59 -10.35 -4.70
C LYS A 472 -47.20 -10.89 -4.32
N ILE A 473 -46.81 -10.66 -3.07
CA ILE A 473 -45.44 -10.90 -2.61
C ILE A 473 -45.48 -11.76 -1.35
N PRO A 474 -44.71 -12.86 -1.33
CA PRO A 474 -44.67 -13.67 -0.11
C PRO A 474 -43.72 -13.07 0.93
N MET A 475 -43.98 -13.39 2.20
CA MET A 475 -43.17 -12.91 3.31
C MET A 475 -43.13 -13.96 4.42
N PHE A 476 -41.93 -14.30 4.85
CA PHE A 476 -41.75 -15.19 6.01
C PHE A 476 -42.04 -14.41 7.28
N ILE A 477 -42.78 -15.02 8.21
CA ILE A 477 -43.01 -14.47 9.54
C ILE A 477 -42.59 -15.51 10.57
N VAL A 478 -41.56 -15.17 11.37
CA VAL A 478 -41.07 -16.04 12.44
C VAL A 478 -41.40 -15.43 13.80
N ARG A 479 -41.87 -16.26 14.72
CA ARG A 479 -42.21 -15.85 16.08
C ARG A 479 -41.91 -16.95 17.08
N HIS A 480 -41.77 -16.56 18.35
CA HIS A 480 -41.87 -17.52 19.44
C HIS A 480 -43.35 -17.90 19.56
N LYS A 481 -43.64 -19.17 19.78
CA LYS A 481 -45.01 -19.69 19.66
C LYS A 481 -46.01 -19.15 20.69
N SER A 482 -45.52 -18.56 21.78
CA SER A 482 -46.37 -17.86 22.74
C SER A 482 -46.85 -16.49 22.24
N THR A 483 -46.15 -15.91 21.26
CA THR A 483 -46.48 -14.58 20.72
C THR A 483 -47.73 -14.66 19.84
N LYS A 484 -48.66 -13.74 20.06
CA LYS A 484 -49.94 -13.69 19.34
C LYS A 484 -49.90 -12.63 18.26
N PHE A 485 -50.56 -12.90 17.13
CA PHE A 485 -50.77 -11.87 16.10
C PHE A 485 -52.04 -11.08 16.44
N ASP A 486 -51.93 -10.21 17.46
CA ASP A 486 -53.07 -9.43 17.98
C ASP A 486 -52.78 -7.92 18.02
N GLY A 487 -51.88 -7.46 17.15
CA GLY A 487 -51.53 -6.04 17.05
C GLY A 487 -50.80 -5.45 18.25
N THR A 488 -50.06 -6.29 18.99
CA THR A 488 -49.26 -5.85 20.14
C THR A 488 -47.75 -6.09 20.01
N ALA A 489 -47.35 -7.12 19.27
CA ALA A 489 -45.93 -7.47 19.11
C ALA A 489 -45.17 -6.42 18.31
N ALA A 490 -43.88 -6.29 18.59
CA ALA A 490 -42.96 -5.54 17.73
C ALA A 490 -42.50 -6.45 16.61
N ALA A 491 -42.09 -5.86 15.51
CA ALA A 491 -41.61 -6.62 14.35
C ALA A 491 -40.24 -6.14 13.92
N ILE A 492 -39.42 -7.08 13.45
CA ILE A 492 -38.12 -6.77 12.86
C ILE A 492 -38.14 -7.25 11.42
N GLN A 493 -38.06 -6.31 10.49
CA GLN A 493 -38.23 -6.59 9.07
C GLN A 493 -36.88 -6.53 8.36
N TYR A 494 -36.42 -7.68 7.87
CA TYR A 494 -35.16 -7.79 7.15
C TYR A 494 -35.37 -7.77 5.64
N GLY A 495 -34.40 -7.24 4.92
CA GLY A 495 -34.43 -7.22 3.47
C GLY A 495 -33.07 -6.99 2.86
N TYR A 496 -32.94 -7.42 1.61
CA TYR A 496 -31.77 -7.12 0.78
C TYR A 496 -32.25 -6.39 -0.47
N GLY A 497 -33.04 -7.08 -1.29
CA GLY A 497 -33.72 -6.47 -2.44
C GLY A 497 -32.82 -6.04 -3.59
N GLY A 498 -32.12 -7.00 -4.19
CA GLY A 498 -31.31 -6.70 -5.37
C GLY A 498 -30.39 -7.81 -5.85
N PHE A 499 -29.90 -7.64 -7.08
CA PHE A 499 -28.82 -8.45 -7.66
C PHE A 499 -29.17 -9.93 -7.84
N ALA A 500 -30.48 -10.23 -7.93
CA ALA A 500 -31.00 -11.60 -7.95
C ALA A 500 -30.60 -12.44 -6.73
N THR A 501 -30.35 -11.77 -5.60
CA THR A 501 -30.00 -12.44 -4.35
C THR A 501 -31.30 -12.73 -3.61
N SER A 502 -31.58 -14.01 -3.36
CA SER A 502 -32.79 -14.42 -2.66
C SER A 502 -32.61 -14.20 -1.16
N ALA A 503 -33.64 -13.65 -0.52
CA ALA A 503 -33.68 -13.52 0.94
C ALA A 503 -34.12 -14.85 1.56
N ASP A 504 -33.23 -15.84 1.50
CA ASP A 504 -33.54 -17.22 1.88
C ASP A 504 -33.65 -17.38 3.40
N PRO A 505 -34.35 -18.45 3.86
CA PRO A 505 -34.32 -18.81 5.28
C PRO A 505 -32.91 -19.14 5.78
N PHE A 506 -32.68 -18.83 7.05
CA PHE A 506 -31.37 -19.02 7.69
C PHE A 506 -31.56 -19.09 9.21
N PHE A 507 -30.72 -19.87 9.88
CA PHE A 507 -30.78 -19.97 11.34
C PHE A 507 -29.91 -18.89 11.99
N SER A 508 -30.54 -18.11 12.86
CA SER A 508 -29.85 -17.11 13.67
C SER A 508 -30.25 -17.29 15.13
N PRO A 509 -29.33 -17.82 15.97
CA PRO A 509 -29.67 -17.94 17.40
C PRO A 509 -29.89 -16.58 18.08
N ILE A 510 -29.23 -15.53 17.60
CA ILE A 510 -29.39 -14.19 18.15
C ILE A 510 -30.79 -13.62 17.87
N ILE A 511 -31.29 -13.81 16.64
CA ILE A 511 -32.65 -13.37 16.27
C ILE A 511 -33.69 -14.11 17.11
N LEU A 512 -33.63 -15.43 17.12
CA LEU A 512 -34.57 -16.24 17.90
C LEU A 512 -34.55 -15.89 19.40
N THR A 513 -33.36 -15.59 19.91
CA THR A 513 -33.20 -15.13 21.30
C THR A 513 -33.89 -13.78 21.51
N PHE A 514 -33.73 -12.86 20.56
CA PHE A 514 -34.42 -11.56 20.61
C PHE A 514 -35.94 -11.72 20.56
N LEU A 515 -36.43 -12.64 19.72
CA LEU A 515 -37.86 -12.90 19.60
C LEU A 515 -38.46 -13.47 20.89
N GLN A 516 -37.78 -14.43 21.49
CA GLN A 516 -38.22 -15.04 22.76
C GLN A 516 -38.14 -14.08 23.94
N THR A 517 -37.12 -13.23 23.95
CA THR A 517 -36.90 -12.26 25.02
C THR A 517 -37.99 -11.19 25.05
N TYR A 518 -38.31 -10.61 23.89
CA TYR A 518 -39.25 -9.49 23.80
C TYR A 518 -40.64 -9.85 23.26
N GLY A 519 -40.83 -11.09 22.82
CA GLY A 519 -42.09 -11.49 22.18
C GLY A 519 -42.33 -10.78 20.86
N ALA A 520 -41.24 -10.49 20.15
CA ALA A 520 -41.29 -9.80 18.86
C ALA A 520 -41.38 -10.83 17.74
N ILE A 521 -41.59 -10.35 16.51
CA ILE A 521 -41.62 -11.21 15.33
C ILE A 521 -40.57 -10.77 14.33
N PHE A 522 -40.18 -11.71 13.49
CA PHE A 522 -39.15 -11.49 12.47
C PHE A 522 -39.80 -11.68 11.11
N ALA A 523 -39.59 -10.71 10.22
CA ALA A 523 -40.28 -10.65 8.92
C ALA A 523 -39.28 -10.51 7.78
N VAL A 524 -39.47 -11.30 6.72
CA VAL A 524 -38.58 -11.30 5.56
C VAL A 524 -39.44 -11.34 4.29
N PRO A 525 -39.86 -10.15 3.79
CA PRO A 525 -40.60 -10.10 2.52
C PRO A 525 -39.73 -10.40 1.31
N SER A 526 -40.22 -11.23 0.40
CA SER A 526 -39.47 -11.59 -0.80
C SER A 526 -39.68 -10.52 -1.87
N ILE A 527 -39.13 -9.34 -1.61
CA ILE A 527 -39.35 -8.17 -2.46
C ILE A 527 -38.67 -8.31 -3.81
N ARG A 528 -39.21 -7.61 -4.82
CA ARG A 528 -38.62 -7.60 -6.15
C ARG A 528 -37.25 -6.92 -6.14
N GLY A 529 -36.38 -7.39 -7.05
CA GLY A 529 -34.95 -7.08 -6.99
C GLY A 529 -34.18 -8.33 -6.63
N GLY A 530 -34.72 -9.11 -5.68
CA GLY A 530 -34.19 -10.44 -5.38
C GLY A 530 -34.49 -11.43 -6.50
N GLY A 531 -33.90 -12.62 -6.39
CA GLY A 531 -34.07 -13.68 -7.39
C GLY A 531 -34.90 -14.86 -6.89
N GLU A 532 -35.89 -14.58 -6.04
CA GLU A 532 -36.72 -15.62 -5.44
C GLU A 532 -37.57 -16.34 -6.49
N PHE A 533 -38.03 -15.59 -7.48
CA PHE A 533 -38.80 -16.13 -8.60
C PHE A 533 -38.11 -15.84 -9.93
N GLY A 534 -36.79 -16.02 -9.95
CA GLY A 534 -36.00 -15.95 -11.18
C GLY A 534 -35.73 -14.56 -11.73
N GLU A 535 -35.33 -14.52 -12.99
CA GLU A 535 -34.92 -13.30 -13.69
C GLU A 535 -36.00 -12.20 -13.72
N GLU A 536 -37.25 -12.58 -13.93
CA GLU A 536 -38.37 -11.62 -14.01
C GLU A 536 -38.62 -10.91 -12.66
N TRP A 537 -38.33 -11.59 -11.56
CA TRP A 537 -38.44 -11.02 -10.22
C TRP A 537 -37.33 -9.98 -9.98
N HIS A 538 -36.12 -10.30 -10.45
CA HIS A 538 -34.99 -9.36 -10.43
C HIS A 538 -35.27 -8.15 -11.34
N LYS A 539 -35.72 -8.41 -12.57
CA LYS A 539 -36.08 -7.35 -13.52
C LYS A 539 -37.17 -6.41 -12.98
N GLY A 540 -38.07 -6.95 -12.15
CA GLY A 540 -39.11 -6.16 -11.50
C GLY A 540 -38.66 -5.14 -10.45
N GLY A 541 -37.40 -5.26 -9.99
CA GLY A 541 -36.82 -4.30 -9.04
C GLY A 541 -35.38 -3.99 -9.39
N ARG A 542 -35.18 -3.45 -10.60
CA ARG A 542 -33.84 -3.25 -11.16
C ARG A 542 -33.82 -2.05 -12.10
N ARG A 543 -32.80 -1.20 -11.95
CA ARG A 543 -32.59 -0.03 -12.80
C ARG A 543 -33.83 0.91 -12.77
N GLU A 544 -34.55 1.07 -13.88
CA GLU A 544 -35.74 1.93 -13.92
C GLU A 544 -36.90 1.45 -13.02
N THR A 545 -36.93 0.15 -12.73
CA THR A 545 -37.94 -0.43 -11.84
C THR A 545 -37.51 -0.55 -10.36
N LYS A 546 -36.33 0.00 -10.01
CA LYS A 546 -35.77 -0.14 -8.65
C LYS A 546 -36.71 0.36 -7.55
N VAL A 547 -37.48 1.41 -7.85
CA VAL A 547 -38.50 1.95 -6.95
C VAL A 547 -39.51 0.90 -6.44
N ASN A 548 -39.78 -0.13 -7.25
CA ASN A 548 -40.64 -1.24 -6.83
C ASN A 548 -40.12 -1.98 -5.59
N THR A 549 -38.80 -2.14 -5.50
CA THR A 549 -38.16 -2.77 -4.34
C THR A 549 -38.54 -2.06 -3.03
N PHE A 550 -38.50 -0.72 -3.06
CA PHE A 550 -38.85 0.11 -1.92
C PHE A 550 -40.34 0.07 -1.62
N ASP A 551 -41.15 0.14 -2.67
CA ASP A 551 -42.61 0.04 -2.53
C ASP A 551 -43.03 -1.32 -1.95
N ASP A 552 -42.40 -2.40 -2.42
CA ASP A 552 -42.60 -3.75 -1.86
C ASP A 552 -42.25 -3.82 -0.38
N PHE A 553 -41.10 -3.23 -0.03
CA PHE A 553 -40.59 -3.25 1.35
C PHE A 553 -41.44 -2.39 2.28
N ILE A 554 -41.86 -1.21 1.80
CA ILE A 554 -42.75 -0.33 2.58
C ILE A 554 -44.14 -0.96 2.75
N ALA A 555 -44.69 -1.51 1.67
CA ALA A 555 -45.99 -2.21 1.72
C ALA A 555 -45.99 -3.37 2.72
N ALA A 556 -44.87 -4.10 2.78
CA ALA A 556 -44.69 -5.18 3.75
C ALA A 556 -44.88 -4.72 5.19
N ALA A 557 -44.25 -3.60 5.54
CA ALA A 557 -44.34 -3.01 6.88
C ALA A 557 -45.75 -2.53 7.22
N GLN A 558 -46.41 -1.94 6.23
CA GLN A 558 -47.79 -1.45 6.37
C GLN A 558 -48.77 -2.60 6.55
N PHE A 559 -48.54 -3.68 5.79
CA PHE A 559 -49.33 -4.92 5.89
C PHE A 559 -49.23 -5.54 7.29
N LEU A 560 -48.02 -5.56 7.86
CA LEU A 560 -47.79 -6.11 9.21
C LEU A 560 -48.63 -5.40 10.27
N VAL A 561 -48.71 -4.07 10.17
CA VAL A 561 -49.53 -3.27 11.09
C VAL A 561 -51.01 -3.44 10.79
N LYS A 562 -51.38 -3.27 9.52
CA LYS A 562 -52.78 -3.36 9.06
C LYS A 562 -53.47 -4.67 9.48
N ASN A 563 -52.79 -5.80 9.26
CA ASN A 563 -53.34 -7.13 9.55
C ASN A 563 -52.97 -7.69 10.95
N LYS A 564 -52.56 -6.81 11.87
CA LYS A 564 -52.40 -7.14 13.30
C LYS A 564 -51.25 -8.10 13.63
N TYR A 565 -50.28 -8.24 12.73
CA TYR A 565 -49.06 -9.02 13.04
C TYR A 565 -48.20 -8.24 14.02
N ALA A 566 -48.06 -6.94 13.78
CA ALA A 566 -47.27 -6.04 14.63
C ALA A 566 -48.07 -4.79 15.04
N ALA A 567 -47.66 -4.18 16.15
CA ALA A 567 -48.34 -3.00 16.68
C ALA A 567 -48.02 -1.75 15.85
N PRO A 568 -48.89 -0.73 15.88
CA PRO A 568 -48.60 0.53 15.17
C PRO A 568 -47.32 1.20 15.65
N GLY A 569 -46.43 1.52 14.71
CA GLY A 569 -45.14 2.12 15.01
C GLY A 569 -44.08 1.19 15.62
N LYS A 570 -44.32 -0.12 15.61
CA LYS A 570 -43.37 -1.08 16.20
C LYS A 570 -42.75 -2.02 15.15
N VAL A 571 -42.54 -1.52 13.94
CA VAL A 571 -41.82 -2.25 12.89
C VAL A 571 -40.44 -1.62 12.72
N ALA A 572 -39.40 -2.33 13.13
CA ALA A 572 -38.02 -1.92 12.86
C ALA A 572 -37.56 -2.56 11.56
N ILE A 573 -36.65 -1.88 10.86
CA ILE A 573 -36.10 -2.39 9.59
C ILE A 573 -34.58 -2.43 9.64
N ASN A 574 -34.01 -3.52 9.09
CA ASN A 574 -32.56 -3.75 9.08
C ASN A 574 -32.12 -4.33 7.75
N GLY A 575 -30.90 -4.02 7.35
CA GLY A 575 -30.32 -4.53 6.12
C GLY A 575 -28.86 -4.15 5.98
N ALA A 576 -28.10 -4.98 5.26
CA ALA A 576 -26.67 -4.76 5.07
C ALA A 576 -26.32 -4.50 3.59
N SER A 577 -25.53 -3.46 3.36
CA SER A 577 -24.99 -3.10 2.03
C SER A 577 -26.06 -2.63 1.01
N ASN A 578 -26.58 -3.49 0.13
CA ASN A 578 -27.77 -3.12 -0.65
C ASN A 578 -29.00 -3.04 0.27
N GLY A 579 -29.02 -3.91 1.29
CA GLY A 579 -29.99 -3.81 2.39
C GLY A 579 -29.92 -2.51 3.17
N GLY A 580 -28.73 -1.91 3.25
CA GLY A 580 -28.56 -0.59 3.84
C GLY A 580 -29.19 0.50 3.00
N LEU A 581 -28.96 0.44 1.68
CA LEU A 581 -29.66 1.31 0.72
C LEU A 581 -31.17 1.18 0.83
N LEU A 582 -31.63 -0.07 0.93
CA LEU A 582 -33.06 -0.38 1.10
C LEU A 582 -33.67 0.35 2.31
N VAL A 583 -33.06 0.18 3.48
CA VAL A 583 -33.56 0.79 4.72
C VAL A 583 -33.43 2.32 4.72
N MET A 584 -32.32 2.85 4.18
CA MET A 584 -32.10 4.30 4.12
C MET A 584 -33.07 5.00 3.18
N GLY A 585 -33.27 4.40 2.00
CA GLY A 585 -34.28 4.89 1.05
C GLY A 585 -35.71 4.71 1.57
N SER A 586 -35.96 3.63 2.31
CA SER A 586 -37.29 3.35 2.85
C SER A 586 -37.75 4.37 3.90
N ILE A 587 -36.87 4.75 4.83
CA ILE A 587 -37.22 5.78 5.83
C ILE A 587 -37.49 7.15 5.21
N VAL A 588 -36.78 7.46 4.12
CA VAL A 588 -36.98 8.69 3.37
C VAL A 588 -38.33 8.70 2.64
N ARG A 589 -38.68 7.58 2.00
CA ARG A 589 -39.84 7.51 1.12
C ARG A 589 -41.17 7.16 1.82
N ALA A 590 -41.12 6.33 2.87
CA ALA A 590 -42.32 5.89 3.56
C ALA A 590 -43.00 7.04 4.32
N PRO A 591 -44.33 6.96 4.54
CA PRO A 591 -45.00 7.92 5.42
C PRO A 591 -44.46 7.95 6.85
N GLU A 592 -44.65 9.08 7.52
CA GLU A 592 -44.29 9.27 8.93
C GLU A 592 -44.91 8.18 9.80
N GLY A 593 -44.10 7.60 10.69
CA GLY A 593 -44.57 6.56 11.61
C GLY A 593 -44.70 5.16 11.03
N THR A 594 -44.28 4.94 9.79
CA THR A 594 -44.29 3.61 9.17
C THR A 594 -43.34 2.68 9.91
N PHE A 595 -42.16 3.21 10.27
CA PHE A 595 -41.15 2.47 11.02
C PHE A 595 -40.91 3.09 12.39
N GLY A 596 -40.63 2.23 13.38
CA GLY A 596 -40.24 2.65 14.73
C GLY A 596 -38.73 2.68 14.95
N ALA A 597 -37.97 2.01 14.09
CA ALA A 597 -36.51 2.04 14.14
C ALA A 597 -35.92 1.64 12.79
N ALA A 598 -34.69 2.08 12.53
CA ALA A 598 -33.99 1.79 11.28
C ALA A 598 -32.51 1.55 11.56
N VAL A 599 -31.95 0.49 11.00
CA VAL A 599 -30.54 0.15 11.19
C VAL A 599 -29.92 -0.27 9.85
N PRO A 600 -29.40 0.71 9.07
CA PRO A 600 -28.60 0.40 7.87
C PRO A 600 -27.15 0.08 8.21
N GLU A 601 -26.67 -1.08 7.72
CA GLU A 601 -25.32 -1.55 8.03
C GLU A 601 -24.43 -1.54 6.78
N GLY A 602 -23.54 -0.54 6.70
CA GLY A 602 -22.60 -0.40 5.60
C GLY A 602 -23.25 -0.18 4.24
N GLY A 603 -24.30 0.63 4.22
CA GLY A 603 -25.16 0.76 3.06
C GLY A 603 -24.69 1.71 1.98
N VAL A 604 -25.18 1.48 0.76
CA VAL A 604 -25.07 2.44 -0.35
C VAL A 604 -26.14 3.52 -0.10
N ALA A 605 -25.89 4.75 -0.55
CA ALA A 605 -26.76 5.88 -0.23
C ALA A 605 -26.64 7.06 -1.20
N ASP A 606 -25.41 7.41 -1.56
CA ASP A 606 -25.14 8.30 -2.70
C ASP A 606 -25.22 7.49 -4.01
N LEU A 607 -26.41 7.42 -4.60
CA LEU A 607 -26.62 6.73 -5.88
C LEU A 607 -26.21 7.55 -7.11
N LEU A 608 -25.83 8.82 -6.92
CA LEU A 608 -25.27 9.63 -8.00
C LEU A 608 -23.77 9.43 -8.19
N LYS A 609 -23.06 9.00 -7.13
CA LYS A 609 -21.61 8.81 -7.16
C LYS A 609 -21.10 7.39 -6.86
N PHE A 610 -21.99 6.42 -6.62
CA PHE A 610 -21.57 5.05 -6.26
C PHE A 610 -20.55 4.44 -7.24
N HIS A 611 -20.74 4.72 -8.53
CA HIS A 611 -19.87 4.20 -9.60
C HIS A 611 -18.46 4.81 -9.66
N LYS A 612 -18.24 5.93 -8.97
CA LYS A 612 -16.91 6.58 -8.92
C LYS A 612 -15.89 5.93 -7.97
N PHE A 613 -16.31 5.01 -7.10
CA PHE A 613 -15.44 4.45 -6.05
C PHE A 613 -15.28 2.93 -6.16
N THR A 614 -14.05 2.45 -5.93
CA THR A 614 -13.68 1.01 -5.93
C THR A 614 -14.44 0.18 -6.99
N GLY A 615 -15.18 -0.87 -6.60
CA GLY A 615 -15.93 -1.70 -7.53
C GLY A 615 -17.40 -1.33 -7.75
N GLY A 616 -17.73 -0.06 -7.54
CA GLY A 616 -19.10 0.42 -7.71
C GLY A 616 -19.62 0.43 -9.14
N GLN A 617 -18.72 0.64 -10.11
CA GLN A 617 -19.07 0.69 -11.54
C GLN A 617 -19.82 -0.55 -12.06
N ALA A 618 -19.53 -1.72 -11.48
CA ALA A 618 -20.25 -2.96 -11.81
C ALA A 618 -21.73 -2.93 -11.42
N TRP A 619 -22.07 -2.14 -10.40
CA TRP A 619 -23.45 -2.05 -9.91
C TRP A 619 -24.38 -1.18 -10.77
N ILE A 620 -23.85 -0.58 -11.83
CA ILE A 620 -24.68 0.06 -12.88
C ILE A 620 -25.73 -0.92 -13.43
N SER A 621 -25.38 -2.22 -13.47
CA SER A 621 -26.33 -3.29 -13.77
C SER A 621 -27.61 -3.26 -12.91
N GLU A 622 -27.48 -2.85 -11.66
CA GLU A 622 -28.59 -2.80 -10.71
C GLU A 622 -29.26 -1.43 -10.61
N TYR A 623 -28.45 -0.37 -10.52
CA TYR A 623 -28.96 0.97 -10.23
C TYR A 623 -29.12 1.89 -11.45
N GLY A 624 -28.45 1.58 -12.54
CA GLY A 624 -28.36 2.48 -13.70
C GLY A 624 -27.12 3.35 -13.61
N ASN A 625 -26.82 4.06 -14.69
CA ASN A 625 -25.65 4.94 -14.78
C ASN A 625 -26.10 6.40 -14.56
N PRO A 626 -25.58 7.07 -13.51
CA PRO A 626 -25.91 8.49 -13.27
C PRO A 626 -25.48 9.46 -14.38
N SER A 627 -24.43 9.10 -15.13
CA SER A 627 -23.94 9.92 -16.23
C SER A 627 -24.86 9.93 -17.46
N ILE A 628 -25.71 8.92 -17.60
CA ILE A 628 -26.66 8.85 -18.71
C ILE A 628 -27.92 9.64 -18.33
N PRO A 629 -28.24 10.73 -19.06
CA PRO A 629 -29.39 11.61 -18.74
C PRO A 629 -30.72 10.90 -18.50
N GLU A 630 -31.03 9.90 -19.32
CA GLU A 630 -32.27 9.13 -19.19
C GLU A 630 -32.30 8.40 -17.85
N GLU A 631 -31.16 7.84 -17.46
CA GLU A 631 -31.03 7.02 -16.27
C GLU A 631 -30.88 7.84 -14.98
N PHE A 632 -30.19 8.98 -15.08
CA PHE A 632 -30.20 9.99 -14.01
C PHE A 632 -31.61 10.32 -13.53
N ASP A 633 -32.54 10.46 -14.47
CA ASP A 633 -33.93 10.84 -14.16
C ASP A 633 -34.71 9.85 -13.29
N TYR A 634 -34.30 8.57 -13.28
CA TYR A 634 -34.87 7.58 -12.35
C TYR A 634 -34.01 7.24 -11.13
N ILE A 635 -32.73 7.63 -11.15
CA ILE A 635 -31.83 7.44 -10.02
C ILE A 635 -31.98 8.58 -9.00
N TYR A 636 -31.89 9.81 -9.49
CA TYR A 636 -31.93 11.03 -8.65
C TYR A 636 -33.09 11.08 -7.63
N PRO A 637 -34.33 10.76 -8.05
CA PRO A 637 -35.44 10.75 -7.08
C PRO A 637 -35.38 9.63 -6.04
N LEU A 638 -34.59 8.58 -6.32
CA LEU A 638 -34.43 7.43 -5.41
C LEU A 638 -33.25 7.55 -4.43
N SER A 639 -32.18 8.22 -4.84
CA SER A 639 -30.96 8.38 -4.04
C SER A 639 -31.25 8.91 -2.62
N PRO A 640 -31.04 8.07 -1.57
CA PRO A 640 -31.29 8.51 -0.19
C PRO A 640 -30.61 9.81 0.23
N VAL A 641 -29.35 10.00 -0.17
CA VAL A 641 -28.57 11.20 0.15
C VAL A 641 -29.23 12.49 -0.36
N HIS A 642 -29.90 12.40 -1.52
CA HIS A 642 -30.45 13.58 -2.19
C HIS A 642 -31.97 13.77 -2.04
N ASN A 643 -32.62 12.98 -1.18
CA ASN A 643 -34.08 13.05 -0.98
C ASN A 643 -34.52 13.19 0.48
N VAL A 644 -33.61 13.55 1.39
CA VAL A 644 -33.98 13.80 2.79
C VAL A 644 -34.74 15.14 2.86
N ARG A 645 -35.82 15.16 3.64
CA ARG A 645 -36.67 16.34 3.79
C ARG A 645 -36.53 16.95 5.18
N THR A 646 -37.03 18.18 5.33
CA THR A 646 -37.01 18.89 6.60
C THR A 646 -38.31 18.76 7.41
N ASP A 647 -39.36 18.22 6.81
CA ASP A 647 -40.71 18.19 7.42
C ASP A 647 -41.21 16.81 7.90
N LYS A 648 -40.39 15.76 7.76
CA LYS A 648 -40.78 14.40 8.11
C LYS A 648 -39.99 13.91 9.32
N VAL A 649 -40.70 13.50 10.37
CA VAL A 649 -40.07 12.91 11.56
C VAL A 649 -39.52 11.55 11.19
N MET A 650 -38.20 11.38 11.34
CA MET A 650 -37.54 10.10 11.08
C MET A 650 -37.62 9.19 12.30
N PRO A 651 -37.63 7.87 12.08
CA PRO A 651 -37.53 6.94 13.22
C PRO A 651 -36.12 6.93 13.82
N ALA A 652 -36.00 6.43 15.04
CA ALA A 652 -34.70 6.25 15.67
C ALA A 652 -33.80 5.45 14.73
N THR A 653 -32.66 6.02 14.36
CA THR A 653 -31.77 5.46 13.36
C THR A 653 -30.39 5.22 13.97
N LEU A 654 -29.87 4.00 13.81
CA LEU A 654 -28.49 3.67 14.16
C LEU A 654 -27.80 3.12 12.91
N ILE A 655 -26.98 3.96 12.29
CA ILE A 655 -26.22 3.56 11.10
C ILE A 655 -24.92 2.92 11.59
N THR A 656 -24.51 1.81 10.97
CA THR A 656 -23.25 1.14 11.34
C THR A 656 -22.36 0.98 10.11
N VAL A 657 -21.08 1.29 10.27
CA VAL A 657 -20.09 1.11 9.21
C VAL A 657 -18.75 0.65 9.77
N ASN A 658 -17.96 0.03 8.89
CA ASN A 658 -16.57 -0.26 9.14
C ASN A 658 -15.77 0.69 8.28
N ILE A 659 -14.88 1.46 8.90
CA ILE A 659 -14.12 2.52 8.19
C ILE A 659 -13.21 1.93 7.10
N GLY A 660 -12.75 0.70 7.29
CA GLY A 660 -11.95 -0.02 6.30
C GLY A 660 -12.72 -0.82 5.26
N ASP A 661 -14.03 -0.55 5.10
CA ASP A 661 -14.85 -1.25 4.11
C ASP A 661 -14.47 -0.77 2.71
N GLY A 662 -13.92 -1.68 1.92
CA GLY A 662 -13.55 -1.43 0.52
C GLY A 662 -14.63 -1.79 -0.49
N ARG A 663 -15.62 -2.58 -0.08
CA ARG A 663 -16.73 -2.97 -0.97
C ARG A 663 -17.64 -1.76 -1.17
N VAL A 664 -18.25 -1.30 -0.08
CA VAL A 664 -19.07 -0.09 -0.07
C VAL A 664 -18.32 0.91 0.80
N VAL A 665 -17.74 1.93 0.16
CA VAL A 665 -17.00 2.97 0.89
C VAL A 665 -17.88 3.65 1.94
N PRO A 666 -17.35 3.87 3.17
CA PRO A 666 -18.16 4.41 4.27
C PRO A 666 -18.70 5.83 4.01
N MET A 667 -18.07 6.53 3.07
CA MET A 667 -18.62 7.70 2.37
C MET A 667 -20.14 7.76 2.31
N HIS A 668 -20.74 6.67 1.81
CA HIS A 668 -22.20 6.59 1.59
C HIS A 668 -22.97 6.87 2.89
N SER A 669 -22.61 6.15 3.95
CA SER A 669 -23.25 6.32 5.26
C SER A 669 -22.94 7.65 5.93
N PHE A 670 -21.72 8.17 5.73
CA PHE A 670 -21.32 9.46 6.31
C PHE A 670 -22.14 10.62 5.75
N LYS A 671 -22.32 10.63 4.43
CA LYS A 671 -23.13 11.66 3.77
C LYS A 671 -24.59 11.63 4.21
N PHE A 672 -25.16 10.43 4.33
CA PHE A 672 -26.57 10.26 4.71
C PHE A 672 -26.84 10.75 6.13
N ILE A 673 -26.02 10.32 7.10
CA ILE A 673 -26.20 10.74 8.50
C ILE A 673 -25.98 12.25 8.69
N ALA A 674 -25.00 12.81 7.98
CA ALA A 674 -24.75 14.25 7.98
C ALA A 674 -25.93 15.02 7.40
N THR A 675 -26.51 14.49 6.33
CA THR A 675 -27.69 15.08 5.69
C THR A 675 -28.93 14.96 6.58
N LEU A 676 -29.14 13.80 7.21
CA LEU A 676 -30.20 13.63 8.21
C LEU A 676 -30.08 14.63 9.34
N GLN A 677 -28.88 14.70 9.92
CA GLN A 677 -28.61 15.58 11.08
C GLN A 677 -28.74 17.07 10.74
N HIS A 678 -28.42 17.44 9.51
CA HIS A 678 -28.61 18.81 9.03
C HIS A 678 -30.09 19.15 8.79
N ASN A 679 -30.81 18.23 8.16
CA ASN A 679 -32.20 18.49 7.75
C ASN A 679 -33.21 18.43 8.90
N VAL A 680 -33.05 17.47 9.80
CA VAL A 680 -33.95 17.33 10.97
C VAL A 680 -33.13 17.29 12.27
N PRO A 681 -32.40 18.38 12.57
CA PRO A 681 -31.54 18.40 13.76
C PRO A 681 -32.31 18.22 15.08
N GLN A 682 -33.56 18.67 15.10
CA GLN A 682 -34.44 18.56 16.28
C GLN A 682 -35.37 17.34 16.24
N ASN A 683 -35.02 16.32 15.45
CA ASN A 683 -35.80 15.08 15.38
C ASN A 683 -35.95 14.51 16.80
N PRO A 684 -37.18 14.15 17.21
CA PRO A 684 -37.37 13.66 18.59
C PRO A 684 -36.66 12.34 18.89
N HIS A 685 -36.36 11.57 17.85
CA HIS A 685 -35.64 10.30 17.96
C HIS A 685 -34.19 10.47 17.51
N PRO A 686 -33.26 9.72 18.12
CA PRO A 686 -31.84 9.88 17.83
C PRO A 686 -31.42 9.38 16.45
N LEU A 687 -30.58 10.16 15.78
CA LEU A 687 -30.04 9.83 14.47
C LEU A 687 -28.52 9.71 14.61
N LEU A 688 -28.05 8.48 14.80
CA LEU A 688 -26.69 8.18 15.20
C LEU A 688 -25.94 7.37 14.14
N ILE A 689 -24.63 7.37 14.22
CA ILE A 689 -23.78 6.47 13.43
C ILE A 689 -22.69 5.87 14.32
N LYS A 690 -22.60 4.54 14.29
CA LYS A 690 -21.60 3.78 15.03
C LYS A 690 -20.51 3.38 14.05
N ILE A 691 -19.27 3.78 14.32
CA ILE A 691 -18.16 3.59 13.38
C ILE A 691 -17.07 2.71 13.97
N ASP A 692 -16.93 1.49 13.43
CA ASP A 692 -15.85 0.59 13.79
C ASP A 692 -14.58 1.04 13.07
N LYS A 693 -13.49 1.20 13.82
CA LYS A 693 -12.21 1.67 13.27
C LYS A 693 -11.13 0.59 13.15
N SER A 694 -11.54 -0.69 13.12
CA SER A 694 -10.62 -1.80 12.85
C SER A 694 -10.68 -2.07 11.35
N TRP A 695 -9.57 -1.86 10.64
CA TRP A 695 -9.54 -2.07 9.17
C TRP A 695 -9.67 -3.55 8.84
N LEU A 696 -10.90 -4.03 8.72
CA LEU A 696 -11.18 -5.45 8.50
C LEU A 696 -10.88 -5.84 7.04
N GLY A 697 -10.06 -6.89 6.86
CA GLY A 697 -9.55 -7.28 5.55
C GLY A 697 -10.59 -7.93 4.64
N ALA A 698 -10.25 -8.03 3.36
CA ALA A 698 -11.20 -8.43 2.32
C ALA A 698 -11.61 -9.91 2.41
N GLY A 699 -12.78 -10.16 3.00
CA GLY A 699 -13.34 -11.51 3.16
C GLY A 699 -13.15 -12.05 4.57
N MET A 700 -13.50 -11.23 5.57
CA MET A 700 -13.31 -11.58 6.98
C MET A 700 -14.58 -11.34 7.79
N GLY A 701 -14.74 -12.16 8.82
CA GLY A 701 -15.54 -11.77 9.98
C GLY A 701 -14.67 -10.99 10.95
N LYS A 702 -15.32 -10.20 11.80
CA LYS A 702 -14.66 -9.63 12.99
C LYS A 702 -14.47 -10.75 14.01
N PRO A 703 -13.81 -10.47 15.15
CA PRO A 703 -13.80 -11.48 16.23
C PRO A 703 -15.19 -11.78 16.79
N THR A 704 -15.35 -12.97 17.37
CA THR A 704 -16.64 -13.42 17.89
C THR A 704 -17.18 -12.52 19.00
N ASP A 705 -16.32 -12.21 19.97
CA ASP A 705 -16.69 -11.31 21.07
C ASP A 705 -17.14 -9.91 20.61
N LYS A 706 -16.47 -9.42 19.55
CA LYS A 706 -16.81 -8.14 18.93
C LYS A 706 -18.17 -8.19 18.21
N ASN A 707 -18.44 -9.30 17.49
CA ASN A 707 -19.75 -9.52 16.86
C ASN A 707 -20.89 -9.53 17.87
N VAL A 708 -20.69 -10.24 18.98
CA VAL A 708 -21.68 -10.34 20.06
C VAL A 708 -21.99 -8.96 20.65
N LYS A 709 -20.94 -8.16 20.87
CA LYS A 709 -21.08 -6.80 21.41
C LYS A 709 -21.85 -5.92 20.44
N ASP A 710 -21.50 -6.00 19.14
CA ASP A 710 -22.18 -5.24 18.09
C ASP A 710 -23.65 -5.63 17.95
N ALA A 711 -23.93 -6.94 18.02
CA ALA A 711 -25.30 -7.44 18.01
C ALA A 711 -26.10 -6.88 19.19
N ALA A 712 -25.51 -6.97 20.39
CA ALA A 712 -26.13 -6.42 21.59
C ALA A 712 -26.46 -4.92 21.47
N ASP A 713 -25.58 -4.16 20.83
CA ASP A 713 -25.82 -2.73 20.57
C ASP A 713 -26.99 -2.50 19.60
N LYS A 714 -26.96 -3.17 18.46
CA LYS A 714 -27.99 -3.05 17.43
C LYS A 714 -29.38 -3.40 17.94
N TRP A 715 -29.50 -4.60 18.50
CA TRP A 715 -30.79 -5.13 18.96
C TRP A 715 -31.30 -4.43 20.22
N GLY A 716 -30.38 -3.98 21.08
CA GLY A 716 -30.73 -3.15 22.23
C GLY A 716 -31.25 -1.77 21.84
N PHE A 717 -30.62 -1.16 20.83
CA PHE A 717 -31.07 0.11 20.28
C PHE A 717 -32.49 0.02 19.71
N ILE A 718 -32.76 -1.06 18.97
CA ILE A 718 -34.09 -1.32 18.42
C ILE A 718 -35.08 -1.53 19.56
N ALA A 719 -34.72 -2.38 20.52
CA ALA A 719 -35.57 -2.67 21.68
C ALA A 719 -36.02 -1.39 22.40
N ARG A 720 -35.06 -0.53 22.71
CA ARG A 720 -35.36 0.73 23.39
C ARG A 720 -36.16 1.71 22.52
N ALA A 721 -35.81 1.79 21.22
CA ALA A 721 -36.54 2.63 20.27
C ALA A 721 -38.01 2.26 20.15
N LEU A 722 -38.32 0.96 20.22
CA LEU A 722 -39.70 0.47 20.18
C LEU A 722 -40.37 0.34 21.58
N GLY A 723 -39.67 0.74 22.64
CA GLY A 723 -40.22 0.72 23.99
C GLY A 723 -40.43 -0.66 24.57
N LEU A 724 -39.53 -1.60 24.24
CA LEU A 724 -39.61 -2.97 24.72
C LEU A 724 -38.81 -3.14 26.01
N GLU A 725 -39.39 -3.86 26.98
CA GLU A 725 -38.78 -4.10 28.28
C GLU A 725 -38.49 -5.60 28.45
N LEU A 726 -37.51 -5.92 29.29
CA LEU A 726 -37.20 -7.32 29.65
C LEU A 726 -38.16 -7.77 30.76
N LYS A 727 -38.81 -8.92 30.56
CA LYS A 727 -39.79 -9.41 31.52
C LYS A 727 -39.07 -10.08 32.69
N TRP B 6 0.12 35.69 -16.69
CA TRP B 6 0.21 35.96 -15.21
C TRP B 6 0.24 37.46 -14.93
N ALA B 7 -0.45 37.85 -13.87
CA ALA B 7 -0.28 39.17 -13.26
C ALA B 7 -0.35 39.00 -11.73
N PRO B 8 0.02 40.05 -10.96
CA PRO B 8 -0.19 39.98 -9.50
C PRO B 8 -1.67 39.81 -9.10
N GLY B 9 -1.90 39.13 -7.98
CA GLY B 9 -3.24 38.96 -7.42
C GLY B 9 -4.19 38.03 -8.17
N ASN B 10 -3.66 37.05 -8.89
CA ASN B 10 -4.45 36.06 -9.62
C ASN B 10 -3.91 34.67 -9.34
N TYR B 11 -3.74 34.37 -8.05
CA TYR B 11 -3.34 33.04 -7.60
C TYR B 11 -4.57 32.18 -7.42
N PRO B 12 -4.43 30.84 -7.48
CA PRO B 12 -5.58 29.94 -7.30
C PRO B 12 -6.33 30.17 -5.99
N SER B 13 -7.65 29.93 -6.04
CA SER B 13 -8.49 30.00 -4.85
C SER B 13 -8.04 28.92 -3.86
N THR B 14 -7.62 29.34 -2.67
CA THR B 14 -7.07 28.43 -1.67
C THR B 14 -7.81 28.62 -0.35
N ARG B 15 -8.61 27.63 0.01
CA ARG B 15 -9.44 27.67 1.23
C ARG B 15 -8.57 27.79 2.48
N ARG B 16 -8.98 28.66 3.40
CA ARG B 16 -8.32 28.81 4.70
C ARG B 16 -9.21 28.21 5.78
N SER B 17 -8.83 27.03 6.26
CA SER B 17 -9.55 26.35 7.33
C SER B 17 -9.35 27.05 8.66
N ASP B 18 -10.14 26.65 9.66
CA ASP B 18 -9.97 27.15 11.03
C ASP B 18 -9.38 26.06 11.95
N HIS B 19 -8.49 25.23 11.40
CA HIS B 19 -7.70 24.29 12.18
C HIS B 19 -6.73 25.08 13.05
N VAL B 20 -6.66 24.73 14.33
CA VAL B 20 -5.74 25.36 15.28
C VAL B 20 -5.05 24.27 16.10
N ASP B 21 -3.72 24.29 16.09
CA ASP B 21 -2.89 23.42 16.91
C ASP B 21 -2.35 24.23 18.08
N THR B 22 -2.43 23.66 19.28
CA THR B 22 -1.97 24.33 20.49
C THR B 22 -0.62 23.74 20.93
N TYR B 23 0.38 24.62 21.10
CA TYR B 23 1.73 24.23 21.51
C TYR B 23 2.05 24.81 22.89
N GLN B 24 2.98 24.15 23.59
CA GLN B 24 3.48 24.66 24.86
C GLN B 24 4.78 25.43 24.61
N SER B 25 4.85 26.64 25.17
CA SER B 25 6.01 27.52 25.10
C SER B 25 6.52 27.72 26.53
N ALA B 26 7.84 27.67 26.71
CA ALA B 26 8.45 27.86 28.02
C ALA B 26 8.30 29.29 28.54
N SER B 27 8.35 30.26 27.62
CA SER B 27 8.19 31.68 27.95
C SER B 27 6.73 32.17 27.91
N LYS B 28 5.98 31.73 26.91
CA LYS B 28 4.61 32.20 26.66
C LYS B 28 3.51 31.29 27.21
N GLY B 29 3.86 30.12 27.73
CA GLY B 29 2.88 29.19 28.32
C GLY B 29 2.22 28.33 27.26
N GLU B 30 0.94 28.59 27.00
CA GLU B 30 0.18 27.85 26.00
C GLU B 30 -0.10 28.77 24.81
N VAL B 31 0.26 28.34 23.60
CA VAL B 31 0.15 29.18 22.40
C VAL B 31 -0.69 28.47 21.30
N PRO B 32 -1.85 29.06 20.95
CA PRO B 32 -2.63 28.53 19.83
C PRO B 32 -2.05 29.00 18.50
N VAL B 33 -1.68 28.05 17.64
CA VAL B 33 -1.09 28.33 16.34
C VAL B 33 -2.08 27.94 15.24
N PRO B 34 -2.73 28.94 14.61
CA PRO B 34 -3.55 28.69 13.41
C PRO B 34 -2.80 27.98 12.29
N ASP B 35 -3.43 26.96 11.70
CA ASP B 35 -2.86 26.23 10.57
C ASP B 35 -3.95 26.13 9.48
N PRO B 36 -4.24 27.27 8.82
CA PRO B 36 -5.32 27.32 7.82
C PRO B 36 -5.11 26.43 6.60
N TYR B 37 -3.87 26.10 6.28
CA TYR B 37 -3.55 25.17 5.18
C TYR B 37 -3.11 23.79 5.68
N GLN B 38 -3.60 23.39 6.86
CA GLN B 38 -3.43 22.02 7.38
C GLN B 38 -3.97 20.99 6.40
N TRP B 39 -5.07 21.32 5.74
CA TRP B 39 -5.67 20.45 4.73
C TRP B 39 -4.75 20.10 3.55
N LEU B 40 -3.74 20.93 3.25
CA LEU B 40 -2.74 20.60 2.22
C LEU B 40 -1.73 19.49 2.63
N GLU B 41 -1.79 19.02 3.87
CA GLU B 41 -1.14 17.77 4.30
C GLU B 41 -1.75 16.51 3.65
N GLU B 42 -3.01 16.61 3.22
CA GLU B 42 -3.81 15.44 2.85
C GLU B 42 -3.78 15.19 1.35
N SER B 43 -4.33 14.03 0.97
CA SER B 43 -4.47 13.63 -0.43
C SER B 43 -5.97 13.54 -0.75
N THR B 44 -6.50 14.61 -1.34
CA THR B 44 -7.95 14.74 -1.62
C THR B 44 -8.20 15.37 -2.98
N ASP B 45 -9.47 15.38 -3.38
CA ASP B 45 -9.91 16.00 -4.64
C ASP B 45 -9.65 17.52 -4.64
N GLU B 46 -9.90 18.17 -3.50
CA GLU B 46 -9.61 19.60 -3.33
C GLU B 46 -8.14 19.90 -3.56
N VAL B 47 -7.27 19.06 -2.98
CA VAL B 47 -5.81 19.21 -3.13
C VAL B 47 -5.39 18.92 -4.59
N ASP B 48 -6.05 17.96 -5.24
CA ASP B 48 -5.81 17.69 -6.66
C ASP B 48 -6.17 18.88 -7.55
N LYS B 49 -7.29 19.56 -7.26
CA LYS B 49 -7.68 20.77 -8.00
C LYS B 49 -6.65 21.89 -7.78
N TRP B 50 -6.22 22.04 -6.52
CA TRP B 50 -5.27 23.08 -6.14
C TRP B 50 -3.88 22.88 -6.77
N THR B 51 -3.35 21.66 -6.67
CA THR B 51 -2.05 21.33 -7.27
C THR B 51 -2.07 21.46 -8.80
N THR B 52 -3.19 21.07 -9.42
CA THR B 52 -3.39 21.23 -10.85
C THR B 52 -3.37 22.71 -11.24
N ALA B 53 -4.14 23.53 -10.51
CA ALA B 53 -4.22 24.96 -10.77
C ALA B 53 -2.86 25.65 -10.64
N GLN B 54 -2.16 25.35 -9.55
CA GLN B 54 -0.83 25.92 -9.29
C GLN B 54 0.18 25.52 -10.37
N ALA B 55 0.19 24.24 -10.73
CA ALA B 55 1.11 23.71 -11.74
C ALA B 55 0.85 24.28 -13.14
N ASP B 56 -0.42 24.44 -13.49
CA ASP B 56 -0.82 25.08 -14.75
C ASP B 56 -0.39 26.56 -14.79
N LEU B 57 -0.56 27.26 -13.66
CA LEU B 57 -0.13 28.66 -13.55
C LEU B 57 1.39 28.77 -13.70
N ALA B 58 2.12 27.90 -13.03
CA ALA B 58 3.58 27.86 -13.13
C ALA B 58 4.04 27.60 -14.58
N GLN B 59 3.48 26.57 -15.20
CA GLN B 59 3.82 26.23 -16.59
C GLN B 59 3.43 27.32 -17.57
N SER B 60 2.28 27.96 -17.34
CA SER B 60 1.83 29.11 -18.13
C SER B 60 2.85 30.25 -18.13
N TYR B 61 3.39 30.55 -16.96
CA TYR B 61 4.41 31.60 -16.84
C TYR B 61 5.71 31.21 -17.54
N LEU B 62 6.15 29.97 -17.35
CA LEU B 62 7.34 29.45 -18.03
C LEU B 62 7.18 29.37 -19.55
N ASP B 63 5.95 29.18 -20.04
CA ASP B 63 5.66 29.24 -21.48
C ASP B 63 5.94 30.61 -22.12
N GLN B 64 5.85 31.69 -21.33
CA GLN B 64 6.16 33.05 -21.81
C GLN B 64 7.65 33.28 -22.09
N ASN B 65 8.51 32.45 -21.48
CA ASN B 65 9.96 32.55 -21.61
C ASN B 65 10.44 31.66 -22.78
N ALA B 66 10.79 32.30 -23.89
CA ALA B 66 11.32 31.59 -25.07
C ALA B 66 12.71 31.01 -24.85
N ASP B 67 13.48 31.59 -23.91
CA ASP B 67 14.87 31.17 -23.66
C ASP B 67 15.01 29.78 -23.00
N ILE B 68 13.94 29.31 -22.35
CA ILE B 68 13.93 27.99 -21.69
C ILE B 68 14.21 26.86 -22.68
N GLN B 69 13.56 26.91 -23.84
CA GLN B 69 13.79 25.91 -24.90
C GLN B 69 15.23 25.96 -25.42
N LYS B 70 15.80 27.17 -25.52
CA LYS B 70 17.20 27.33 -25.92
C LYS B 70 18.19 26.80 -24.89
N LEU B 71 17.90 27.01 -23.60
CA LEU B 71 18.72 26.45 -22.52
C LEU B 71 18.69 24.92 -22.48
N ALA B 72 17.51 24.33 -22.75
CA ALA B 72 17.36 22.87 -22.79
C ALA B 72 18.28 22.24 -23.84
N GLU B 73 18.39 22.89 -25.00
CA GLU B 73 19.31 22.50 -26.07
C GLU B 73 20.76 22.56 -25.59
N LYS B 74 21.13 23.67 -24.94
CA LYS B 74 22.47 23.87 -24.38
C LYS B 74 22.80 22.86 -23.29
N PHE B 75 21.88 22.66 -22.36
CA PHE B 75 22.08 21.76 -21.22
C PHE B 75 22.15 20.28 -21.64
N ARG B 76 21.34 19.88 -22.62
CA ARG B 76 21.40 18.51 -23.15
C ARG B 76 22.75 18.21 -23.79
N ALA B 77 23.22 19.14 -24.64
CA ALA B 77 24.54 19.04 -25.27
C ALA B 77 25.69 19.03 -24.25
N SER B 78 25.56 19.84 -23.20
CA SER B 78 26.56 19.89 -22.12
C SER B 78 26.64 18.59 -21.32
N ARG B 79 25.51 17.88 -21.20
CA ARG B 79 25.45 16.59 -20.50
C ARG B 79 25.82 15.40 -21.40
N ASN B 80 25.83 15.60 -22.71
CA ASN B 80 26.00 14.51 -23.68
C ASN B 80 27.47 14.14 -23.88
N TYR B 81 28.03 13.49 -22.86
CA TYR B 81 29.40 12.96 -22.93
C TYR B 81 29.52 11.67 -22.10
N ALA B 82 30.45 10.80 -22.51
CA ALA B 82 30.65 9.51 -21.86
C ALA B 82 31.14 9.69 -20.42
N LYS B 83 30.53 8.94 -19.50
CA LYS B 83 30.87 8.99 -18.08
C LYS B 83 31.06 7.58 -17.56
N PHE B 84 31.93 7.46 -16.54
CA PHE B 84 32.37 6.14 -16.06
C PHE B 84 32.87 6.19 -14.62
N SER B 85 32.74 5.06 -13.93
CA SER B 85 33.22 4.88 -12.56
C SER B 85 34.66 4.40 -12.58
N ALA B 86 35.26 4.31 -11.39
CA ALA B 86 36.51 3.58 -11.20
C ALA B 86 36.19 2.08 -11.30
N PRO B 87 37.12 1.27 -11.83
CA PRO B 87 36.85 -0.15 -11.96
C PRO B 87 37.21 -0.93 -10.70
N THR B 88 36.53 -2.07 -10.48
CA THR B 88 36.77 -2.94 -9.32
C THR B 88 37.18 -4.33 -9.79
N LEU B 89 38.32 -4.82 -9.29
CA LEU B 89 38.80 -6.17 -9.60
C LEU B 89 38.12 -7.18 -8.67
N LEU B 90 37.28 -8.04 -9.23
CA LEU B 90 36.69 -9.16 -8.48
C LEU B 90 37.64 -10.37 -8.48
N ASP B 91 37.32 -11.35 -7.64
CA ASP B 91 38.16 -12.55 -7.46
C ASP B 91 38.12 -13.55 -8.63
N ASP B 92 37.24 -13.31 -9.61
CA ASP B 92 37.29 -14.03 -10.90
C ASP B 92 38.37 -13.50 -11.86
N GLY B 93 39.09 -12.45 -11.46
CA GLY B 93 40.19 -11.89 -12.25
C GLY B 93 39.77 -10.83 -13.25
N HIS B 94 38.48 -10.50 -13.30
CA HIS B 94 37.93 -9.53 -14.25
C HIS B 94 37.59 -8.22 -13.55
N TRP B 95 37.59 -7.14 -14.33
CA TRP B 95 37.34 -5.78 -13.83
C TRP B 95 35.93 -5.31 -14.21
N TYR B 96 35.25 -4.69 -13.26
CA TYR B 96 33.85 -4.26 -13.41
C TYR B 96 33.74 -2.76 -13.12
N TRP B 97 33.02 -2.05 -13.99
CA TRP B 97 32.84 -0.59 -13.84
C TRP B 97 31.53 -0.13 -14.46
N PHE B 98 31.00 0.99 -13.96
CA PHE B 98 29.79 1.59 -14.52
C PHE B 98 30.14 2.49 -15.70
N TYR B 99 29.27 2.47 -16.71
CA TYR B 99 29.46 3.26 -17.93
C TYR B 99 28.13 3.84 -18.42
N ASN B 100 28.13 5.14 -18.67
CA ASN B 100 26.99 5.84 -19.26
C ASN B 100 27.41 6.34 -20.64
N ARG B 101 26.62 6.03 -21.66
CA ARG B 101 26.86 6.52 -23.03
C ARG B 101 26.81 8.04 -23.12
N GLY B 102 25.95 8.65 -22.32
CA GLY B 102 25.90 10.11 -22.19
C GLY B 102 24.66 10.60 -21.48
N LEU B 103 23.51 10.18 -22.01
CA LEU B 103 22.21 10.64 -21.52
C LEU B 103 21.31 9.49 -21.04
N GLN B 104 21.92 8.36 -20.67
CA GLN B 104 21.16 7.23 -20.11
C GLN B 104 20.69 7.58 -18.72
N SER B 105 19.45 7.22 -18.40
CA SER B 105 18.86 7.49 -17.10
C SER B 105 19.53 6.73 -15.96
N GLN B 106 20.08 5.56 -16.28
CA GLN B 106 20.91 4.79 -15.36
C GLN B 106 22.14 4.25 -16.08
N SER B 107 23.30 4.39 -15.43
CA SER B 107 24.55 3.84 -15.95
C SER B 107 24.51 2.31 -15.90
N VAL B 108 25.28 1.71 -16.80
CA VAL B 108 25.28 0.25 -16.99
C VAL B 108 26.57 -0.33 -16.45
N LEU B 109 26.46 -1.40 -15.68
CA LEU B 109 27.63 -2.10 -15.12
C LEU B 109 28.26 -2.97 -16.21
N TYR B 110 29.51 -2.66 -16.55
CA TYR B 110 30.29 -3.42 -17.54
C TYR B 110 31.23 -4.42 -16.87
N ARG B 111 31.65 -5.42 -17.65
CA ARG B 111 32.62 -6.43 -17.24
C ARG B 111 33.69 -6.52 -18.31
N SER B 112 34.96 -6.55 -17.90
CA SER B 112 36.09 -6.64 -18.84
C SER B 112 36.03 -7.95 -19.63
N LYS B 113 36.35 -7.86 -20.93
CA LYS B 113 36.39 -9.04 -21.80
C LYS B 113 37.49 -10.01 -21.37
N GLU B 114 38.66 -9.45 -21.01
CA GLU B 114 39.80 -10.21 -20.55
C GLU B 114 40.02 -10.04 -19.05
N PRO B 115 40.65 -11.04 -18.39
CA PRO B 115 40.99 -10.90 -16.97
C PRO B 115 42.26 -10.07 -16.78
N ALA B 116 42.15 -8.79 -17.11
CA ALA B 116 43.28 -7.85 -17.08
C ALA B 116 42.74 -6.44 -17.01
N LEU B 117 43.55 -5.51 -16.53
CA LEU B 117 43.15 -4.11 -16.42
C LEU B 117 43.01 -3.53 -17.83
N PRO B 118 41.79 -3.10 -18.22
CA PRO B 118 41.63 -2.57 -19.58
C PRO B 118 42.47 -1.32 -19.88
N ASP B 119 42.90 -1.20 -21.13
CA ASP B 119 43.36 0.07 -21.68
C ASP B 119 42.11 0.83 -22.09
N PHE B 120 41.63 1.71 -21.21
CA PHE B 120 40.34 2.37 -21.39
C PHE B 120 40.30 3.42 -22.51
N SER B 121 41.46 3.80 -23.05
CA SER B 121 41.51 4.63 -24.26
C SER B 121 40.92 3.96 -25.52
N LYS B 122 40.88 2.63 -25.53
CA LYS B 122 40.23 1.87 -26.60
C LYS B 122 38.70 2.07 -26.67
N GLY B 123 38.06 2.37 -25.53
CA GLY B 123 36.61 2.52 -25.45
C GLY B 123 35.98 1.41 -24.63
N ASP B 124 34.92 1.73 -23.90
CA ASP B 124 34.31 0.80 -22.93
C ASP B 124 33.72 -0.45 -23.60
N ASP B 125 33.02 -0.25 -24.72
CA ASP B 125 32.49 -1.36 -25.51
C ASP B 125 33.58 -2.19 -26.19
N ASN B 126 34.68 -1.55 -26.56
CA ASN B 126 35.84 -2.24 -27.13
C ASN B 126 36.66 -3.06 -26.13
N VAL B 127 36.56 -2.75 -24.84
CA VAL B 127 37.27 -3.51 -23.77
C VAL B 127 36.38 -4.28 -22.80
N GLY B 128 35.06 -4.17 -22.92
CA GLY B 128 34.13 -4.84 -22.01
C GLY B 128 32.76 -5.11 -22.59
N ASP B 129 32.03 -6.02 -21.94
CA ASP B 129 30.65 -6.34 -22.28
C ASP B 129 29.73 -5.93 -21.12
N VAL B 130 28.45 -5.78 -21.44
CA VAL B 130 27.42 -5.49 -20.44
C VAL B 130 27.31 -6.67 -19.49
N PHE B 131 27.37 -6.40 -18.18
CA PHE B 131 27.01 -7.40 -17.17
C PHE B 131 25.63 -7.09 -16.60
N PHE B 132 25.44 -5.86 -16.10
CA PHE B 132 24.19 -5.49 -15.44
C PHE B 132 23.67 -4.12 -15.90
N ASP B 133 22.52 -4.14 -16.57
CA ASP B 133 21.85 -2.94 -17.08
C ASP B 133 20.61 -2.67 -16.21
N PRO B 134 20.70 -1.70 -15.27
CA PRO B 134 19.53 -1.28 -14.47
C PRO B 134 18.29 -0.84 -15.27
N ASN B 135 18.51 -0.29 -16.46
CA ASN B 135 17.42 0.27 -17.28
C ASN B 135 16.35 -0.77 -17.68
N VAL B 136 16.75 -2.03 -17.82
CA VAL B 136 15.82 -3.12 -18.19
C VAL B 136 15.19 -3.88 -17.00
N LEU B 137 15.42 -3.42 -15.76
CA LEU B 137 14.79 -4.04 -14.58
C LEU B 137 13.26 -4.06 -14.68
N ALA B 138 12.71 -3.00 -15.27
CA ALA B 138 11.33 -2.97 -15.72
C ALA B 138 11.32 -2.61 -17.20
N ALA B 139 10.33 -3.12 -17.93
CA ALA B 139 10.16 -2.83 -19.36
C ALA B 139 9.95 -1.34 -19.62
N ASP B 140 9.16 -0.69 -18.76
CA ASP B 140 8.88 0.75 -18.86
C ASP B 140 9.97 1.68 -18.26
N GLY B 141 11.06 1.11 -17.73
CA GLY B 141 12.13 1.89 -17.12
C GLY B 141 11.80 2.46 -15.74
N SER B 142 10.74 1.96 -15.10
CA SER B 142 10.29 2.47 -13.81
C SER B 142 11.13 1.98 -12.63
N ALA B 143 11.81 0.84 -12.79
CA ALA B 143 12.58 0.23 -11.72
C ALA B 143 14.01 0.78 -11.70
N GLY B 144 14.45 1.21 -10.51
CA GLY B 144 15.79 1.78 -10.34
C GLY B 144 16.65 0.96 -9.39
N MET B 145 17.91 0.73 -9.79
CA MET B 145 18.90 0.12 -8.91
C MET B 145 19.45 1.21 -7.99
N VAL B 146 19.16 1.12 -6.70
CA VAL B 146 19.58 2.13 -5.72
C VAL B 146 20.99 1.87 -5.18
N LEU B 147 21.33 0.59 -5.02
CA LEU B 147 22.70 0.18 -4.69
C LEU B 147 22.94 -1.28 -5.07
N CYS B 148 24.19 -1.71 -5.01
CA CYS B 148 24.54 -3.10 -5.29
C CYS B 148 25.84 -3.49 -4.60
N LYS B 149 26.08 -4.81 -4.54
CA LYS B 149 27.26 -5.34 -3.88
C LYS B 149 27.59 -6.75 -4.38
N PHE B 150 28.74 -6.89 -5.03
CA PHE B 150 29.30 -8.22 -5.36
C PHE B 150 29.72 -8.91 -4.07
N SER B 151 29.63 -10.24 -4.05
CA SER B 151 30.17 -11.03 -2.94
C SER B 151 31.71 -10.96 -2.97
N PRO B 152 32.37 -11.22 -1.83
CA PRO B 152 33.85 -11.26 -1.77
C PRO B 152 34.50 -12.21 -2.79
N ASP B 153 33.94 -13.41 -2.93
CA ASP B 153 34.46 -14.40 -3.90
C ASP B 153 34.13 -14.07 -5.37
N GLY B 154 33.25 -13.09 -5.59
CA GLY B 154 32.92 -12.59 -6.93
C GLY B 154 31.88 -13.42 -7.67
N LYS B 155 31.25 -14.37 -6.98
CA LYS B 155 30.33 -15.31 -7.61
C LYS B 155 28.90 -14.79 -7.70
N PHE B 156 28.48 -13.96 -6.73
CA PHE B 156 27.13 -13.39 -6.74
C PHE B 156 27.11 -11.86 -6.70
N PHE B 157 25.99 -11.31 -7.18
CA PHE B 157 25.77 -9.87 -7.29
C PHE B 157 24.41 -9.58 -6.69
N ALA B 158 24.42 -9.01 -5.48
CA ALA B 158 23.20 -8.56 -4.81
C ALA B 158 22.91 -7.12 -5.24
N TYR B 159 21.63 -6.82 -5.51
CA TYR B 159 21.23 -5.48 -5.98
C TYR B 159 19.84 -5.08 -5.51
N ALA B 160 19.76 -3.88 -4.93
CA ALA B 160 18.51 -3.36 -4.36
C ALA B 160 17.77 -2.58 -5.45
N VAL B 161 16.50 -2.93 -5.66
CA VAL B 161 15.66 -2.33 -6.70
C VAL B 161 14.52 -1.55 -6.04
N SER B 162 14.36 -0.30 -6.46
CA SER B 162 13.23 0.55 -6.04
C SER B 162 12.21 0.64 -7.18
N TYR B 168 9.99 1.34 -0.28
CA TYR B 168 10.96 0.31 0.11
C TYR B 168 11.67 -0.27 -1.11
N SER B 169 12.94 -0.62 -0.95
CA SER B 169 13.69 -1.36 -1.96
C SER B 169 13.55 -2.86 -1.73
N THR B 170 13.85 -3.64 -2.76
CA THR B 170 13.84 -5.10 -2.69
C THR B 170 15.17 -5.60 -3.24
N ILE B 171 15.87 -6.43 -2.45
CA ILE B 171 17.17 -6.97 -2.86
C ILE B 171 16.97 -8.29 -3.59
N TYR B 172 17.57 -8.39 -4.78
CA TYR B 172 17.62 -9.63 -5.56
C TYR B 172 19.07 -10.06 -5.68
N VAL B 173 19.28 -11.34 -5.99
CA VAL B 173 20.62 -11.90 -6.15
C VAL B 173 20.67 -12.64 -7.48
N ARG B 174 21.78 -12.47 -8.19
CA ARG B 174 22.05 -13.21 -9.41
C ARG B 174 23.51 -13.66 -9.44
N SER B 175 23.77 -14.76 -10.15
CA SER B 175 25.15 -15.16 -10.44
C SER B 175 25.78 -14.11 -11.34
N THR B 176 27.07 -13.88 -11.17
CA THR B 176 27.80 -12.90 -12.00
C THR B 176 28.00 -13.39 -13.44
N SER B 177 27.89 -14.71 -13.64
CA SER B 177 27.87 -15.32 -14.97
C SER B 177 26.55 -15.17 -15.71
N SER B 178 25.51 -14.71 -15.00
CA SER B 178 24.19 -14.45 -15.57
C SER B 178 23.97 -12.93 -15.71
N PRO B 179 24.28 -12.36 -16.89
CA PRO B 179 24.11 -10.91 -17.06
C PRO B 179 22.66 -10.47 -17.25
N LEU B 180 22.36 -9.24 -16.83
CA LEU B 180 21.08 -8.59 -17.11
C LEU B 180 21.26 -7.59 -18.26
N SER B 181 20.56 -7.85 -19.36
CA SER B 181 20.56 -7.00 -20.55
C SER B 181 19.26 -7.22 -21.32
N GLN B 182 19.00 -6.39 -22.35
CA GLN B 182 17.83 -6.59 -23.20
C GLN B 182 17.89 -7.97 -23.89
N ALA B 183 19.08 -8.36 -24.32
CA ALA B 183 19.30 -9.68 -24.94
C ALA B 183 18.97 -10.84 -24.01
N SER B 184 19.48 -10.79 -22.78
CA SER B 184 19.22 -11.87 -21.80
C SER B 184 17.76 -11.94 -21.37
N VAL B 185 17.13 -10.76 -21.19
CA VAL B 185 15.71 -10.69 -20.84
C VAL B 185 14.83 -11.26 -21.96
N ALA B 186 15.14 -10.91 -23.21
CA ALA B 186 14.40 -11.43 -24.37
C ALA B 186 14.58 -12.93 -24.54
N GLN B 187 15.82 -13.39 -24.43
CA GLN B 187 16.18 -14.79 -24.69
C GLN B 187 15.67 -15.77 -23.61
N GLY B 188 15.58 -15.30 -22.37
CA GLY B 188 14.79 -15.97 -21.33
C GLY B 188 15.32 -17.25 -20.71
N VAL B 189 16.58 -17.59 -20.99
CA VAL B 189 17.23 -18.77 -20.40
C VAL B 189 17.95 -18.39 -19.09
N ASP B 190 18.53 -17.19 -19.06
CA ASP B 190 19.58 -16.79 -18.11
C ASP B 190 18.97 -15.68 -17.27
N GLY B 191 18.82 -15.91 -15.95
CA GLY B 191 18.27 -14.90 -15.04
C GLY B 191 18.70 -14.99 -13.57
N ARG B 192 17.99 -14.23 -12.75
CA ARG B 192 18.31 -14.12 -11.31
C ARG B 192 17.91 -15.37 -10.52
N LEU B 193 18.41 -15.45 -9.29
CA LEU B 193 17.97 -16.47 -8.33
C LEU B 193 16.56 -16.17 -7.83
N SER B 194 15.99 -17.14 -7.12
CA SER B 194 14.65 -17.02 -6.55
C SER B 194 14.54 -16.02 -5.39
N ASP B 195 15.67 -15.71 -4.76
CA ASP B 195 15.70 -14.85 -3.54
C ASP B 195 15.03 -13.49 -3.79
N GLU B 196 14.16 -13.09 -2.87
CA GLU B 196 13.41 -11.84 -2.95
C GLU B 196 13.30 -11.23 -1.55
N VAL B 197 14.26 -10.35 -1.23
CA VAL B 197 14.40 -9.79 0.12
C VAL B 197 13.78 -8.39 0.16
N LYS B 198 12.51 -8.33 0.57
CA LYS B 198 11.73 -7.09 0.59
C LYS B 198 11.93 -6.24 1.85
N TRP B 199 11.35 -5.03 1.82
CA TRP B 199 11.28 -4.11 2.97
C TRP B 199 12.64 -3.54 3.40
N PHE B 200 13.56 -3.46 2.44
CA PHE B 200 14.93 -2.97 2.64
C PHE B 200 14.89 -1.44 2.60
N LYS B 201 15.52 -0.78 3.58
CA LYS B 201 15.52 0.69 3.66
C LYS B 201 16.60 1.24 4.61
N PHE B 202 17.15 2.40 4.25
CA PHE B 202 18.19 3.09 5.02
C PHE B 202 19.34 2.17 5.40
N SER B 203 19.94 1.54 4.40
CA SER B 203 20.93 0.51 4.62
C SER B 203 21.78 0.25 3.39
N THR B 204 22.76 -0.63 3.54
CA THR B 204 23.56 -1.15 2.43
C THR B 204 23.54 -2.67 2.54
N ILE B 205 24.24 -3.33 1.61
CA ILE B 205 24.37 -4.79 1.61
C ILE B 205 25.77 -5.11 2.12
N ILE B 206 25.85 -5.88 3.21
CA ILE B 206 27.13 -6.25 3.83
C ILE B 206 27.29 -7.76 3.80
N TRP B 207 28.03 -8.25 2.81
CA TRP B 207 28.33 -9.68 2.69
C TRP B 207 29.22 -10.15 3.84
N THR B 208 28.96 -11.36 4.33
CA THR B 208 29.93 -12.09 5.16
C THR B 208 31.06 -12.57 4.25
N LYS B 209 32.27 -12.66 4.81
CA LYS B 209 33.47 -12.96 4.04
C LYS B 209 33.58 -14.39 3.48
N ASP B 210 32.70 -15.28 3.94
CA ASP B 210 32.48 -16.59 3.29
C ASP B 210 31.66 -16.56 1.97
N SER B 211 31.06 -15.40 1.65
CA SER B 211 30.20 -15.22 0.46
C SER B 211 28.90 -16.03 0.47
N LYS B 212 28.47 -16.48 1.64
CA LYS B 212 27.27 -17.33 1.78
C LYS B 212 25.99 -16.51 1.93
N GLY B 213 26.11 -15.30 2.45
CA GLY B 213 24.97 -14.42 2.62
C GLY B 213 25.36 -13.00 2.95
N PHE B 214 24.36 -12.16 3.19
CA PHE B 214 24.61 -10.75 3.47
C PHE B 214 23.69 -10.19 4.54
N LEU B 215 24.21 -9.19 5.25
CA LEU B 215 23.47 -8.45 6.26
C LEU B 215 22.78 -7.25 5.61
N TYR B 216 21.57 -6.94 6.08
CA TYR B 216 20.77 -5.83 5.57
C TYR B 216 19.77 -5.37 6.64
N GLN B 217 19.41 -4.10 6.63
CA GLN B 217 18.33 -3.59 7.49
C GLN B 217 17.00 -3.69 6.76
N ARG B 218 15.97 -4.13 7.47
CA ARG B 218 14.60 -4.11 6.98
C ARG B 218 13.63 -3.60 8.03
N TYR B 219 12.41 -3.31 7.59
CA TYR B 219 11.31 -2.87 8.44
C TYR B 219 10.20 -3.91 8.39
N PRO B 220 9.20 -3.80 9.29
CA PRO B 220 8.07 -4.74 9.23
C PRO B 220 7.22 -4.53 7.96
N ALA B 221 6.56 -5.60 7.52
CA ALA B 221 5.67 -5.53 6.34
C ALA B 221 4.40 -4.77 6.67
N ARG B 222 4.09 -3.72 5.89
CA ARG B 222 2.91 -2.88 6.14
C ARG B 222 2.05 -2.71 4.89
N ASP B 231 7.62 4.36 9.56
CA ASP B 231 8.66 3.34 9.65
C ASP B 231 9.25 3.26 11.06
N ARG B 232 8.92 2.19 11.78
CA ARG B 232 9.48 1.93 13.12
C ARG B 232 9.87 0.46 13.24
N ASN B 233 10.55 0.12 14.34
CA ASN B 233 10.97 -1.24 14.65
C ASN B 233 11.83 -1.86 13.55
N ALA B 234 12.91 -1.16 13.18
CA ALA B 234 13.87 -1.65 12.21
C ALA B 234 14.57 -2.89 12.75
N MET B 235 14.95 -3.80 11.84
CA MET B 235 15.64 -5.04 12.18
C MET B 235 16.88 -5.16 11.34
N MET B 236 18.00 -5.49 11.98
CA MET B 236 19.19 -5.91 11.25
C MET B 236 19.02 -7.42 11.03
N CYS B 237 19.03 -7.83 9.75
CA CYS B 237 18.79 -9.22 9.36
C CYS B 237 19.93 -9.77 8.51
N TYR B 238 20.01 -11.10 8.44
CA TYR B 238 20.96 -11.82 7.60
C TYR B 238 20.20 -12.68 6.60
N HIS B 239 20.52 -12.54 5.32
CA HIS B 239 19.95 -13.38 4.27
C HIS B 239 20.99 -14.35 3.74
N LYS B 240 20.64 -15.64 3.71
CA LYS B 240 21.50 -16.67 3.11
C LYS B 240 21.19 -16.76 1.61
N VAL B 241 22.24 -16.85 0.79
CA VAL B 241 22.08 -16.98 -0.67
C VAL B 241 21.50 -18.35 -1.02
N GLY B 242 20.52 -18.36 -1.93
CA GLY B 242 19.81 -19.57 -2.33
C GLY B 242 18.75 -20.03 -1.34
N THR B 243 18.03 -19.06 -0.75
CA THR B 243 16.94 -19.33 0.21
C THR B 243 15.91 -18.19 0.10
N THR B 244 14.80 -18.34 0.81
CA THR B 244 13.74 -17.32 0.85
C THR B 244 13.82 -16.49 2.14
N GLN B 245 13.11 -15.36 2.16
CA GLN B 245 13.19 -14.38 3.25
C GLN B 245 12.60 -14.87 4.59
N GLU B 246 11.79 -15.93 4.56
CA GLU B 246 11.26 -16.55 5.79
C GLU B 246 12.38 -17.21 6.61
N GLU B 247 13.44 -17.64 5.93
CA GLU B 247 14.61 -18.26 6.58
C GLU B 247 15.65 -17.27 7.09
N ASP B 248 15.43 -15.96 6.85
CA ASP B 248 16.39 -14.92 7.25
C ASP B 248 16.43 -14.74 8.77
N ILE B 249 17.65 -14.68 9.30
CA ILE B 249 17.89 -14.55 10.73
C ILE B 249 17.79 -13.09 11.13
N ILE B 250 17.09 -12.81 12.23
CA ILE B 250 17.13 -11.48 12.86
C ILE B 250 18.43 -11.41 13.65
N VAL B 251 19.33 -10.53 13.22
CA VAL B 251 20.63 -10.33 13.87
C VAL B 251 20.49 -9.38 15.07
N TYR B 252 19.73 -8.31 14.92
CA TYR B 252 19.41 -7.43 16.05
C TYR B 252 18.14 -6.60 15.84
N GLN B 253 17.39 -6.42 16.93
CA GLN B 253 16.24 -5.50 17.00
C GLN B 253 16.14 -4.99 18.44
N ASP B 254 15.51 -3.83 18.64
CA ASP B 254 15.23 -3.32 19.98
C ASP B 254 13.83 -2.69 20.01
N ASN B 255 12.85 -3.50 20.42
CA ASN B 255 11.45 -3.05 20.55
C ASN B 255 11.27 -2.02 21.68
N GLU B 256 12.19 -1.99 22.62
CA GLU B 256 12.24 -0.96 23.69
C GLU B 256 12.57 0.44 23.14
N HIS B 257 13.36 0.49 22.07
CA HIS B 257 13.69 1.74 21.37
C HIS B 257 13.31 1.61 19.88
N PRO B 258 12.01 1.70 19.56
CA PRO B 258 11.54 1.46 18.18
C PRO B 258 12.04 2.47 17.14
N GLU B 259 12.35 3.69 17.58
CA GLU B 259 12.87 4.73 16.69
C GLU B 259 14.33 4.53 16.24
N TRP B 260 15.10 3.70 16.96
CA TRP B 260 16.51 3.45 16.62
C TRP B 260 16.65 2.69 15.30
N ILE B 261 17.71 2.98 14.55
CA ILE B 261 18.06 2.23 13.32
C ILE B 261 19.46 1.63 13.43
N TYR B 262 19.83 0.80 12.46
CA TYR B 262 21.01 -0.06 12.57
C TYR B 262 21.84 -0.12 11.28
N GLY B 263 23.14 -0.33 11.48
CA GLY B 263 24.08 -0.61 10.39
C GLY B 263 25.01 -1.74 10.81
N ALA B 264 25.79 -2.24 9.85
CA ALA B 264 26.70 -3.35 10.12
C ALA B 264 27.95 -3.34 9.24
N ASP B 265 28.91 -4.15 9.66
CA ASP B 265 30.19 -4.31 8.94
C ASP B 265 30.79 -5.64 9.36
N THR B 266 31.55 -6.25 8.45
CA THR B 266 32.29 -7.49 8.74
C THR B 266 33.77 -7.28 8.44
N SER B 267 34.62 -7.79 9.32
CA SER B 267 36.07 -7.72 9.15
C SER B 267 36.53 -8.56 7.95
N GLU B 268 37.61 -8.13 7.32
CA GLU B 268 38.15 -8.81 6.14
C GLU B 268 38.65 -10.21 6.45
N ASP B 269 39.21 -10.41 7.64
CA ASP B 269 39.70 -11.73 8.07
C ASP B 269 38.59 -12.74 8.42
N GLY B 270 37.34 -12.28 8.57
CA GLY B 270 36.21 -13.15 8.88
C GLY B 270 35.97 -13.36 10.37
N LYS B 271 36.70 -12.64 11.21
CA LYS B 271 36.66 -12.82 12.67
C LYS B 271 35.52 -12.06 13.34
N TYR B 272 35.22 -10.84 12.86
CA TYR B 272 34.31 -9.93 13.55
C TYR B 272 33.06 -9.56 12.77
N LEU B 273 31.97 -9.37 13.53
CA LEU B 273 30.73 -8.76 13.04
C LEU B 273 30.47 -7.52 13.90
N TYR B 274 30.40 -6.36 13.25
CA TYR B 274 30.20 -5.08 13.94
C TYR B 274 28.75 -4.62 13.78
N LEU B 275 28.18 -4.08 14.86
CA LEU B 275 26.83 -3.52 14.85
C LEU B 275 26.89 -2.04 15.22
N TYR B 276 26.33 -1.20 14.36
CA TYR B 276 26.14 0.22 14.65
C TYR B 276 24.69 0.45 15.05
N GLN B 277 24.45 1.38 15.97
CA GLN B 277 23.09 1.78 16.36
C GLN B 277 22.98 3.30 16.35
N PHE B 278 21.93 3.82 15.71
CA PHE B 278 21.69 5.26 15.60
C PHE B 278 20.32 5.59 16.15
N LYS B 279 20.24 6.64 16.97
CA LYS B 279 18.98 7.10 17.59
C LYS B 279 18.32 8.25 16.83
N ASP B 280 19.12 9.02 16.09
CA ASP B 280 18.63 10.13 15.27
C ASP B 280 19.65 10.42 14.15
N THR B 281 19.45 11.49 13.38
CA THR B 281 20.38 11.87 12.30
C THR B 281 21.68 12.57 12.74
N SER B 282 21.90 12.72 14.06
CA SER B 282 23.22 13.20 14.56
C SER B 282 24.32 12.17 14.32
N LYS B 283 25.57 12.65 14.33
CA LYS B 283 26.75 11.80 14.13
C LYS B 283 27.18 11.17 15.46
N LYS B 284 26.31 10.32 16.00
CA LYS B 284 26.55 9.62 17.27
C LYS B 284 25.99 8.23 17.14
N ASN B 285 26.81 7.22 17.39
CA ASN B 285 26.38 5.83 17.29
C ASN B 285 27.02 4.94 18.35
N LEU B 286 26.30 3.87 18.68
CA LEU B 286 26.85 2.80 19.51
C LEU B 286 27.67 1.89 18.58
N LEU B 287 28.52 1.07 19.19
CA LEU B 287 29.37 0.14 18.45
C LEU B 287 29.59 -1.11 19.28
N TRP B 288 28.91 -2.19 18.91
CA TRP B 288 29.10 -3.50 19.54
C TRP B 288 29.84 -4.42 18.58
N VAL B 289 30.61 -5.35 19.14
CA VAL B 289 31.46 -6.26 18.36
C VAL B 289 31.12 -7.70 18.73
N ALA B 290 30.91 -8.53 17.72
CA ALA B 290 30.63 -9.96 17.88
C ALA B 290 31.72 -10.77 17.19
N GLU B 291 32.16 -11.87 17.82
CA GLU B 291 33.11 -12.80 17.22
C GLU B 291 32.37 -13.87 16.43
N LEU B 292 32.73 -14.03 15.16
CA LEU B 292 32.15 -15.06 14.30
C LEU B 292 32.98 -16.33 14.36
N ASP B 293 32.32 -17.47 14.60
CA ASP B 293 32.95 -18.78 14.54
C ASP B 293 32.43 -19.49 13.29
N GLU B 294 33.05 -20.61 12.90
CA GLU B 294 32.54 -21.53 11.87
C GLU B 294 31.02 -21.85 11.90
N ASP B 295 30.39 -21.76 13.06
CA ASP B 295 28.92 -21.90 13.18
C ASP B 295 28.09 -20.79 12.48
N GLY B 296 28.75 -19.70 12.05
CA GLY B 296 28.12 -18.70 11.17
C GLY B 296 27.34 -17.62 11.88
N VAL B 297 26.67 -16.78 11.09
CA VAL B 297 25.77 -15.76 11.64
C VAL B 297 24.51 -16.45 12.16
N LYS B 298 24.18 -16.23 13.44
CA LYS B 298 23.21 -17.02 14.18
C LYS B 298 22.20 -16.11 14.88
N SER B 299 21.21 -16.75 15.53
CA SER B 299 20.14 -16.03 16.21
C SER B 299 20.61 -15.37 17.50
N GLY B 300 21.39 -16.09 18.32
CA GLY B 300 21.84 -15.60 19.63
C GLY B 300 23.29 -15.13 19.66
N ILE B 301 23.64 -14.22 18.75
CA ILE B 301 24.98 -13.60 18.67
C ILE B 301 25.33 -12.92 20.00
N HIS B 302 26.54 -13.20 20.50
CA HIS B 302 27.04 -12.56 21.71
C HIS B 302 27.68 -11.21 21.36
N TRP B 303 27.05 -10.12 21.83
CA TRP B 303 27.54 -8.77 21.58
C TRP B 303 28.40 -8.27 22.73
N ARG B 304 29.61 -7.82 22.41
CA ARG B 304 30.46 -7.09 23.34
C ARG B 304 30.18 -5.60 23.14
N LYS B 305 29.72 -4.92 24.20
CA LYS B 305 29.26 -3.55 24.11
C LYS B 305 30.39 -2.53 24.31
N VAL B 306 31.21 -2.38 23.27
CA VAL B 306 32.44 -1.56 23.34
C VAL B 306 32.09 -0.08 23.54
N VAL B 307 31.26 0.46 22.64
CA VAL B 307 30.67 1.79 22.79
C VAL B 307 29.18 1.58 23.07
N ASN B 308 28.74 1.93 24.29
CA ASN B 308 27.35 1.71 24.70
C ASN B 308 26.66 2.98 25.21
N GLU B 309 27.15 4.16 24.80
CA GLU B 309 26.41 5.41 24.94
C GLU B 309 26.60 6.30 23.72
N TYR B 310 25.57 7.08 23.41
CA TYR B 310 25.63 8.08 22.34
C TYR B 310 26.45 9.27 22.79
N ALA B 311 27.63 9.40 22.20
CA ALA B 311 28.60 10.44 22.55
C ALA B 311 29.39 10.93 21.33
N ALA B 312 29.93 10.00 20.55
CA ALA B 312 30.74 10.33 19.37
C ALA B 312 30.43 9.44 18.16
N ASP B 313 31.00 9.83 17.03
CA ASP B 313 30.96 9.08 15.77
C ASP B 313 32.02 7.97 15.83
N TYR B 314 31.63 6.75 15.43
CA TYR B 314 32.56 5.60 15.36
C TYR B 314 32.29 4.82 14.08
N ASN B 315 33.32 4.70 13.23
CA ASN B 315 33.24 3.89 12.01
C ASN B 315 34.50 3.03 11.88
N ILE B 316 34.31 1.71 11.70
CA ILE B 316 35.43 0.77 11.61
C ILE B 316 36.17 0.95 10.28
N ILE B 317 37.49 0.98 10.34
CA ILE B 317 38.34 1.04 9.13
C ILE B 317 38.79 -0.38 8.79
N THR B 318 39.46 -1.03 9.74
CA THR B 318 39.91 -2.43 9.60
C THR B 318 40.35 -2.97 10.97
N ASN B 319 40.90 -4.18 10.97
CA ASN B 319 41.53 -4.74 12.17
C ASN B 319 42.74 -5.61 11.81
N HIS B 320 43.69 -5.68 12.73
CA HIS B 320 44.77 -6.65 12.68
C HIS B 320 44.74 -7.40 14.01
N GLY B 321 44.23 -8.64 13.97
CA GLY B 321 43.99 -9.42 15.18
C GLY B 321 42.92 -8.77 16.03
N SER B 322 43.18 -8.63 17.33
CA SER B 322 42.25 -7.98 18.26
C SER B 322 42.35 -6.44 18.26
N LEU B 323 43.31 -5.88 17.51
CA LEU B 323 43.48 -4.43 17.39
C LEU B 323 42.58 -3.89 16.28
N VAL B 324 41.60 -3.07 16.65
CA VAL B 324 40.59 -2.55 15.73
C VAL B 324 40.85 -1.06 15.46
N TYR B 325 40.92 -0.68 14.19
CA TYR B 325 41.16 0.70 13.77
C TYR B 325 39.83 1.39 13.46
N ILE B 326 39.59 2.55 14.07
CA ILE B 326 38.28 3.22 14.01
C ILE B 326 38.44 4.71 13.74
N LYS B 327 37.77 5.22 12.70
CA LYS B 327 37.66 6.67 12.47
C LYS B 327 36.64 7.23 13.45
N THR B 328 37.06 8.20 14.28
CA THR B 328 36.18 8.77 15.31
C THR B 328 36.42 10.26 15.53
N ASN B 329 35.38 10.93 16.03
CA ASN B 329 35.47 12.32 16.51
C ASN B 329 35.33 12.43 18.03
N LEU B 330 35.60 11.32 18.74
CA LEU B 330 35.60 11.29 20.21
C LEU B 330 36.68 12.22 20.76
N ASN B 331 36.25 13.29 21.43
CA ASN B 331 37.16 14.34 21.93
C ASN B 331 38.05 14.89 20.82
N ALA B 332 37.51 14.96 19.61
CA ALA B 332 38.27 15.31 18.41
C ALA B 332 37.33 15.79 17.30
N PRO B 333 36.82 17.04 17.42
CA PRO B 333 35.85 17.61 16.46
C PRO B 333 36.24 17.48 14.98
N GLN B 334 37.53 17.50 14.67
CA GLN B 334 38.03 17.33 13.30
C GLN B 334 38.31 15.87 12.90
N TYR B 335 37.88 14.91 13.73
CA TYR B 335 38.08 13.47 13.50
C TYR B 335 39.54 13.00 13.60
N LYS B 336 39.69 11.70 13.81
CA LYS B 336 41.00 11.06 13.96
C LYS B 336 40.84 9.55 13.84
N VAL B 337 41.97 8.83 13.83
CA VAL B 337 41.98 7.37 13.87
C VAL B 337 42.46 6.90 15.24
N ILE B 338 41.64 6.07 15.90
CA ILE B 338 42.02 5.40 17.15
C ILE B 338 42.20 3.90 16.93
N THR B 339 42.94 3.26 17.84
CA THR B 339 42.95 1.79 17.95
C THR B 339 42.33 1.39 19.28
N ILE B 340 41.47 0.38 19.25
CA ILE B 340 40.90 -0.22 20.44
C ILE B 340 41.34 -1.69 20.47
N ASP B 341 42.16 -2.04 21.46
CA ASP B 341 42.68 -3.39 21.61
C ASP B 341 41.68 -4.25 22.40
N LEU B 342 41.03 -5.18 21.70
CA LEU B 342 40.00 -6.04 22.30
C LEU B 342 40.53 -7.29 23.02
N SER B 343 41.84 -7.53 22.98
CA SER B 343 42.47 -8.57 23.80
C SER B 343 42.41 -8.22 25.30
N LYS B 344 42.43 -6.92 25.60
CA LYS B 344 42.28 -6.42 26.96
C LYS B 344 40.83 -6.55 27.42
N ASP B 345 40.64 -6.90 28.69
CA ASP B 345 39.28 -6.98 29.27
C ASP B 345 38.63 -5.61 29.33
N GLU B 346 39.38 -4.64 29.85
CA GLU B 346 39.04 -3.22 29.75
C GLU B 346 39.87 -2.69 28.58
N PRO B 347 39.25 -2.43 27.42
CA PRO B 347 40.04 -2.13 26.21
C PRO B 347 40.73 -0.76 26.29
N GLU B 348 42.02 -0.73 25.94
CA GLU B 348 42.81 0.51 25.91
C GLU B 348 42.63 1.23 24.56
N ILE B 349 42.32 2.53 24.64
CA ILE B 349 42.04 3.37 23.47
C ILE B 349 43.24 4.29 23.25
N ARG B 350 43.77 4.30 22.03
CA ARG B 350 44.99 5.06 21.69
C ARG B 350 44.84 5.72 20.34
N ASP B 351 45.49 6.87 20.17
CA ASP B 351 45.51 7.58 18.89
C ASP B 351 46.52 6.91 17.96
N PHE B 352 46.08 6.55 16.75
CA PHE B 352 46.95 5.98 15.71
C PHE B 352 47.41 7.11 14.78
N ILE B 353 46.44 7.86 14.27
CA ILE B 353 46.68 9.09 13.51
C ILE B 353 45.98 10.20 14.28
N PRO B 354 46.75 11.10 14.95
CA PRO B 354 46.11 12.11 15.80
C PRO B 354 45.26 13.14 15.05
N GLU B 355 44.37 13.81 15.78
CA GLU B 355 43.52 14.84 15.21
C GLU B 355 44.38 16.00 14.68
N GLU B 356 44.06 16.47 13.47
CA GLU B 356 44.60 17.71 12.95
C GLU B 356 43.65 18.84 13.34
N LYS B 357 44.18 19.89 13.96
CA LYS B 357 43.37 21.02 14.43
C LYS B 357 42.61 21.74 13.31
N ASP B 358 43.25 21.89 12.15
CA ASP B 358 42.69 22.69 11.04
C ASP B 358 42.45 21.89 9.75
N ALA B 359 42.13 20.60 9.90
CA ALA B 359 41.78 19.76 8.75
C ALA B 359 40.94 18.56 9.22
N LYS B 360 39.76 18.41 8.63
CA LYS B 360 38.84 17.31 8.97
C LYS B 360 39.31 16.02 8.33
N LEU B 361 39.46 14.97 9.13
CA LEU B 361 39.73 13.63 8.61
C LEU B 361 38.43 13.07 8.04
N ALA B 362 38.32 13.05 6.71
CA ALA B 362 37.07 12.75 6.01
C ALA B 362 36.86 11.27 5.73
N GLN B 363 37.93 10.57 5.35
CA GLN B 363 37.86 9.15 5.02
C GLN B 363 39.21 8.47 5.22
N VAL B 364 39.18 7.21 5.68
CA VAL B 364 40.39 6.37 5.73
C VAL B 364 40.06 4.94 5.29
N ASN B 365 40.76 4.47 4.26
CA ASN B 365 40.66 3.08 3.80
C ASN B 365 41.99 2.36 4.04
N CYS B 366 41.90 1.10 4.43
CA CYS B 366 43.07 0.22 4.48
C CYS B 366 43.34 -0.32 3.08
N ALA B 367 44.60 -0.27 2.64
CA ALA B 367 45.00 -0.70 1.29
C ALA B 367 46.27 -1.53 1.33
N ASN B 368 46.38 -2.51 0.42
CA ASN B 368 47.50 -3.46 0.39
C ASN B 368 47.79 -4.06 1.77
N GLU B 369 46.71 -4.53 2.41
CA GLU B 369 46.75 -5.19 3.74
C GLU B 369 47.14 -4.31 4.94
N GLU B 370 48.24 -3.57 4.84
CA GLU B 370 48.81 -2.85 5.99
C GLU B 370 48.94 -1.32 5.87
N TYR B 371 48.74 -0.76 4.67
CA TYR B 371 48.81 0.70 4.48
C TYR B 371 47.44 1.34 4.71
N PHE B 372 47.43 2.66 4.89
CA PHE B 372 46.19 3.42 5.04
C PHE B 372 46.19 4.61 4.08
N VAL B 373 45.13 4.76 3.29
CA VAL B 373 44.92 5.94 2.44
C VAL B 373 43.96 6.87 3.18
N ALA B 374 44.40 8.11 3.43
CA ALA B 374 43.60 9.09 4.17
C ALA B 374 43.24 10.31 3.31
N ILE B 375 42.00 10.77 3.43
CA ILE B 375 41.55 12.02 2.79
C ILE B 375 41.26 13.06 3.88
N TYR B 376 42.04 14.15 3.86
CA TYR B 376 41.82 15.31 4.74
C TYR B 376 41.13 16.42 3.96
N LYS B 377 40.20 17.11 4.61
CA LYS B 377 39.49 18.24 4.02
C LYS B 377 39.96 19.52 4.71
N ARG B 378 40.85 20.25 4.03
CA ARG B 378 41.47 21.49 4.55
C ARG B 378 40.96 22.68 3.75
N ASN B 379 40.31 23.63 4.44
CA ASN B 379 39.58 24.73 3.80
C ASN B 379 38.61 24.24 2.71
N VAL B 380 37.86 23.19 3.06
CA VAL B 380 36.85 22.59 2.18
C VAL B 380 37.44 22.01 0.87
N LYS B 381 38.72 21.64 0.91
CA LYS B 381 39.42 21.10 -0.26
C LYS B 381 40.19 19.84 0.15
N ASP B 382 39.97 18.75 -0.59
CA ASP B 382 40.48 17.45 -0.18
C ASP B 382 41.95 17.25 -0.53
N GLU B 383 42.68 16.62 0.40
CA GLU B 383 44.10 16.30 0.24
C GLU B 383 44.26 14.81 0.55
N ILE B 384 44.98 14.10 -0.31
CA ILE B 384 45.11 12.65 -0.21
C ILE B 384 46.51 12.29 0.26
N TYR B 385 46.60 11.46 1.30
CA TYR B 385 47.87 10.96 1.81
C TYR B 385 47.88 9.44 1.93
N LEU B 386 49.08 8.86 1.86
CA LEU B 386 49.32 7.44 2.09
C LEU B 386 50.09 7.29 3.39
N TYR B 387 49.56 6.49 4.31
CA TYR B 387 50.20 6.20 5.60
C TYR B 387 50.69 4.76 5.66
N SER B 388 51.80 4.54 6.37
CA SER B 388 52.34 3.20 6.60
C SER B 388 51.59 2.51 7.75
N LYS B 389 51.94 1.25 7.99
CA LYS B 389 51.39 0.48 9.12
C LYS B 389 51.76 1.09 10.49
N ALA B 390 52.90 1.78 10.55
CA ALA B 390 53.34 2.47 11.77
C ALA B 390 52.74 3.89 11.94
N GLY B 391 51.77 4.26 11.12
CA GLY B 391 51.14 5.58 11.18
C GLY B 391 52.00 6.72 10.67
N VAL B 392 53.00 6.41 9.84
CA VAL B 392 53.88 7.42 9.25
C VAL B 392 53.25 7.91 7.95
N GLN B 393 53.08 9.22 7.82
CA GLN B 393 52.60 9.83 6.58
C GLN B 393 53.70 9.77 5.52
N LEU B 394 53.57 8.81 4.59
CA LEU B 394 54.63 8.51 3.62
C LEU B 394 54.73 9.54 2.50
N THR B 395 53.60 9.86 1.88
CA THR B 395 53.56 10.78 0.73
C THR B 395 52.19 11.43 0.57
N ARG B 396 52.18 12.60 -0.08
CA ARG B 396 50.94 13.19 -0.54
C ARG B 396 50.72 12.77 -2.00
N LEU B 397 49.53 12.26 -2.29
CA LEU B 397 49.13 11.86 -3.64
C LEU B 397 48.27 12.96 -4.26
N ALA B 398 48.46 13.19 -5.57
CA ALA B 398 47.77 14.24 -6.32
C ALA B 398 47.87 15.62 -5.63
N PRO B 399 49.11 16.10 -5.42
CA PRO B 399 49.33 17.35 -4.67
C PRO B 399 48.75 18.61 -5.32
N ASP B 400 48.71 18.63 -6.67
CA ASP B 400 48.18 19.77 -7.42
C ASP B 400 46.65 19.75 -7.61
N PHE B 401 45.99 18.67 -7.20
CA PHE B 401 44.53 18.53 -7.36
C PHE B 401 43.77 19.48 -6.43
N VAL B 402 42.73 20.12 -6.98
CA VAL B 402 41.87 21.05 -6.26
C VAL B 402 40.41 20.65 -6.47
N GLY B 403 39.81 20.07 -5.43
CA GLY B 403 38.41 19.65 -5.45
C GLY B 403 38.07 18.65 -4.36
N ALA B 404 37.10 17.77 -4.66
CA ALA B 404 36.69 16.69 -3.77
C ALA B 404 37.23 15.33 -4.24
N ALA B 405 37.58 14.47 -3.29
CA ALA B 405 38.20 13.17 -3.59
C ALA B 405 37.58 12.04 -2.77
N SER B 406 37.59 10.84 -3.35
CA SER B 406 37.16 9.60 -2.68
C SER B 406 38.14 8.48 -3.02
N ILE B 407 38.09 7.40 -2.24
CA ILE B 407 38.94 6.23 -2.44
C ILE B 407 38.10 5.05 -2.92
N ALA B 408 38.66 4.26 -3.83
CA ALA B 408 38.07 3.01 -4.27
C ALA B 408 39.12 1.90 -4.18
N ASN B 409 38.91 0.94 -3.28
CA ASN B 409 39.79 -0.22 -3.16
C ASN B 409 39.17 -1.41 -2.43
N ARG B 410 39.85 -2.54 -2.53
CA ARG B 410 39.63 -3.70 -1.67
C ARG B 410 40.92 -3.93 -0.89
N GLN B 411 40.81 -4.12 0.42
CA GLN B 411 41.96 -4.14 1.35
C GLN B 411 43.09 -5.08 0.92
N LYS B 412 42.73 -6.31 0.53
CA LYS B 412 43.71 -7.35 0.24
C LYS B 412 44.53 -7.13 -1.05
N GLN B 413 44.04 -6.28 -1.95
CA GLN B 413 44.66 -6.09 -3.26
C GLN B 413 45.83 -5.13 -3.20
N THR B 414 46.74 -5.25 -4.18
CA THR B 414 47.95 -4.43 -4.25
C THR B 414 47.76 -3.09 -4.99
N HIS B 415 46.53 -2.60 -5.08
CA HIS B 415 46.26 -1.29 -5.67
C HIS B 415 45.09 -0.60 -4.98
N PHE B 416 44.95 0.68 -5.28
CA PHE B 416 43.74 1.43 -4.98
C PHE B 416 43.56 2.53 -6.01
N PHE B 417 42.34 3.05 -6.10
CA PHE B 417 42.05 4.20 -6.95
C PHE B 417 41.60 5.41 -6.14
N LEU B 418 41.75 6.57 -6.77
CA LEU B 418 41.14 7.81 -6.30
C LEU B 418 40.22 8.33 -7.41
N THR B 419 38.99 8.69 -7.06
CA THR B 419 38.10 9.42 -7.96
C THR B 419 38.16 10.90 -7.58
N LEU B 420 38.56 11.74 -8.54
CA LEU B 420 38.81 13.15 -8.29
C LEU B 420 37.89 14.02 -9.15
N SER B 421 37.28 15.03 -8.55
CA SER B 421 36.46 16.00 -9.28
C SER B 421 36.30 17.32 -8.53
N GLY B 422 35.86 18.34 -9.26
CA GLY B 422 35.62 19.66 -8.70
C GLY B 422 34.85 20.55 -9.66
N PHE B 423 34.89 21.85 -9.42
CA PHE B 423 34.14 22.82 -10.23
C PHE B 423 34.56 22.84 -11.70
N ASN B 424 35.84 22.56 -11.98
CA ASN B 424 36.32 22.41 -13.35
C ASN B 424 37.23 21.19 -13.55
N THR B 425 36.95 20.12 -12.80
CA THR B 425 37.54 18.79 -13.03
C THR B 425 36.37 17.82 -13.18
N PRO B 426 36.02 17.44 -14.43
CA PRO B 426 34.84 16.58 -14.64
C PRO B 426 34.90 15.19 -13.98
N GLY B 427 36.08 14.57 -13.97
CA GLY B 427 36.21 13.23 -13.40
C GLY B 427 37.49 12.53 -13.78
N THR B 428 38.48 12.62 -12.89
CA THR B 428 39.75 11.93 -13.06
C THR B 428 39.78 10.71 -12.13
N ILE B 429 40.18 9.56 -12.68
CA ILE B 429 40.35 8.32 -11.91
C ILE B 429 41.84 8.00 -11.88
N ALA B 430 42.45 8.15 -10.71
CA ALA B 430 43.89 7.90 -10.51
C ALA B 430 44.09 6.52 -9.91
N ARG B 431 45.16 5.83 -10.32
CA ARG B 431 45.52 4.52 -9.79
C ARG B 431 46.83 4.60 -9.04
N TYR B 432 46.91 3.92 -7.90
CA TYR B 432 48.16 3.69 -7.20
C TYR B 432 48.42 2.18 -7.19
N ASP B 433 49.61 1.80 -7.64
CA ASP B 433 49.99 0.40 -7.78
C ASP B 433 51.23 0.14 -6.93
N PHE B 434 51.05 -0.62 -5.85
CA PHE B 434 52.16 -0.96 -4.94
C PHE B 434 53.24 -1.85 -5.57
N THR B 435 52.88 -2.66 -6.57
CA THR B 435 53.85 -3.55 -7.24
C THR B 435 54.80 -2.84 -8.21
N ALA B 436 54.48 -1.62 -8.64
CA ALA B 436 55.33 -0.87 -9.56
C ALA B 436 56.58 -0.34 -8.85
N PRO B 437 57.62 0.07 -9.63
CA PRO B 437 58.77 0.76 -9.03
C PRO B 437 58.37 2.07 -8.37
N GLU B 438 59.02 2.40 -7.26
CA GLU B 438 58.58 3.46 -6.33
C GLU B 438 58.21 4.83 -6.95
N THR B 439 58.91 5.22 -8.00
CA THR B 439 58.65 6.49 -8.70
C THR B 439 57.44 6.41 -9.67
N GLN B 440 57.03 5.20 -10.05
CA GLN B 440 56.02 4.98 -11.09
C GLN B 440 54.70 4.36 -10.58
N ARG B 441 54.40 4.50 -9.29
CA ARG B 441 53.23 3.85 -8.69
C ARG B 441 51.93 4.61 -8.99
N PHE B 442 51.98 5.93 -8.82
CA PHE B 442 50.82 6.80 -9.08
C PHE B 442 50.69 7.08 -10.59
N SER B 443 49.47 6.92 -11.11
CA SER B 443 49.17 7.20 -12.52
C SER B 443 47.70 7.58 -12.72
N ILE B 444 47.39 8.15 -13.87
CA ILE B 444 46.01 8.46 -14.25
C ILE B 444 45.48 7.34 -15.14
N LEU B 445 44.43 6.66 -14.67
CA LEU B 445 43.77 5.61 -15.45
C LEU B 445 42.88 6.23 -16.52
N ARG B 446 41.99 7.13 -16.10
CA ARG B 446 41.02 7.77 -17.00
C ARG B 446 40.77 9.22 -16.62
N THR B 447 40.56 10.05 -17.65
CA THR B 447 40.12 11.44 -17.50
C THR B 447 38.82 11.59 -18.27
N THR B 448 37.82 12.18 -17.63
CA THR B 448 36.51 12.38 -18.25
C THR B 448 36.57 13.52 -19.27
N LYS B 449 36.16 13.24 -20.50
CA LYS B 449 36.14 14.22 -21.59
C LYS B 449 34.71 14.76 -21.75
N VAL B 450 34.55 16.07 -21.62
CA VAL B 450 33.22 16.71 -21.70
C VAL B 450 32.87 17.10 -23.15
N ASN B 451 31.69 17.68 -23.35
CA ASN B 451 31.19 18.06 -24.67
C ASN B 451 30.90 19.57 -24.73
N GLU B 452 31.41 20.23 -25.78
CA GLU B 452 31.28 21.68 -26.01
C GLU B 452 32.07 22.57 -25.04
N LEU B 453 31.82 22.42 -23.73
CA LEU B 453 32.60 23.10 -22.69
C LEU B 453 34.10 22.79 -22.74
N ASP B 454 34.91 23.78 -22.37
CA ASP B 454 36.31 23.59 -22.00
C ASP B 454 36.39 23.96 -20.52
N PRO B 455 36.74 23.00 -19.65
CA PRO B 455 36.90 23.31 -18.21
C PRO B 455 37.95 24.39 -17.90
N ASP B 456 38.96 24.54 -18.76
CA ASP B 456 40.00 25.56 -18.60
C ASP B 456 39.48 26.99 -18.77
N ASP B 457 38.31 27.16 -19.40
CA ASP B 457 37.66 28.48 -19.48
C ASP B 457 37.06 28.98 -18.15
N PHE B 458 37.06 28.15 -17.11
CA PHE B 458 36.42 28.47 -15.84
C PHE B 458 37.41 28.49 -14.68
N GLU B 459 37.34 29.56 -13.89
CA GLU B 459 38.18 29.75 -12.71
C GLU B 459 37.32 29.57 -11.46
N SER B 460 37.87 28.84 -10.47
CA SER B 460 37.28 28.74 -9.14
C SER B 460 38.28 29.31 -8.12
N THR B 461 37.79 30.19 -7.26
CA THR B 461 38.59 30.76 -6.16
C THR B 461 37.82 30.64 -4.85
N GLN B 462 38.55 30.77 -3.74
CA GLN B 462 37.94 30.78 -2.41
C GLN B 462 38.17 32.12 -1.74
N VAL B 463 37.09 32.78 -1.31
CA VAL B 463 37.14 34.08 -0.65
C VAL B 463 36.47 33.99 0.72
N TRP B 464 36.92 34.81 1.66
CA TRP B 464 36.39 34.81 3.02
C TRP B 464 35.56 36.05 3.29
N TYR B 465 34.42 35.86 3.97
CA TYR B 465 33.53 36.95 4.38
C TYR B 465 33.14 36.75 5.85
N GLU B 466 32.57 37.78 6.45
CA GLU B 466 32.25 37.80 7.88
C GLU B 466 30.74 37.80 8.09
N SER B 467 30.27 36.89 8.95
CA SER B 467 28.85 36.83 9.32
C SER B 467 28.55 37.89 10.37
N LYS B 468 27.27 38.02 10.74
CA LYS B 468 26.85 39.07 11.68
C LYS B 468 27.54 39.00 13.04
N ASP B 469 27.83 37.78 13.51
CA ASP B 469 28.52 37.58 14.79
C ASP B 469 30.06 37.64 14.75
N GLY B 470 30.63 37.97 13.59
CA GLY B 470 32.09 38.10 13.44
C GLY B 470 32.82 36.86 12.92
N THR B 471 32.10 35.74 12.75
CA THR B 471 32.72 34.49 12.29
C THR B 471 33.12 34.58 10.82
N LYS B 472 34.34 34.15 10.50
CA LYS B 472 34.87 34.19 9.14
C LYS B 472 34.55 32.89 8.41
N ILE B 473 33.95 33.01 7.22
CA ILE B 473 33.37 31.89 6.49
C ILE B 473 33.92 31.87 5.07
N PRO B 474 34.45 30.71 4.61
CA PRO B 474 34.92 30.65 3.23
C PRO B 474 33.77 30.44 2.25
N MET B 475 33.98 30.85 1.00
CA MET B 475 33.00 30.71 -0.06
C MET B 475 33.71 30.48 -1.39
N PHE B 476 33.31 29.42 -2.09
CA PHE B 476 33.78 29.18 -3.46
C PHE B 476 33.07 30.14 -4.41
N ILE B 477 33.84 30.72 -5.34
CA ILE B 477 33.27 31.55 -6.42
C ILE B 477 33.78 31.01 -7.74
N VAL B 478 32.84 30.54 -8.58
CA VAL B 478 33.15 30.02 -9.91
C VAL B 478 32.60 30.96 -10.97
N ARG B 479 33.39 31.23 -12.00
CA ARG B 479 33.00 32.09 -13.12
C ARG B 479 33.64 31.62 -14.42
N HIS B 480 33.05 32.03 -15.54
CA HIS B 480 33.75 31.98 -16.82
C HIS B 480 34.80 33.10 -16.78
N LYS B 481 35.99 32.81 -17.30
CA LYS B 481 37.14 33.71 -17.12
C LYS B 481 37.03 35.10 -17.78
N SER B 482 36.10 35.25 -18.71
CA SER B 482 35.76 36.56 -19.28
C SER B 482 34.93 37.44 -18.35
N THR B 483 34.24 36.83 -17.38
CA THR B 483 33.38 37.56 -16.44
C THR B 483 34.22 38.33 -15.43
N LYS B 484 33.87 39.62 -15.23
CA LYS B 484 34.60 40.50 -14.33
C LYS B 484 33.84 40.67 -13.02
N PHE B 485 34.58 40.78 -11.91
CA PHE B 485 33.99 41.15 -10.63
C PHE B 485 33.93 42.68 -10.54
N ASP B 486 32.99 43.27 -11.27
CA ASP B 486 32.84 44.73 -11.37
C ASP B 486 31.42 45.21 -11.03
N GLY B 487 30.70 44.43 -10.22
CA GLY B 487 29.34 44.77 -9.78
C GLY B 487 28.28 44.77 -10.87
N THR B 488 28.48 43.97 -11.93
CA THR B 488 27.51 43.83 -13.03
C THR B 488 26.97 42.40 -13.22
N ALA B 489 27.76 41.38 -12.88
CA ALA B 489 27.35 39.99 -13.08
C ALA B 489 26.21 39.59 -12.14
N ALA B 490 25.40 38.65 -12.59
CA ALA B 490 24.43 37.97 -11.74
C ALA B 490 25.15 36.85 -11.00
N ALA B 491 24.61 36.45 -9.86
CA ALA B 491 25.19 35.39 -9.05
C ALA B 491 24.14 34.34 -8.73
N ILE B 492 24.58 33.08 -8.66
CA ILE B 492 23.75 31.97 -8.24
C ILE B 492 24.39 31.36 -7.00
N GLN B 493 23.69 31.47 -5.88
CA GLN B 493 24.23 31.10 -4.58
C GLN B 493 23.59 29.79 -4.11
N TYR B 494 24.40 28.74 -4.03
CA TYR B 494 23.95 27.42 -3.58
C TYR B 494 24.28 27.20 -2.11
N GLY B 495 23.43 26.43 -1.45
CA GLY B 495 23.65 26.07 -0.05
C GLY B 495 22.85 24.85 0.37
N TYR B 496 23.33 24.19 1.42
CA TYR B 496 22.60 23.12 2.09
C TYR B 496 22.44 23.51 3.56
N GLY B 497 23.56 23.63 4.28
CA GLY B 497 23.57 24.15 5.63
C GLY B 497 22.92 23.28 6.69
N GLY B 498 23.47 22.07 6.88
CA GLY B 498 22.97 21.20 7.95
C GLY B 498 23.53 19.78 7.96
N PHE B 499 23.31 19.11 9.09
CA PHE B 499 23.52 17.67 9.25
C PHE B 499 24.98 17.22 9.07
N ALA B 500 25.92 18.15 9.29
CA ALA B 500 27.34 17.96 9.02
C ALA B 500 27.66 17.57 7.56
N THR B 501 26.81 17.98 6.63
CA THR B 501 27.00 17.73 5.21
C THR B 501 27.81 18.88 4.65
N SER B 502 29.00 18.57 4.12
CA SER B 502 29.87 19.59 3.53
C SER B 502 29.38 19.95 2.13
N ALA B 503 29.34 21.25 1.83
CA ALA B 503 29.01 21.73 0.49
C ALA B 503 30.26 21.68 -0.38
N ASP B 504 30.66 20.45 -0.74
CA ASP B 504 31.93 20.20 -1.42
C ASP B 504 31.90 20.63 -2.88
N PRO B 505 33.09 20.86 -3.48
CA PRO B 505 33.16 21.06 -4.93
C PRO B 505 32.66 19.87 -5.74
N PHE B 506 32.09 20.15 -6.90
CA PHE B 506 31.48 19.14 -7.77
C PHE B 506 31.42 19.69 -9.19
N PHE B 507 31.54 18.81 -10.18
CA PHE B 507 31.42 19.21 -11.58
C PHE B 507 29.98 19.16 -12.05
N SER B 508 29.51 20.29 -12.57
CA SER B 508 28.19 20.42 -13.16
C SER B 508 28.33 21.07 -14.53
N PRO B 509 28.16 20.29 -15.63
CA PRO B 509 28.21 20.91 -16.95
C PRO B 509 27.08 21.90 -17.20
N ILE B 510 25.93 21.70 -16.56
CA ILE B 510 24.78 22.61 -16.68
C ILE B 510 25.07 23.97 -16.05
N ILE B 511 25.68 23.98 -14.86
CA ILE B 511 26.06 25.22 -14.17
C ILE B 511 27.08 26.00 -15.00
N LEU B 512 28.17 25.33 -15.38
CA LEU B 512 29.22 25.96 -16.20
C LEU B 512 28.67 26.53 -17.52
N THR B 513 27.72 25.80 -18.13
CA THR B 513 27.03 26.25 -19.34
C THR B 513 26.20 27.51 -19.06
N PHE B 514 25.50 27.55 -17.94
CA PHE B 514 24.75 28.73 -17.52
C PHE B 514 25.67 29.93 -17.27
N LEU B 515 26.83 29.69 -16.65
CA LEU B 515 27.80 30.75 -16.37
C LEU B 515 28.38 31.35 -17.65
N GLN B 516 28.76 30.48 -18.60
CA GLN B 516 29.30 30.93 -19.88
C GLN B 516 28.27 31.64 -20.76
N THR B 517 27.02 31.16 -20.71
CA THR B 517 25.92 31.72 -21.49
C THR B 517 25.57 33.14 -21.06
N TYR B 518 25.43 33.35 -19.75
CA TYR B 518 24.98 34.63 -19.20
C TYR B 518 26.07 35.50 -18.57
N GLY B 519 27.29 34.98 -18.45
CA GLY B 519 28.35 35.68 -17.73
C GLY B 519 28.03 35.85 -16.25
N ALA B 520 27.34 34.86 -15.68
CA ALA B 520 26.99 34.87 -14.25
C ALA B 520 28.08 34.17 -13.46
N ILE B 521 27.97 34.24 -12.12
CA ILE B 521 28.90 33.53 -11.24
C ILE B 521 28.15 32.58 -10.33
N PHE B 522 28.86 31.56 -9.85
CA PHE B 522 28.32 30.54 -9.00
C PHE B 522 29.03 30.61 -7.65
N ALA B 523 28.24 30.65 -6.57
CA ALA B 523 28.74 30.88 -5.21
C ALA B 523 28.29 29.77 -4.26
N VAL B 524 29.21 29.27 -3.45
CA VAL B 524 28.93 28.21 -2.48
C VAL B 524 29.60 28.57 -1.14
N PRO B 525 28.90 29.34 -0.28
CA PRO B 525 29.43 29.63 1.05
C PRO B 525 29.40 28.40 1.97
N SER B 526 30.50 28.18 2.69
CA SER B 526 30.61 27.05 3.60
C SER B 526 29.97 27.42 4.94
N ILE B 527 28.65 27.58 4.93
CA ILE B 527 27.91 28.09 6.10
C ILE B 527 27.89 27.07 7.23
N ARG B 528 27.72 27.57 8.46
CA ARG B 528 27.63 26.72 9.64
C ARG B 528 26.34 25.89 9.60
N GLY B 529 26.42 24.69 10.18
CA GLY B 529 25.42 23.64 9.98
C GLY B 529 26.02 22.52 9.17
N GLY B 530 26.81 22.86 8.15
CA GLY B 530 27.62 21.89 7.42
C GLY B 530 28.78 21.38 8.26
N GLY B 531 29.47 20.36 7.74
CA GLY B 531 30.60 19.74 8.44
C GLY B 531 31.95 20.04 7.80
N GLU B 532 32.08 21.22 7.20
CA GLU B 532 33.31 21.61 6.49
C GLU B 532 34.51 21.70 7.41
N PHE B 533 34.26 22.17 8.64
CA PHE B 533 35.30 22.27 9.68
C PHE B 533 34.91 21.46 10.91
N GLY B 534 34.38 20.26 10.68
CA GLY B 534 34.12 19.30 11.73
C GLY B 534 32.88 19.57 12.58
N GLU B 535 32.85 18.89 13.73
CA GLU B 535 31.71 18.91 14.65
C GLU B 535 31.32 20.31 15.14
N GLU B 536 32.33 21.15 15.46
CA GLU B 536 32.07 22.51 15.97
C GLU B 536 31.40 23.41 14.93
N TRP B 537 31.67 23.15 13.66
CA TRP B 537 31.03 23.88 12.55
C TRP B 537 29.55 23.49 12.43
N HIS B 538 29.27 22.19 12.58
CA HIS B 538 27.89 21.68 12.64
C HIS B 538 27.15 22.22 13.87
N LYS B 539 27.78 22.12 15.03
CA LYS B 539 27.23 22.66 16.28
C LYS B 539 26.91 24.16 16.21
N GLY B 540 27.69 24.90 15.43
CA GLY B 540 27.46 26.33 15.19
C GLY B 540 26.21 26.69 14.41
N GLY B 541 25.60 25.73 13.71
CA GLY B 541 24.34 25.93 12.99
C GLY B 541 23.39 24.76 13.17
N ARG B 542 23.02 24.52 14.43
CA ARG B 542 22.25 23.33 14.82
C ARG B 542 21.36 23.60 16.03
N ARG B 543 20.10 23.17 15.94
CA ARG B 543 19.12 23.31 17.03
C ARG B 543 18.95 24.79 17.46
N GLU B 544 19.36 25.16 18.68
CA GLU B 544 19.24 26.55 19.15
C GLU B 544 20.11 27.55 18.36
N THR B 545 21.19 27.06 17.73
CA THR B 545 22.07 27.89 16.89
C THR B 545 21.72 27.88 15.38
N LYS B 546 20.61 27.24 15.00
CA LYS B 546 20.23 27.08 13.58
C LYS B 546 20.13 28.41 12.82
N VAL B 547 19.68 29.45 13.51
CA VAL B 547 19.62 30.82 12.98
C VAL B 547 20.95 31.31 12.37
N ASN B 548 22.08 30.83 12.90
CA ASN B 548 23.40 31.16 12.36
C ASN B 548 23.57 30.73 10.90
N THR B 549 23.01 29.57 10.54
CA THR B 549 23.04 29.07 9.16
C THR B 549 22.43 30.08 8.18
N PHE B 550 21.30 30.65 8.57
CA PHE B 550 20.59 31.65 7.77
C PHE B 550 21.36 32.97 7.72
N ASP B 551 21.87 33.40 8.88
CA ASP B 551 22.69 34.61 8.96
C ASP B 551 23.95 34.50 8.11
N ASP B 552 24.61 33.34 8.15
CA ASP B 552 25.77 33.03 7.29
C ASP B 552 25.42 33.11 5.80
N PHE B 553 24.28 32.53 5.44
CA PHE B 553 23.82 32.47 4.05
C PHE B 553 23.38 33.85 3.54
N ILE B 554 22.70 34.61 4.39
CA ILE B 554 22.28 35.98 4.04
C ILE B 554 23.50 36.91 3.94
N ALA B 555 24.42 36.82 4.90
CA ALA B 555 25.67 37.59 4.87
C ALA B 555 26.49 37.34 3.60
N ALA B 556 26.52 36.08 3.16
CA ALA B 556 27.19 35.69 1.91
C ALA B 556 26.67 36.47 0.70
N ALA B 557 25.34 36.55 0.58
CA ALA B 557 24.69 37.28 -0.52
C ALA B 557 24.97 38.79 -0.46
N GLN B 558 24.96 39.33 0.75
CA GLN B 558 25.25 40.76 0.97
C GLN B 558 26.71 41.09 0.65
N PHE B 559 27.60 40.18 1.03
CA PHE B 559 29.03 40.30 0.72
C PHE B 559 29.29 40.32 -0.79
N LEU B 560 28.59 39.45 -1.54
CA LEU B 560 28.72 39.39 -3.01
C LEU B 560 28.39 40.73 -3.68
N VAL B 561 27.33 41.38 -3.20
CA VAL B 561 26.93 42.70 -3.71
C VAL B 561 27.89 43.78 -3.23
N LYS B 562 28.15 43.81 -1.92
CA LYS B 562 29.02 44.81 -1.28
C LYS B 562 30.41 44.90 -1.92
N ASN B 563 31.04 43.74 -2.14
CA ASN B 563 32.41 43.67 -2.70
C ASN B 563 32.46 43.48 -4.23
N LYS B 564 31.37 43.82 -4.92
CA LYS B 564 31.32 43.95 -6.39
C LYS B 564 31.48 42.62 -7.17
N TYR B 565 31.24 41.48 -6.53
CA TYR B 565 31.22 40.20 -7.24
C TYR B 565 29.96 40.11 -8.09
N ALA B 566 28.83 40.52 -7.52
CA ALA B 566 27.54 40.50 -8.20
C ALA B 566 26.83 41.85 -8.10
N ALA B 567 25.94 42.11 -9.06
CA ALA B 567 25.20 43.37 -9.10
C ALA B 567 24.12 43.42 -8.02
N PRO B 568 23.69 44.64 -7.60
CA PRO B 568 22.61 44.75 -6.62
C PRO B 568 21.30 44.13 -7.11
N GLY B 569 20.73 43.25 -6.28
CA GLY B 569 19.51 42.53 -6.64
C GLY B 569 19.65 41.42 -7.68
N LYS B 570 20.87 41.01 -8.01
CA LYS B 570 21.12 39.94 -8.98
C LYS B 570 21.78 38.70 -8.35
N VAL B 571 21.43 38.42 -7.10
CA VAL B 571 21.83 37.19 -6.42
C VAL B 571 20.61 36.28 -6.32
N ALA B 572 20.63 35.18 -7.06
CA ALA B 572 19.61 34.15 -6.94
C ALA B 572 20.10 33.10 -5.96
N ILE B 573 19.18 32.45 -5.25
CA ILE B 573 19.51 31.40 -4.29
C ILE B 573 18.75 30.12 -4.61
N ASN B 574 19.45 28.99 -4.47
CA ASN B 574 18.92 27.66 -4.76
C ASN B 574 19.37 26.66 -3.71
N GLY B 575 18.53 25.66 -3.45
CA GLY B 575 18.86 24.60 -2.51
C GLY B 575 17.81 23.51 -2.51
N ALA B 576 18.23 22.28 -2.17
CA ALA B 576 17.33 21.12 -2.17
C ALA B 576 17.17 20.53 -0.76
N SER B 577 15.92 20.28 -0.38
CA SER B 577 15.54 19.62 0.88
C SER B 577 15.84 20.46 2.16
N ASN B 578 16.97 20.27 2.84
CA ASN B 578 17.40 21.22 3.89
C ASN B 578 17.82 22.54 3.22
N GLY B 579 18.41 22.44 2.03
CA GLY B 579 18.66 23.61 1.18
C GLY B 579 17.40 24.38 0.77
N GLY B 580 16.27 23.67 0.67
CA GLY B 580 14.98 24.30 0.44
C GLY B 580 14.51 25.09 1.65
N LEU B 581 14.65 24.51 2.85
CA LEU B 581 14.43 25.23 4.11
C LEU B 581 15.31 26.47 4.21
N LEU B 582 16.58 26.31 3.84
CA LEU B 582 17.54 27.42 3.81
C LEU B 582 17.05 28.60 2.98
N VAL B 583 16.70 28.34 1.71
CA VAL B 583 16.23 29.39 0.79
C VAL B 583 14.87 29.98 1.22
N MET B 584 13.95 29.14 1.70
CA MET B 584 12.62 29.59 2.11
C MET B 584 12.69 30.48 3.36
N GLY B 585 13.48 30.05 4.35
CA GLY B 585 13.75 30.86 5.54
C GLY B 585 14.55 32.11 5.23
N SER B 586 15.45 32.04 4.27
CA SER B 586 16.28 33.18 3.88
C SER B 586 15.50 34.34 3.24
N ILE B 587 14.57 34.03 2.33
CA ILE B 587 13.71 35.08 1.74
C ILE B 587 12.78 35.75 2.77
N VAL B 588 12.34 34.98 3.76
CA VAL B 588 11.55 35.51 4.87
C VAL B 588 12.36 36.45 5.77
N ARG B 589 13.58 36.06 6.11
CA ARG B 589 14.39 36.76 7.12
C ARG B 589 15.26 37.90 6.57
N ALA B 590 15.76 37.76 5.35
CA ALA B 590 16.66 38.77 4.75
C ALA B 590 15.91 40.06 4.45
N PRO B 591 16.63 41.21 4.44
CA PRO B 591 16.01 42.46 3.98
C PRO B 591 15.48 42.41 2.54
N GLU B 592 14.50 43.27 2.25
CA GLU B 592 13.91 43.38 0.91
C GLU B 592 14.99 43.68 -0.13
N GLY B 593 14.96 42.97 -1.26
CA GLY B 593 15.93 43.16 -2.34
C GLY B 593 17.30 42.51 -2.14
N THR B 594 17.47 41.71 -1.09
CA THR B 594 18.69 40.94 -0.88
C THR B 594 18.88 39.93 -2.01
N PHE B 595 17.78 39.28 -2.40
CA PHE B 595 17.78 38.30 -3.47
C PHE B 595 16.93 38.77 -4.66
N GLY B 596 17.35 38.40 -5.87
CA GLY B 596 16.60 38.63 -7.10
C GLY B 596 15.76 37.46 -7.56
N ALA B 597 16.07 36.27 -7.05
CA ALA B 597 15.27 35.07 -7.32
C ALA B 597 15.52 34.02 -6.25
N ALA B 598 14.54 33.12 -6.08
CA ALA B 598 14.63 32.04 -5.09
C ALA B 598 14.02 30.77 -5.66
N VAL B 599 14.72 29.65 -5.52
CA VAL B 599 14.25 28.36 -6.02
C VAL B 599 14.50 27.27 -4.95
N PRO B 600 13.53 27.08 -4.03
CA PRO B 600 13.57 25.94 -3.11
C PRO B 600 13.03 24.66 -3.75
N GLU B 601 13.83 23.58 -3.68
CA GLU B 601 13.48 22.30 -4.32
C GLU B 601 13.20 21.22 -3.28
N GLY B 602 11.91 20.92 -3.07
CA GLY B 602 11.48 19.86 -2.14
C GLY B 602 11.84 20.13 -0.69
N GLY B 603 11.70 21.39 -0.28
CA GLY B 603 12.22 21.84 1.00
C GLY B 603 11.34 21.59 2.20
N VAL B 604 11.97 21.57 3.37
CA VAL B 604 11.28 21.61 4.67
C VAL B 604 10.89 23.08 4.91
N ALA B 605 9.78 23.30 5.63
CA ALA B 605 9.23 24.67 5.79
C ALA B 605 8.33 24.84 7.02
N ASP B 606 7.47 23.86 7.26
CA ASP B 606 6.76 23.72 8.53
C ASP B 606 7.67 23.04 9.56
N LEU B 607 8.43 23.85 10.31
CA LEU B 607 9.31 23.34 11.37
C LEU B 607 8.58 23.01 12.69
N LEU B 608 7.30 23.34 12.80
CA LEU B 608 6.49 22.92 13.95
C LEU B 608 5.92 21.50 13.80
N LYS B 609 5.75 21.03 12.56
CA LYS B 609 5.17 19.70 12.29
C LYS B 609 6.07 18.70 11.52
N PHE B 610 7.31 19.08 11.19
CA PHE B 610 8.20 18.19 10.40
C PHE B 610 8.33 16.78 11.00
N HIS B 611 8.39 16.70 12.32
CA HIS B 611 8.55 15.44 13.05
C HIS B 611 7.31 14.50 13.04
N LYS B 612 6.15 15.03 12.66
CA LYS B 612 4.91 14.24 12.58
C LYS B 612 4.77 13.33 11.33
N PHE B 613 5.63 13.51 10.32
CA PHE B 613 5.52 12.81 9.04
C PHE B 613 6.73 11.95 8.72
N THR B 614 6.48 10.74 8.20
CA THR B 614 7.51 9.79 7.70
C THR B 614 8.76 9.75 8.60
N GLY B 615 9.95 9.99 8.04
CA GLY B 615 11.21 9.99 8.81
C GLY B 615 11.67 11.33 9.35
N GLY B 616 10.74 12.26 9.56
CA GLY B 616 11.07 13.59 10.08
C GLY B 616 11.54 13.62 11.52
N GLN B 617 11.04 12.68 12.34
CA GLN B 617 11.39 12.58 13.78
C GLN B 617 12.91 12.51 14.05
N ALA B 618 13.66 11.90 13.15
CA ALA B 618 15.13 11.84 13.26
C ALA B 618 15.80 13.21 13.14
N TRP B 619 15.15 14.15 12.44
CA TRP B 619 15.71 15.49 12.22
C TRP B 619 15.58 16.43 13.42
N ILE B 620 14.96 15.96 14.52
CA ILE B 620 15.02 16.65 15.83
C ILE B 620 16.47 16.94 16.25
N SER B 621 17.39 16.04 15.88
CA SER B 621 18.83 16.26 16.02
C SER B 621 19.33 17.60 15.44
N GLU B 622 18.73 18.03 14.34
CA GLU B 622 19.11 19.26 13.63
C GLU B 622 18.27 20.47 14.03
N TYR B 623 16.95 20.31 14.10
CA TYR B 623 16.03 21.43 14.28
C TYR B 623 15.53 21.64 15.71
N GLY B 624 15.62 20.62 16.55
CA GLY B 624 14.99 20.63 17.88
C GLY B 624 13.61 20.01 17.83
N ASN B 625 13.03 19.77 19.00
CA ASN B 625 11.70 19.16 19.13
C ASN B 625 10.66 20.24 19.40
N PRO B 626 9.66 20.42 18.51
CA PRO B 626 8.58 21.39 18.75
C PRO B 626 7.71 21.13 19.99
N SER B 627 7.61 19.87 20.39
CA SER B 627 6.85 19.50 21.59
C SER B 627 7.51 19.91 22.92
N ILE B 628 8.82 20.14 22.91
CA ILE B 628 9.54 20.59 24.10
C ILE B 628 9.44 22.13 24.18
N PRO B 629 8.79 22.66 25.24
CA PRO B 629 8.57 24.11 25.39
C PRO B 629 9.79 25.00 25.19
N GLU B 630 10.93 24.59 25.73
CA GLU B 630 12.19 25.33 25.61
C GLU B 630 12.62 25.42 24.15
N GLU B 631 12.45 24.32 23.43
CA GLU B 631 12.91 24.21 22.05
C GLU B 631 11.93 24.80 21.05
N PHE B 632 10.62 24.70 21.34
CA PHE B 632 9.60 25.46 20.60
C PHE B 632 9.96 26.95 20.50
N ASP B 633 10.44 27.53 21.59
CA ASP B 633 10.77 28.96 21.66
C ASP B 633 11.87 29.42 20.70
N TYR B 634 12.76 28.51 20.26
CA TYR B 634 13.73 28.83 19.20
C TYR B 634 13.39 28.30 17.79
N ILE B 635 12.42 27.39 17.70
CA ILE B 635 11.95 26.87 16.41
C ILE B 635 10.89 27.79 15.80
N TYR B 636 9.88 28.13 16.59
CA TYR B 636 8.74 28.96 16.14
C TYR B 636 9.12 30.26 15.40
N PRO B 637 10.08 31.04 15.93
CA PRO B 637 10.49 32.25 15.20
C PRO B 637 11.27 31.98 13.90
N LEU B 638 11.80 30.77 13.72
CA LEU B 638 12.57 30.39 12.53
C LEU B 638 11.73 29.72 11.43
N SER B 639 10.67 29.00 11.81
CA SER B 639 9.81 28.27 10.85
C SER B 639 9.31 29.16 9.71
N PRO B 640 9.78 28.90 8.45
CA PRO B 640 9.32 29.70 7.30
C PRO B 640 7.81 29.83 7.12
N VAL B 641 7.07 28.74 7.35
CA VAL B 641 5.60 28.73 7.25
C VAL B 641 4.92 29.72 8.20
N HIS B 642 5.50 29.94 9.37
CA HIS B 642 4.89 30.76 10.42
C HIS B 642 5.48 32.18 10.56
N ASN B 643 6.37 32.59 9.65
CA ASN B 643 7.03 33.90 9.74
C ASN B 643 6.95 34.75 8.46
N VAL B 644 6.05 34.39 7.53
CA VAL B 644 5.83 35.21 6.33
C VAL B 644 5.10 36.49 6.74
N ARG B 645 5.53 37.63 6.18
CA ARG B 645 4.96 38.94 6.48
C ARG B 645 4.17 39.48 5.29
N THR B 646 3.40 40.53 5.55
CA THR B 646 2.60 41.20 4.52
C THR B 646 3.29 42.44 3.92
N ASP B 647 4.39 42.90 4.52
CA ASP B 647 5.02 44.19 4.17
C ASP B 647 6.36 44.11 3.44
N LYS B 648 6.83 42.90 3.14
CA LYS B 648 8.09 42.70 2.40
C LYS B 648 7.82 42.18 1.00
N VAL B 649 8.33 42.89 -0.01
CA VAL B 649 8.30 42.43 -1.40
C VAL B 649 9.24 41.22 -1.51
N MET B 650 8.69 40.08 -1.91
CA MET B 650 9.47 38.85 -2.08
C MET B 650 10.07 38.82 -3.49
N PRO B 651 11.25 38.16 -3.64
CA PRO B 651 11.80 37.97 -4.98
C PRO B 651 10.99 36.94 -5.77
N ALA B 652 11.17 36.93 -7.09
CA ALA B 652 10.55 35.92 -7.95
C ALA B 652 10.91 34.54 -7.40
N THR B 653 9.89 33.74 -7.08
CA THR B 653 10.07 32.45 -6.43
C THR B 653 9.46 31.36 -7.29
N LEU B 654 10.24 30.31 -7.56
CA LEU B 654 9.76 29.08 -8.19
C LEU B 654 10.06 27.92 -7.27
N ILE B 655 9.04 27.44 -6.57
CA ILE B 655 9.16 26.28 -5.68
C ILE B 655 8.96 25.03 -6.54
N THR B 656 9.77 23.99 -6.32
CA THR B 656 9.63 22.73 -7.06
C THR B 656 9.49 21.56 -6.08
N VAL B 657 8.54 20.67 -6.36
CA VAL B 657 8.34 19.45 -5.56
C VAL B 657 7.94 18.28 -6.42
N ASN B 658 8.18 17.08 -5.89
CA ASN B 658 7.63 15.85 -6.44
C ASN B 658 6.55 15.39 -5.48
N ILE B 659 5.33 15.20 -5.99
CA ILE B 659 4.19 14.80 -5.15
C ILE B 659 4.43 13.45 -4.44
N GLY B 660 5.21 12.57 -5.07
CA GLY B 660 5.59 11.28 -4.49
C GLY B 660 6.81 11.27 -3.59
N ASP B 661 7.29 12.44 -3.16
CA ASP B 661 8.44 12.55 -2.26
C ASP B 661 8.03 12.07 -0.87
N GLY B 662 8.63 10.95 -0.45
CA GLY B 662 8.42 10.40 0.90
C GLY B 662 9.43 10.85 1.93
N ARG B 663 10.56 11.40 1.50
CA ARG B 663 11.59 11.90 2.41
C ARG B 663 11.11 13.19 3.08
N VAL B 664 10.88 14.21 2.27
CA VAL B 664 10.27 15.48 2.71
C VAL B 664 8.92 15.55 2.04
N VAL B 665 7.85 15.35 2.82
CA VAL B 665 6.48 15.41 2.29
C VAL B 665 6.20 16.78 1.62
N PRO B 666 5.56 16.77 0.44
CA PRO B 666 5.34 18.02 -0.32
C PRO B 666 4.44 19.04 0.41
N MET B 667 3.69 18.57 1.40
CA MET B 667 3.09 19.38 2.46
C MET B 667 3.85 20.67 2.80
N HIS B 668 5.14 20.53 3.07
CA HIS B 668 5.99 21.65 3.49
C HIS B 668 5.96 22.78 2.47
N SER B 669 6.23 22.46 1.22
CA SER B 669 6.22 23.44 0.13
C SER B 669 4.82 23.99 -0.19
N PHE B 670 3.79 23.15 -0.07
CA PHE B 670 2.40 23.58 -0.33
C PHE B 670 1.94 24.65 0.66
N LYS B 671 2.22 24.43 1.95
CA LYS B 671 1.88 25.40 3.00
C LYS B 671 2.60 26.73 2.82
N PHE B 672 3.87 26.68 2.46
CA PHE B 672 4.68 27.89 2.29
C PHE B 672 4.20 28.76 1.12
N ILE B 673 4.00 28.15 -0.04
CA ILE B 673 3.52 28.89 -1.24
C ILE B 673 2.10 29.44 -1.03
N ALA B 674 1.24 28.69 -0.36
CA ALA B 674 -0.11 29.14 -0.01
C ALA B 674 -0.07 30.33 0.95
N THR B 675 0.85 30.27 1.91
CA THR B 675 1.07 31.35 2.87
C THR B 675 1.67 32.60 2.21
N LEU B 676 2.65 32.40 1.33
CA LEU B 676 3.20 33.49 0.50
C LEU B 676 2.10 34.17 -0.33
N GLN B 677 1.33 33.37 -1.05
CA GLN B 677 0.27 33.85 -1.93
C GLN B 677 -0.87 34.57 -1.19
N HIS B 678 -1.15 34.12 0.04
CA HIS B 678 -2.13 34.79 0.91
C HIS B 678 -1.61 36.12 1.46
N ASN B 679 -0.35 36.13 1.91
CA ASN B 679 0.22 37.30 2.58
C ASN B 679 0.60 38.44 1.64
N VAL B 680 1.17 38.12 0.49
CA VAL B 680 1.58 39.13 -0.51
C VAL B 680 0.96 38.79 -1.88
N PRO B 681 -0.39 38.77 -1.97
CA PRO B 681 -1.05 38.38 -3.22
C PRO B 681 -0.73 39.29 -4.40
N GLN B 682 -0.46 40.58 -4.11
CA GLN B 682 -0.10 41.57 -5.13
C GLN B 682 1.41 41.76 -5.32
N ASN B 683 2.22 40.78 -4.90
CA ASN B 683 3.68 40.84 -5.08
C ASN B 683 4.00 41.08 -6.55
N PRO B 684 4.87 42.06 -6.86
CA PRO B 684 5.15 42.37 -8.27
C PRO B 684 5.85 41.25 -9.04
N HIS B 685 6.53 40.36 -8.29
CA HIS B 685 7.21 39.20 -8.86
C HIS B 685 6.40 37.93 -8.60
N PRO B 686 6.45 36.96 -9.53
CA PRO B 686 5.64 35.76 -9.42
C PRO B 686 6.08 34.82 -8.31
N LEU B 687 5.10 34.29 -7.58
CA LEU B 687 5.33 33.31 -6.52
C LEU B 687 4.60 32.03 -6.96
N LEU B 688 5.38 31.12 -7.54
CA LEU B 688 4.87 29.94 -8.22
C LEU B 688 5.34 28.66 -7.55
N ILE B 689 4.63 27.57 -7.84
CA ILE B 689 5.09 26.22 -7.48
C ILE B 689 4.90 25.29 -8.67
N LYS B 690 5.97 24.58 -9.02
CA LYS B 690 5.98 23.60 -10.10
C LYS B 690 5.90 22.23 -9.45
N ILE B 691 4.88 21.44 -9.80
CA ILE B 691 4.61 20.17 -9.12
C ILE B 691 4.68 19.01 -10.11
N ASP B 692 5.70 18.16 -9.95
CA ASP B 692 5.82 16.92 -10.71
C ASP B 692 4.88 15.89 -10.10
N LYS B 693 4.05 15.28 -10.95
CA LYS B 693 3.05 14.30 -10.51
C LYS B 693 3.38 12.85 -10.93
N SER B 694 4.67 12.57 -11.12
CA SER B 694 5.16 11.21 -11.30
C SER B 694 5.55 10.67 -9.91
N TRP B 695 4.84 9.63 -9.46
CA TRP B 695 5.01 9.08 -8.10
C TRP B 695 6.40 8.45 -7.94
N LEU B 696 7.33 9.29 -7.48
CA LEU B 696 8.74 8.92 -7.30
C LEU B 696 8.94 7.91 -6.17
N GLY B 697 9.61 6.80 -6.49
CA GLY B 697 9.78 5.69 -5.56
C GLY B 697 10.78 5.95 -4.45
N ALA B 698 10.76 5.09 -3.43
CA ALA B 698 11.64 5.22 -2.28
C ALA B 698 13.09 4.94 -2.63
N GLY B 701 15.30 8.34 -9.17
CA GLY B 701 15.63 9.49 -10.00
C GLY B 701 14.79 9.52 -11.27
N LYS B 702 14.53 10.73 -11.77
CA LYS B 702 13.73 10.91 -12.97
C LYS B 702 14.54 10.53 -14.21
N PRO B 703 13.85 10.41 -15.37
CA PRO B 703 14.61 10.23 -16.62
C PRO B 703 15.51 11.41 -16.96
N THR B 704 16.55 11.16 -17.76
CA THR B 704 17.51 12.19 -18.17
C THR B 704 16.86 13.35 -18.91
N ASP B 705 16.00 13.04 -19.88
CA ASP B 705 15.29 14.08 -20.65
C ASP B 705 14.40 14.98 -19.77
N LYS B 706 13.78 14.38 -18.77
CA LYS B 706 12.97 15.10 -17.78
C LYS B 706 13.82 16.00 -16.89
N ASN B 707 14.99 15.51 -16.45
CA ASN B 707 15.94 16.32 -15.67
C ASN B 707 16.41 17.56 -16.45
N VAL B 708 16.75 17.36 -17.72
CA VAL B 708 17.20 18.43 -18.61
C VAL B 708 16.11 19.51 -18.78
N LYS B 709 14.87 19.07 -18.94
CA LYS B 709 13.73 19.97 -19.08
C LYS B 709 13.52 20.77 -17.78
N ASP B 710 13.60 20.09 -16.65
CA ASP B 710 13.47 20.73 -15.33
C ASP B 710 14.60 21.72 -15.05
N ALA B 711 15.82 21.36 -15.42
CA ALA B 711 16.97 22.26 -15.33
C ALA B 711 16.74 23.52 -16.17
N ALA B 712 16.33 23.33 -17.42
CA ALA B 712 16.02 24.44 -18.32
C ALA B 712 14.94 25.38 -17.76
N ASP B 713 13.94 24.82 -17.08
CA ASP B 713 12.88 25.62 -16.41
C ASP B 713 13.45 26.44 -15.25
N LYS B 714 14.18 25.79 -14.36
CA LYS B 714 14.76 26.43 -13.17
C LYS B 714 15.71 27.57 -13.53
N TRP B 715 16.70 27.27 -14.37
CA TRP B 715 17.72 28.23 -14.75
C TRP B 715 17.20 29.34 -15.67
N GLY B 716 16.22 29.00 -16.51
CA GLY B 716 15.51 30.00 -17.32
C GLY B 716 14.67 30.96 -16.50
N PHE B 717 13.99 30.43 -15.48
CA PHE B 717 13.22 31.26 -14.52
C PHE B 717 14.13 32.26 -13.80
N ILE B 718 15.29 31.78 -13.35
CA ILE B 718 16.27 32.64 -12.68
C ILE B 718 16.78 33.70 -13.67
N ALA B 719 17.16 33.25 -14.87
CA ALA B 719 17.67 34.16 -15.91
C ALA B 719 16.71 35.31 -16.19
N ARG B 720 15.43 34.99 -16.40
CA ARG B 720 14.41 36.00 -16.67
C ARG B 720 14.12 36.89 -15.45
N ALA B 721 14.08 36.29 -14.25
CA ALA B 721 13.88 37.04 -13.00
C ALA B 721 14.97 38.09 -12.76
N LEU B 722 16.22 37.76 -13.13
CA LEU B 722 17.35 38.69 -13.03
C LEU B 722 17.59 39.56 -14.28
N GLY B 723 16.72 39.44 -15.28
CA GLY B 723 16.82 40.25 -16.51
C GLY B 723 18.02 39.94 -17.39
N LEU B 724 18.39 38.67 -17.46
CA LEU B 724 19.54 38.23 -18.27
C LEU B 724 19.09 37.82 -19.67
N GLU B 725 19.87 38.24 -20.67
CA GLU B 725 19.59 37.94 -22.09
C GLU B 725 20.69 37.05 -22.67
N LEU B 726 20.33 36.30 -23.72
CA LEU B 726 21.27 35.41 -24.39
C LEU B 726 22.13 36.17 -25.38
N LYS B 727 23.44 35.93 -25.33
CA LYS B 727 24.39 36.42 -26.34
C LYS B 727 24.19 35.74 -27.69
N PHE C 2 -19.98 -21.94 -5.72
CA PHE C 2 -19.30 -20.61 -5.87
C PHE C 2 -19.83 -19.83 -7.06
N ASP C 3 -19.94 -18.52 -6.90
CA ASP C 3 -20.35 -17.58 -7.95
C ASP C 3 -19.32 -16.45 -7.97
N THR C 4 -18.57 -16.35 -9.07
CA THR C 4 -17.51 -15.34 -9.24
C THR C 4 -18.07 -13.92 -9.19
N ASN C 5 -19.15 -13.69 -9.93
CA ASN C 5 -19.76 -12.37 -10.02
C ASN C 5 -20.43 -11.93 -8.70
N ALA C 6 -20.89 -12.91 -7.91
CA ALA C 6 -21.53 -12.64 -6.62
C ALA C 6 -20.55 -12.25 -5.49
N THR C 7 -19.26 -12.51 -5.67
CA THR C 7 -18.24 -12.12 -4.67
C THR C 7 -17.96 -10.62 -4.60
N ARG C 8 -18.46 -9.85 -5.58
CA ARG C 8 -18.28 -8.39 -5.63
C ARG C 8 -19.61 -7.60 -5.53
N LEU C 9 -20.67 -8.26 -5.04
CA LEU C 9 -21.94 -7.58 -4.80
C LEU C 9 -21.83 -6.70 -3.57
N PRO C 10 -22.70 -5.67 -3.46
CA PRO C 10 -22.82 -5.00 -2.18
C PRO C 10 -23.65 -5.89 -1.25
N ILE C 11 -22.96 -6.82 -0.58
CA ILE C 11 -23.56 -7.80 0.32
C ILE C 11 -22.65 -7.99 1.53
N TRP C 12 -23.22 -8.41 2.68
CA TRP C 12 -22.50 -8.45 3.95
C TRP C 12 -21.25 -9.35 3.98
N GLY C 13 -21.40 -10.62 3.57
CA GLY C 13 -20.31 -11.60 3.70
C GLY C 13 -20.52 -12.87 2.92
N ILE C 14 -19.40 -13.46 2.49
CA ILE C 14 -19.40 -14.71 1.69
C ILE C 14 -19.23 -15.94 2.58
N TRP C 19 -26.53 -12.73 3.33
CA TRP C 19 -27.21 -11.47 2.99
C TRP C 19 -27.56 -10.56 4.18
N THR C 20 -27.11 -10.92 5.39
CA THR C 20 -27.36 -10.13 6.61
C THR C 20 -26.16 -10.15 7.54
N ALA C 21 -26.22 -9.32 8.59
CA ALA C 21 -25.21 -9.34 9.65
C ALA C 21 -25.30 -10.58 10.54
N GLU C 22 -26.48 -11.20 10.63
CA GLU C 22 -26.69 -12.42 11.44
C GLU C 22 -26.26 -13.73 10.76
N HIS C 23 -25.83 -13.65 9.49
CA HIS C 23 -25.17 -14.78 8.81
C HIS C 23 -23.74 -15.06 9.33
N VAL C 24 -23.29 -14.30 10.34
CA VAL C 24 -21.94 -14.41 10.96
C VAL C 24 -21.27 -15.80 10.84
N ASP C 25 -21.99 -16.87 11.17
CA ASP C 25 -21.41 -18.21 11.12
C ASP C 25 -21.79 -18.98 9.85
N GLN C 26 -20.80 -19.17 9.00
CA GLN C 26 -20.92 -19.93 7.76
C GLN C 26 -20.21 -21.30 7.84
N THR C 27 -20.10 -21.86 9.06
CA THR C 27 -19.39 -23.12 9.26
C THR C 27 -20.14 -24.30 8.62
N LEU C 28 -21.47 -24.28 8.65
CA LEU C 28 -22.29 -25.36 8.10
C LEU C 28 -21.99 -25.68 6.63
N ALA C 29 -21.90 -24.62 5.80
CA ALA C 29 -21.66 -24.77 4.37
C ALA C 29 -20.18 -24.65 3.93
N SER C 30 -19.27 -24.40 4.87
CA SER C 30 -17.86 -24.13 4.56
C SER C 30 -17.07 -25.31 3.98
N GLY C 31 -17.58 -26.53 4.16
CA GLY C 31 -16.95 -27.75 3.64
C GLY C 31 -17.61 -28.31 2.39
N ASN C 32 -18.47 -27.52 1.75
CA ASN C 32 -19.25 -27.99 0.59
C ASN C 32 -18.44 -28.08 -0.69
N ASP C 33 -17.45 -27.19 -0.88
CA ASP C 33 -16.60 -27.22 -2.06
C ASP C 33 -15.14 -26.85 -1.73
N ILE C 34 -14.48 -27.75 -1.01
CA ILE C 34 -13.06 -27.63 -0.67
C ILE C 34 -12.15 -28.61 -1.45
N CYS C 35 -12.73 -29.36 -2.39
CA CYS C 35 -11.96 -30.22 -3.28
C CYS C 35 -12.70 -30.47 -4.59
N PHE D 2 30.07 4.66 2.54
CA PHE D 2 28.62 4.65 2.90
C PHE D 2 28.39 5.12 4.33
N ASP D 3 27.29 5.85 4.53
CA ASP D 3 26.86 6.33 5.84
C ASP D 3 25.38 5.96 5.99
N THR D 4 25.09 5.06 6.93
CA THR D 4 23.72 4.56 7.19
C THR D 4 22.77 5.69 7.60
N ASN D 5 23.23 6.51 8.54
CA ASN D 5 22.41 7.59 9.09
C ASN D 5 22.18 8.71 8.05
N ALA D 6 23.13 8.89 7.12
CA ALA D 6 23.03 9.90 6.07
C ALA D 6 22.03 9.56 4.94
N THR D 7 21.62 8.29 4.84
CA THR D 7 20.63 7.87 3.83
C THR D 7 19.19 8.34 4.12
N ARG D 8 18.95 8.86 5.33
CA ARG D 8 17.63 9.37 5.74
C ARG D 8 17.63 10.87 6.07
N LEU D 9 18.64 11.60 5.59
CA LEU D 9 18.68 13.05 5.73
C LEU D 9 17.67 13.70 4.80
N PRO D 10 17.24 14.94 5.11
CA PRO D 10 16.51 15.69 4.10
C PRO D 10 17.53 16.22 3.08
N ILE D 11 17.82 15.38 2.08
CA ILE D 11 18.82 15.66 1.04
C ILE D 11 18.31 15.17 -0.31
N TRP D 12 18.79 15.77 -1.40
CA TRP D 12 18.24 15.53 -2.74
C TRP D 12 18.32 14.08 -3.24
N GLY D 13 19.49 13.46 -3.17
CA GLY D 13 19.73 12.13 -3.76
C GLY D 13 20.22 11.03 -2.82
N ASN D 17 27.38 11.97 -1.65
CA ASN D 17 26.82 13.15 -0.98
C ASN D 17 26.17 14.10 -2.00
N PRO D 18 24.99 13.72 -2.54
CA PRO D 18 24.34 14.53 -3.58
C PRO D 18 23.45 15.63 -2.95
N TRP D 19 24.07 16.75 -2.58
CA TRP D 19 23.40 17.78 -1.78
C TRP D 19 22.63 18.85 -2.59
N THR D 20 22.54 18.67 -3.92
CA THR D 20 21.81 19.60 -4.81
C THR D 20 21.10 18.85 -5.93
N ALA D 21 20.27 19.58 -6.68
CA ALA D 21 19.63 19.05 -7.89
C ALA D 21 20.61 18.79 -9.04
N GLU D 22 21.73 19.52 -9.06
CA GLU D 22 22.75 19.38 -10.13
C GLU D 22 23.72 18.22 -9.91
N HIS D 23 23.61 17.54 -8.76
CA HIS D 23 24.34 16.28 -8.54
C HIS D 23 23.79 15.08 -9.34
N VAL D 24 22.76 15.31 -10.18
CA VAL D 24 22.08 14.25 -10.98
C VAL D 24 22.91 13.03 -11.34
N ASP D 25 24.11 13.22 -11.86
CA ASP D 25 24.94 12.09 -12.30
C ASP D 25 26.05 11.77 -11.29
N GLN D 26 25.90 10.63 -10.62
CA GLN D 26 26.89 10.12 -9.67
C GLN D 26 27.63 8.89 -10.23
N THR D 27 27.85 8.85 -11.55
CA THR D 27 28.53 7.71 -12.18
C THR D 27 30.00 7.60 -11.75
N LEU D 28 30.67 8.74 -11.58
CA LEU D 28 32.10 8.77 -11.20
C LEU D 28 32.41 8.00 -9.92
N ALA D 29 31.59 8.20 -8.88
CA ALA D 29 31.80 7.56 -7.57
C ALA D 29 30.99 6.26 -7.36
N SER D 30 30.18 5.85 -8.35
CA SER D 30 29.28 4.69 -8.20
C SER D 30 29.97 3.33 -8.07
N GLY D 31 31.24 3.25 -8.47
CA GLY D 31 32.03 2.02 -8.38
C GLY D 31 33.02 2.00 -7.24
N ASN D 32 32.86 2.90 -6.27
CA ASN D 32 33.80 3.04 -5.16
C ASN D 32 33.67 1.94 -4.10
N ASP D 33 32.45 1.43 -3.88
CA ASP D 33 32.24 0.33 -2.92
C ASP D 33 31.18 -0.65 -3.41
N ILE D 34 31.53 -1.40 -4.47
CA ILE D 34 30.67 -2.45 -5.03
C ILE D 34 31.19 -3.88 -4.73
N CYS D 35 32.26 -3.99 -3.94
CA CYS D 35 32.70 -5.29 -3.42
C CYS D 35 33.47 -5.12 -2.11
C1 GOL E . 34.18 -1.78 4.05
O1 GOL E . 35.38 -2.49 4.41
C2 GOL E . 34.33 -0.29 4.33
O2 GOL E . 35.53 0.22 3.73
C3 GOL E . 34.38 0.00 5.82
O3 GOL E . 34.28 1.41 6.08
#